data_7CTF
#
_entry.id   7CTF
#
_cell.length_a   1.00
_cell.length_b   1.00
_cell.length_c   1.00
_cell.angle_alpha   90.00
_cell.angle_beta   90.00
_cell.angle_gamma   90.00
#
_symmetry.space_group_name_H-M   'P 1'
#
loop_
_entity.id
_entity.type
_entity.pdbx_description
1 polymer 'Origin recognition complex subunit 1'
2 polymer 'Origin recognition complex subunit 2'
3 polymer 'Origin recognition complex subunit 3'
4 polymer 'Origin recognition complex subunit 4'
5 polymer 'Origin recognition complex subunit 5'
6 non-polymer "ADENOSINE-5'-TRIPHOSPHATE"
#
loop_
_entity_poly.entity_id
_entity_poly.type
_entity_poly.pdbx_seq_one_letter_code
_entity_poly.pdbx_strand_id
1 'polypeptide(L)'
;MAHYPTRLKTRKTYSWVGRPLLDRKLHYQTYREMCVKTEGCSTEIHIQIGQFVLIEGDDDENPYVAKLLELFEDDSDPPP
KKRARVQWFVRFCEVPACKRHLLGRKPGAQEIFWYDYPACDSNINAETIIGLVRVIPLAPKDVVPTNLKNEKTLFVKLSW
NEKKFRPLSSELFAELNKPQESAAKCQKPVRAKSKSAESPSWTPAEHVAKRIESRHSASKSRQTPTHPLTPRARKRLELG
NLGNPQMSQQTSCASLDSPGRIKRKVAFSEITSPSKRSQPDKLQTLSPALKAPEKTRETGLSYTEDDKKASPEHRIILRT
RIAASKTIDIREERTLTPISGGQRSSVVPSVILKPENIKKRDAKEAKAQNEATSTPHRIRRKSSVLTMNRIRQQLRFLGN
SKSDQEEKEILPAAEISDSSSDEEEASTPPLPRRAPRTVSRNLRSSLKSSLHTLTKVPKKSLKPRTPRCAAPQIRSRSLA
AQEPASVLEEARLRLHVSAVPESLPCREQEFQDIYNFVESKLLDHTGGCMYISGVPGTGKTATVHEVIRCLQQAAQANDV
PPFQYIEVNGMKLTEPHQVYVQILQKLTGQKATANHAAELLAKQFCTRGSPQETTVLLVDELDLLWTHKQDIMYNLFDWP
THKEARLVVLAIANTMDLPERIMMNRVSSRLGLTRMCFQPYTYSQLQQILRSRLKHLKAFEDDAIQLVARKVAALSGDAR
RCLDICRRATEICEFSQQKPDSPGLVTIAHSMEAVDEMFSSSYITAIKNSSVLEQSFLRAILAEFRRSGLEEATFQQIYS
QHVALCRMEGLPYPTMSETMAVCSHLGSCRLLLVEPSRNDLLLRVRLNVSQDDVLYALKDE
;
A
2 'polypeptide(L)'
;MSKPELKEDKMLEVHFVGDDDVLNHILDREGGAKLKKERAQLLVNPKKIIKKPEYDLEEDDQEVLKDQNYVEIMGRDVQE
SLKNGSATGGGNKVYSFQNRKHSEKMAKLASELAKTPQKSVSFSLKNDPEITINVPQSSKGHSASDKVQPKNNDKSEFLS
TAPRSLRKRLIVPRSHSDSESEYSASNSEDDEGVAQEHEEDTNAVIFSQKIQAQNRVVSAPVGKETPSKRMKRDKTSDLV
EEYFEAHSSSKVLTSDRTLQKLKRAKLDQQTLRNLLSKVSPSFSAELKQLNQQYEKLFHKWMLQLHLGFNIVLYGLGSKR
DLLERFRTTMLQDSIHVVINGFFPGISVKSVLNSITEEVLDHMGTFRSILDQLDWIVNKFKEDSSLELFLLIHNLDSQML
RGEKSQQIIGQLSSLHNIYLIASIDHLNAPLMWDHAKQSLFNWLWYETTTYSPYTEETSYENSLLVKQSGSLPLSSLTHV
LRSLTPNARGIFRLLIKYQLDNQDNPSYIGLSFQDFYQQCREAFLVNSDLTLRAQLTEFRDHKLIRTKKGTDGVEYLLIP
VDNGTLTDFLEKEEEEA
;
B
3 'polypeptide(L)'
;MATSSMSKGCFVFKPNSKKRKISLPIEDYFNKGKNEPEDSKLRFETYQLIWQQMKSENERLQEELNKNLFDNLIEFLQKS
HSGFQKNSRDLGGQIKLREIPTAALVLGVNVTDHDLTFGSLTEALQNNVTPYVVSLQAKDCPDMKHFLQKLISQLMDCCV
DIKSKEEESVHVTQRKTHYSMDSLSSWYMTVTQKTDPKMLSKKRTTSSQWQSPPVVVILKDMESFATKVLQDFIIISSQH
LHEFPLILIFGIATSPIIIHRLLPHAVSSLLCIELFQSLSCKEHLTTVLDKLLLTTQFPFKINEKVLQVLTNIFLYHDFS
VQNFIKGLQLSLLEHFYSQPLSVLCCNLPEAKRRINFLSNNQCENIRRLPSFRRYVEKQASEKQVALLTNERYLKEETQL
LLENLHVYHMNYFLVLRCLHKFTSSLPKYPLGRQIRELYCTCLEKNIWDSEEYASVLQLLRMLAKDELMTILEKCFKVFK
SYCENHLGSTAKRIEEFLAQFQSLDETKEEEDASGSQPKGLQKTDLYHLQKSLLEMKELRRSKKQTKFEVLRENVVNFID
CLVREYLLPPETQPLHEVVYFSAAHALREHLNAAPRIALHTALNNPYYYLKNEALKSEEGCIPNIAPDICIAYKLHLECS
RLINLVDWSEAFATVVTAAEKMDANSATSEEMNEIIHARFIRAVSELELLGFIKPTKQKTDHVARLTWGGC
;
C
4 'polypeptide(L)'
;MSSRKSKSNSLIHTECLSQVQRILRERFCRQSPHSNLFGVQVQYKHLSELLKRTALHGESNSVLIIGPRGSGKTMLINHA
LKELMEIEEVSENVLQVHLNGLLQINDKIALKEITRQLNLENVVGDKVFGSFAENLSFLLEALKKGDRTSSCPVIFILDE
FDLFAHHKNQTLLYNLFDISQSAQTPIAVIGLTCRLDILELLEKRVKSRFSHRQIHLMNSFGFPQYVKIFKEQLSLPAEF
PDKVFAEKWNENVQYLSEDRSVQEVLQKHFNISKNLRSLHMLLMLALNRVTASHPFMTAVDLMEASQLCSMDSKANIVHG
LSVLEICLIIAMKHLNDIYEEEPFNFQMVYNEFQKFVQRKAHSVYNFEKPVVMKAFEHLQQLELIKPMERTSGNSQREYQ
LMKLLLDNTQIMNALQKYPNCPTDVRQWATSSLSWL
;
D
5 'polypeptide(L)'
;MPHLENVVLCRESQVSILQSLFGERHHFSFPSIFIYGHTASGKTYVTQTLLKTLELPHVFVNCVECFTLRLLLEQILNKL
NHLSSSEDGCSTEITCETFNDFVRLFKQVTTAENLKDQTVYIVLDKAEYLRDMEANLLPGFLRLQELADRNVTVLFLSEI
VWEKFRPNTGCFEPFVLYFPDYSIGNLQKILSHDHPPEYSADFYAAYINILLGVFYTVCRDLKELRHLAVLNFPKYCEPV
VKGEASERDTRKLWRNIEPHLKKAMQTVYLREISSSQWEKLQKDDTDPGQLKGLSAHTHVELPYYSKFILIAAYLASYNP
ARTDKRFFLKHHGKIKKTNFLKKHEKTSNHLLGPKPFPLDRLLAILYSIVDSRVAPTANIFSQITSLVTLQLLTLVGHDD
QLDGPKYKCTVSLDFIRAIARTVNFDIIKYLYDFL
;
E
#
loop_
_chem_comp.id
_chem_comp.type
_chem_comp.name
_chem_comp.formula
ATP non-polymer ADENOSINE-5'-TRIPHOSPHATE 'C10 H16 N5 O13 P3'
#
# COMPACT_ATOMS: atom_id res chain seq x y z
N SER A 760 6.83 -4.59 -51.53
CA SER A 760 5.62 -5.40 -51.38
C SER A 760 5.19 -5.45 -49.92
N SER A 761 3.94 -5.83 -49.68
CA SER A 761 3.43 -5.92 -48.32
C SER A 761 3.72 -7.29 -47.73
N SER A 762 4.26 -7.28 -46.50
CA SER A 762 4.72 -8.49 -45.84
C SER A 762 3.59 -9.39 -45.41
N TYR A 763 2.43 -8.80 -45.17
CA TYR A 763 1.41 -9.41 -44.34
C TYR A 763 0.68 -10.51 -45.08
N ILE A 764 0.42 -10.30 -46.37
CA ILE A 764 -0.29 -11.28 -47.19
C ILE A 764 0.59 -12.48 -47.45
N THR A 765 1.89 -12.26 -47.58
CA THR A 765 2.83 -13.36 -47.68
C THR A 765 2.97 -14.10 -46.36
N ALA A 766 2.76 -13.41 -45.24
CA ALA A 766 2.77 -14.07 -43.95
C ALA A 766 1.54 -14.95 -43.77
N ILE A 767 0.38 -14.45 -44.22
CA ILE A 767 -0.85 -15.24 -44.12
C ILE A 767 -0.81 -16.41 -45.09
N LYS A 768 -0.23 -16.19 -46.26
CA LYS A 768 -0.13 -17.23 -47.29
C LYS A 768 0.79 -18.36 -46.87
N ASN A 769 1.80 -18.06 -46.06
CA ASN A 769 2.67 -19.10 -45.51
C ASN A 769 2.39 -19.38 -44.04
N SER A 770 1.22 -19.05 -43.56
CA SER A 770 0.87 -19.43 -42.21
C SER A 770 0.37 -20.88 -42.18
N SER A 771 0.29 -21.45 -40.99
CA SER A 771 -0.15 -22.83 -40.86
C SER A 771 -1.67 -22.93 -40.93
N VAL A 772 -2.17 -24.14 -40.72
CA VAL A 772 -3.58 -24.40 -40.90
C VAL A 772 -4.39 -23.83 -39.75
N LEU A 773 -3.90 -24.01 -38.53
CA LEU A 773 -4.64 -23.56 -37.37
C LEU A 773 -4.58 -22.05 -37.24
N GLU A 774 -3.52 -21.43 -37.76
CA GLU A 774 -3.47 -19.98 -37.81
C GLU A 774 -4.47 -19.43 -38.80
N GLN A 775 -4.61 -20.09 -39.95
CA GLN A 775 -5.55 -19.64 -40.97
C GLN A 775 -6.97 -19.80 -40.51
N SER A 776 -7.27 -20.89 -39.82
CA SER A 776 -8.58 -21.06 -39.21
C SER A 776 -8.77 -20.11 -38.03
N PHE A 777 -7.69 -19.67 -37.39
CA PHE A 777 -7.82 -18.68 -36.33
C PHE A 777 -8.20 -17.33 -36.91
N LEU A 778 -7.62 -17.00 -38.05
CA LEU A 778 -7.99 -15.76 -38.73
C LEU A 778 -9.40 -15.84 -39.28
N ARG A 779 -9.81 -17.03 -39.73
CA ARG A 779 -11.18 -17.25 -40.15
C ARG A 779 -12.15 -17.12 -38.98
N ALA A 780 -11.73 -17.56 -37.79
CA ALA A 780 -12.54 -17.37 -36.59
C ALA A 780 -12.62 -15.90 -36.20
N ILE A 781 -11.52 -15.17 -36.38
CA ILE A 781 -11.48 -13.74 -36.11
C ILE A 781 -12.42 -12.98 -37.01
N LEU A 782 -12.37 -13.24 -38.32
CA LEU A 782 -13.28 -12.56 -39.23
C LEU A 782 -14.71 -13.05 -39.11
N ALA A 783 -14.93 -14.28 -38.66
CA ALA A 783 -16.29 -14.75 -38.43
C ALA A 783 -16.93 -14.05 -37.24
N GLU A 784 -16.17 -13.88 -36.16
CA GLU A 784 -16.66 -13.09 -35.04
C GLU A 784 -16.76 -11.60 -35.41
N PHE A 785 -15.91 -11.14 -36.31
CA PHE A 785 -16.04 -9.76 -36.76
C PHE A 785 -17.22 -9.58 -37.71
N ARG A 786 -17.63 -10.65 -38.39
CA ARG A 786 -18.86 -10.58 -39.16
C ARG A 786 -20.06 -10.65 -38.23
N ARG A 787 -19.95 -11.36 -37.11
CA ARG A 787 -21.08 -11.46 -36.20
C ARG A 787 -21.26 -10.17 -35.42
N SER A 788 -20.19 -9.61 -34.88
CA SER A 788 -20.32 -8.42 -34.06
C SER A 788 -20.30 -7.14 -34.88
N GLY A 789 -19.47 -7.08 -35.91
CA GLY A 789 -19.26 -5.85 -36.64
C GLY A 789 -18.13 -5.01 -36.09
N LEU A 790 -17.61 -5.32 -34.92
CA LEU A 790 -16.64 -4.45 -34.27
C LEU A 790 -15.22 -4.88 -34.61
N GLU A 791 -14.27 -4.13 -34.04
CA GLU A 791 -12.84 -4.38 -34.16
C GLU A 791 -12.26 -5.00 -32.89
N GLU A 792 -13.03 -5.03 -31.81
CA GLU A 792 -12.60 -5.66 -30.58
C GLU A 792 -13.31 -6.99 -30.41
N ALA A 793 -12.57 -7.97 -29.87
CA ALA A 793 -13.14 -9.28 -29.58
C ALA A 793 -12.32 -9.94 -28.49
N THR A 794 -13.03 -10.61 -27.57
CA THR A 794 -12.34 -11.34 -26.52
C THR A 794 -11.95 -12.71 -27.02
N PHE A 795 -11.10 -13.36 -26.24
CA PHE A 795 -10.46 -14.56 -26.72
C PHE A 795 -11.40 -15.77 -26.68
N GLN A 796 -12.36 -15.78 -25.76
CA GLN A 796 -13.23 -16.94 -25.65
C GLN A 796 -14.24 -16.99 -26.80
N GLN A 797 -14.60 -15.83 -27.34
CA GLN A 797 -15.54 -15.75 -28.45
C GLN A 797 -14.95 -16.34 -29.72
N ILE A 798 -13.75 -15.88 -30.08
CA ILE A 798 -13.05 -16.44 -31.22
C ILE A 798 -12.55 -17.83 -30.94
N TYR A 799 -12.39 -18.18 -29.66
CA TYR A 799 -12.10 -19.55 -29.31
C TYR A 799 -13.27 -20.47 -29.61
N SER A 800 -14.49 -20.00 -29.34
CA SER A 800 -15.68 -20.77 -29.67
C SER A 800 -15.85 -20.89 -31.18
N GLN A 801 -15.55 -19.80 -31.90
CA GLN A 801 -15.58 -19.82 -33.36
C GLN A 801 -14.52 -20.75 -33.93
N HIS A 802 -13.36 -20.79 -33.28
CA HIS A 802 -12.27 -21.65 -33.68
C HIS A 802 -12.60 -23.10 -33.41
N VAL A 803 -13.33 -23.37 -32.32
CA VAL A 803 -13.82 -24.70 -32.02
C VAL A 803 -14.80 -25.18 -33.08
N ALA A 804 -15.67 -24.26 -33.53
CA ALA A 804 -16.64 -24.58 -34.58
C ALA A 804 -15.96 -24.85 -35.92
N LEU A 805 -14.92 -24.10 -36.24
CA LEU A 805 -14.25 -24.31 -37.52
C LEU A 805 -13.37 -25.56 -37.52
N CYS A 806 -12.72 -25.87 -36.40
CA CYS A 806 -11.97 -27.11 -36.32
C CYS A 806 -12.88 -28.32 -36.26
N ARG A 807 -14.10 -28.13 -35.74
CA ARG A 807 -15.12 -29.15 -35.90
C ARG A 807 -15.50 -29.33 -37.36
N MET A 808 -15.61 -28.21 -38.09
CA MET A 808 -16.07 -28.27 -39.48
C MET A 808 -15.01 -28.82 -40.43
N GLU A 809 -13.75 -28.74 -40.06
CA GLU A 809 -12.70 -29.14 -40.98
C GLU A 809 -12.20 -30.55 -40.75
N GLY A 810 -12.74 -31.26 -39.77
CA GLY A 810 -12.18 -32.55 -39.42
C GLY A 810 -10.90 -32.49 -38.64
N LEU A 811 -10.55 -31.33 -38.12
CA LEU A 811 -9.37 -31.19 -37.29
C LEU A 811 -9.65 -31.75 -35.91
N PRO A 812 -8.60 -32.06 -35.14
CA PRO A 812 -8.81 -32.39 -33.71
C PRO A 812 -9.20 -31.20 -32.86
N TYR A 813 -9.36 -31.43 -31.56
CA TYR A 813 -9.90 -30.40 -30.69
C TYR A 813 -8.88 -29.30 -30.43
N PRO A 814 -9.22 -28.06 -30.69
CA PRO A 814 -8.28 -26.97 -30.44
C PRO A 814 -8.16 -26.61 -28.98
N THR A 815 -7.23 -27.24 -28.27
CA THR A 815 -6.98 -26.90 -26.88
C THR A 815 -6.36 -25.51 -26.78
N MET A 816 -6.77 -24.76 -25.76
CA MET A 816 -6.39 -23.35 -25.73
C MET A 816 -4.97 -23.10 -25.25
N SER A 817 -4.25 -24.14 -24.81
CA SER A 817 -2.80 -23.98 -24.72
C SER A 817 -2.22 -23.84 -26.12
N GLU A 818 -2.68 -24.68 -27.04
CA GLU A 818 -2.27 -24.57 -28.43
C GLU A 818 -2.82 -23.31 -29.07
N THR A 819 -4.05 -22.97 -28.73
CA THR A 819 -4.67 -21.80 -29.34
C THR A 819 -4.04 -20.52 -28.83
N MET A 820 -3.61 -20.50 -27.58
CA MET A 820 -2.96 -19.31 -27.07
C MET A 820 -1.50 -19.25 -27.49
N ALA A 821 -0.87 -20.40 -27.73
CA ALA A 821 0.44 -20.42 -28.35
C ALA A 821 0.38 -19.88 -29.76
N VAL A 822 -0.69 -20.22 -30.49
CA VAL A 822 -0.86 -19.70 -31.82
C VAL A 822 -1.31 -18.24 -31.79
N CYS A 823 -1.93 -17.81 -30.70
CA CYS A 823 -2.27 -16.42 -30.52
C CYS A 823 -1.02 -15.58 -30.35
N SER A 824 -0.09 -16.07 -29.55
CA SER A 824 1.18 -15.39 -29.42
C SER A 824 2.03 -15.50 -30.67
N HIS A 825 1.83 -16.55 -31.46
CA HIS A 825 2.46 -16.65 -32.77
C HIS A 825 2.00 -15.53 -33.69
N LEU A 826 0.68 -15.34 -33.79
CA LEU A 826 0.20 -14.30 -34.68
C LEU A 826 0.35 -12.91 -34.07
N GLY A 827 0.47 -12.81 -32.76
CA GLY A 827 0.62 -11.51 -32.13
C GLY A 827 2.06 -11.05 -32.19
N SER A 828 2.97 -12.02 -32.24
CA SER A 828 4.37 -11.69 -32.41
C SER A 828 4.63 -11.13 -33.80
N CYS A 829 3.92 -11.64 -34.80
CA CYS A 829 4.16 -11.26 -36.17
C CYS A 829 3.32 -10.09 -36.63
N ARG A 830 2.50 -9.52 -35.74
CA ARG A 830 1.73 -8.28 -35.95
C ARG A 830 0.76 -8.35 -37.11
N LEU A 831 0.23 -9.52 -37.33
CA LEU A 831 -0.95 -9.62 -38.15
C LEU A 831 -2.17 -9.17 -37.37
N LEU A 832 -2.08 -9.23 -36.05
CA LEU A 832 -3.11 -8.75 -35.16
C LEU A 832 -2.43 -8.09 -33.97
N LEU A 833 -3.23 -7.39 -33.17
CA LEU A 833 -2.74 -6.62 -32.04
C LEU A 833 -3.34 -7.18 -30.76
N VAL A 834 -2.48 -7.48 -29.80
CA VAL A 834 -2.80 -8.43 -28.74
C VAL A 834 -2.69 -7.76 -27.38
N GLU A 835 -3.64 -8.11 -26.50
CA GLU A 835 -3.60 -7.83 -25.07
C GLU A 835 -2.59 -8.77 -24.39
N PRO A 836 -2.19 -8.57 -23.13
CA PRO A 836 -1.24 -9.51 -22.52
C PRO A 836 -1.83 -10.89 -22.25
N SER A 837 -0.95 -11.88 -22.26
CA SER A 837 -1.30 -13.27 -22.03
C SER A 837 -1.65 -13.57 -20.58
N ARG A 838 -1.36 -12.62 -19.67
CA ARG A 838 -1.84 -12.73 -18.30
C ARG A 838 -3.36 -12.69 -18.24
N ASN A 839 -3.99 -11.94 -19.17
CA ASN A 839 -5.45 -11.85 -19.19
C ASN A 839 -6.10 -13.13 -19.71
N ASP A 840 -5.43 -13.84 -20.62
CA ASP A 840 -5.52 -15.29 -20.84
C ASP A 840 -6.84 -15.83 -21.43
N LEU A 841 -7.95 -15.15 -21.22
CA LEU A 841 -9.19 -15.50 -21.88
C LEU A 841 -9.85 -14.18 -22.20
N LEU A 842 -9.36 -13.16 -21.51
CA LEU A 842 -9.91 -11.83 -21.57
C LEU A 842 -9.09 -10.95 -22.48
N LEU A 843 -8.33 -11.54 -23.38
CA LEU A 843 -7.53 -10.76 -24.31
C LEU A 843 -8.43 -10.12 -25.34
N ARG A 844 -8.45 -8.80 -25.37
CA ARG A 844 -9.08 -8.07 -26.46
C ARG A 844 -8.08 -7.96 -27.60
N VAL A 845 -8.44 -8.51 -28.74
CA VAL A 845 -7.57 -8.53 -29.90
C VAL A 845 -8.16 -7.59 -30.94
N ARG A 846 -7.29 -6.83 -31.60
CA ARG A 846 -7.67 -6.12 -32.80
C ARG A 846 -6.80 -6.62 -33.94
N LEU A 847 -7.35 -6.47 -35.13
CA LEU A 847 -6.72 -6.97 -36.35
C LEU A 847 -5.87 -5.86 -36.95
N ASN A 848 -4.58 -6.14 -37.11
CA ASN A 848 -3.68 -5.11 -37.60
C ASN A 848 -3.84 -4.86 -39.09
N VAL A 849 -4.33 -5.84 -39.83
CA VAL A 849 -4.49 -5.77 -41.28
C VAL A 849 -5.97 -5.49 -41.55
N SER A 850 -6.26 -4.91 -42.71
CA SER A 850 -7.65 -4.78 -43.11
C SER A 850 -8.22 -6.14 -43.50
N GLN A 851 -9.55 -6.20 -43.45
CA GLN A 851 -10.26 -7.48 -43.53
C GLN A 851 -10.31 -8.01 -44.95
N ASP A 852 -10.38 -7.12 -45.93
CA ASP A 852 -10.40 -7.55 -47.33
C ASP A 852 -9.06 -8.09 -47.75
N ASP A 853 -7.99 -7.63 -47.11
CA ASP A 853 -6.66 -8.15 -47.35
C ASP A 853 -6.55 -9.61 -46.93
N VAL A 854 -7.05 -9.93 -45.74
CA VAL A 854 -6.97 -11.31 -45.28
C VAL A 854 -8.01 -12.18 -45.97
N LEU A 855 -9.09 -11.57 -46.47
CA LEU A 855 -10.05 -12.30 -47.27
C LEU A 855 -9.45 -12.66 -48.62
N TYR A 856 -8.69 -11.75 -49.21
CA TYR A 856 -7.95 -12.04 -50.42
C TYR A 856 -6.84 -13.05 -50.17
N ALA A 857 -6.24 -13.00 -48.98
CA ALA A 857 -5.14 -13.88 -48.65
C ALA A 857 -5.59 -15.31 -48.39
N LEU A 858 -6.80 -15.51 -47.88
CA LEU A 858 -7.33 -16.87 -47.76
C LEU A 858 -8.26 -17.24 -48.90
N LYS A 859 -8.52 -16.31 -49.81
CA LYS A 859 -9.42 -16.52 -50.93
C LYS A 859 -8.69 -16.92 -52.21
N ASP A 860 -7.41 -16.57 -52.32
CA ASP A 860 -6.65 -16.69 -53.57
C ASP A 860 -6.40 -18.14 -54.00
N GLU A 861 -6.52 -19.10 -53.10
CA GLU A 861 -6.37 -20.50 -53.46
C GLU A 861 -7.54 -21.33 -52.93
N GLN B 269 -8.55 40.08 -16.70
CA GLN B 269 -8.09 40.02 -15.32
C GLN B 269 -7.58 41.36 -14.88
N GLN B 270 -6.64 41.90 -15.66
CA GLN B 270 -5.98 43.15 -15.33
C GLN B 270 -6.92 44.34 -15.42
N THR B 271 -7.66 44.45 -16.53
CA THR B 271 -8.66 45.49 -16.68
C THR B 271 -9.87 45.26 -15.80
N LEU B 272 -10.09 44.02 -15.35
CA LEU B 272 -11.05 43.77 -14.30
C LEU B 272 -10.53 44.28 -12.97
N ARG B 273 -9.23 44.18 -12.73
CA ARG B 273 -8.67 44.57 -11.44
C ARG B 273 -8.29 46.03 -11.36
N ASN B 274 -8.41 46.77 -12.45
CA ASN B 274 -8.27 48.22 -12.39
C ASN B 274 -9.43 48.82 -11.62
N LEU B 275 -10.62 48.24 -11.77
CA LEU B 275 -11.80 48.71 -11.07
C LEU B 275 -11.84 48.27 -9.62
N LEU B 276 -10.92 47.41 -9.20
CA LEU B 276 -10.83 47.01 -7.81
C LEU B 276 -10.34 48.17 -6.97
N SER B 277 -10.98 48.33 -5.80
CA SER B 277 -10.76 49.39 -4.82
C SER B 277 -10.92 50.78 -5.43
N LYS B 278 -12.06 50.98 -6.10
CA LYS B 278 -12.31 52.30 -6.66
C LYS B 278 -12.76 53.27 -5.56
N VAL B 279 -13.96 53.03 -5.01
CA VAL B 279 -14.54 53.85 -3.94
C VAL B 279 -15.18 52.88 -2.94
N SER B 280 -15.10 53.23 -1.65
CA SER B 280 -16.04 52.85 -0.59
C SER B 280 -16.18 51.37 -0.23
N PRO B 281 -15.25 50.80 0.53
CA PRO B 281 -15.65 49.72 1.44
C PRO B 281 -16.62 50.29 2.47
N SER B 282 -17.72 49.59 2.70
CA SER B 282 -18.87 50.19 3.39
C SER B 282 -18.75 50.20 4.91
N PHE B 283 -17.62 49.77 5.47
CA PHE B 283 -17.27 50.09 6.84
C PHE B 283 -15.76 50.12 6.94
N SER B 284 -15.24 51.03 7.74
CA SER B 284 -13.82 51.05 8.01
C SER B 284 -13.47 51.03 9.49
N ALA B 285 -14.27 51.72 10.32
CA ALA B 285 -13.88 51.97 11.70
C ALA B 285 -13.98 50.71 12.54
N GLU B 286 -15.06 49.96 12.39
CA GLU B 286 -15.20 48.70 13.07
C GLU B 286 -14.28 47.65 12.49
N LEU B 287 -13.86 47.78 11.24
CA LEU B 287 -12.88 46.86 10.69
C LEU B 287 -11.50 47.07 11.30
N LYS B 288 -11.09 48.33 11.43
CA LYS B 288 -9.84 48.65 12.12
C LYS B 288 -9.93 48.28 13.59
N GLN B 289 -11.10 48.42 14.19
CA GLN B 289 -11.26 48.09 15.59
C GLN B 289 -11.25 46.58 15.83
N LEU B 290 -11.89 45.82 14.93
CA LEU B 290 -11.93 44.38 15.05
C LEU B 290 -10.58 43.78 14.79
N ASN B 291 -9.79 44.38 13.90
CA ASN B 291 -8.41 43.97 13.80
C ASN B 291 -7.60 44.45 15.00
N GLN B 292 -7.98 45.58 15.56
CA GLN B 292 -7.31 46.16 16.70
C GLN B 292 -7.66 45.45 18.00
N GLN B 293 -8.64 44.57 17.99
CA GLN B 293 -8.85 43.71 19.14
C GLN B 293 -7.76 42.66 19.24
N TYR B 294 -7.23 42.23 18.11
CA TYR B 294 -6.36 41.07 18.10
C TYR B 294 -4.90 41.40 18.33
N GLU B 295 -4.55 42.68 18.36
CA GLU B 295 -3.16 43.02 18.61
C GLU B 295 -2.75 42.82 20.05
N LYS B 296 -3.71 42.78 20.97
CA LYS B 296 -3.40 42.45 22.36
C LYS B 296 -3.08 40.98 22.55
N LEU B 297 -3.40 40.13 21.57
CA LEU B 297 -3.34 38.69 21.66
C LEU B 297 -2.00 38.11 21.26
N PHE B 298 -0.96 38.94 21.22
CA PHE B 298 0.25 38.48 20.55
C PHE B 298 1.30 37.95 21.50
N HIS B 299 1.42 38.55 22.68
CA HIS B 299 2.42 38.07 23.63
C HIS B 299 2.03 36.73 24.22
N LYS B 300 0.72 36.48 24.30
CA LYS B 300 0.19 35.16 24.62
C LYS B 300 0.63 34.13 23.60
N TRP B 301 0.63 34.51 22.32
CA TRP B 301 1.07 33.62 21.26
C TRP B 301 2.54 33.32 21.35
N MET B 302 3.33 34.34 21.70
CA MET B 302 4.78 34.15 21.82
C MET B 302 5.12 33.22 22.97
N LEU B 303 4.47 33.41 24.12
CA LEU B 303 4.70 32.54 25.28
C LEU B 303 4.19 31.12 25.01
N GLN B 304 3.00 31.02 24.41
CA GLN B 304 2.36 29.76 24.10
C GLN B 304 3.16 28.96 23.09
N LEU B 305 3.81 29.65 22.19
CA LEU B 305 4.64 29.01 21.21
C LEU B 305 6.00 28.66 21.74
N HIS B 306 6.45 29.34 22.78
CA HIS B 306 7.70 28.95 23.39
C HIS B 306 7.61 27.65 24.13
N LEU B 307 6.40 27.26 24.57
CA LEU B 307 6.26 26.04 25.34
C LEU B 307 6.01 24.81 24.49
N GLY B 308 5.97 24.94 23.19
CA GLY B 308 5.92 23.74 22.37
C GLY B 308 4.56 23.49 21.79
N PHE B 309 3.67 24.47 21.88
CA PHE B 309 2.39 24.34 21.23
C PHE B 309 2.46 24.77 19.78
N ASN B 310 1.37 24.59 19.06
CA ASN B 310 1.27 25.05 17.69
C ASN B 310 -0.07 25.72 17.49
N ILE B 311 -0.04 26.90 16.91
CA ILE B 311 -1.25 27.70 16.74
C ILE B 311 -1.72 27.57 15.30
N VAL B 312 -2.87 27.01 15.13
CA VAL B 312 -3.66 27.28 13.95
C VAL B 312 -4.62 28.39 14.36
N LEU B 313 -4.94 29.26 13.41
CA LEU B 313 -6.01 30.22 13.61
C LEU B 313 -6.78 30.29 12.31
N TYR B 314 -8.09 30.17 12.40
CA TYR B 314 -8.88 30.25 11.20
C TYR B 314 -9.58 31.59 11.17
N GLY B 315 -10.26 31.86 10.06
CA GLY B 315 -10.89 33.13 9.92
C GLY B 315 -11.80 33.19 8.72
N LEU B 316 -12.53 34.29 8.64
CA LEU B 316 -13.34 34.59 7.48
C LEU B 316 -12.72 35.65 6.59
N GLY B 317 -11.93 36.56 7.14
CA GLY B 317 -11.20 37.53 6.36
C GLY B 317 -9.70 37.32 6.40
N SER B 318 -9.00 38.23 5.73
CA SER B 318 -7.57 38.04 5.51
C SER B 318 -6.79 38.33 6.79
N LYS B 319 -6.05 37.33 7.26
CA LYS B 319 -5.33 37.43 8.51
C LYS B 319 -3.83 37.33 8.32
N ARG B 320 -3.37 37.19 7.08
CA ARG B 320 -1.94 37.07 6.85
C ARG B 320 -1.22 38.39 7.02
N ASP B 321 -1.95 39.49 6.84
CA ASP B 321 -1.40 40.79 7.17
C ASP B 321 -1.22 40.96 8.65
N LEU B 322 -2.11 40.35 9.43
CA LEU B 322 -1.94 40.32 10.88
C LEU B 322 -0.71 39.50 11.25
N LEU B 323 -0.47 38.41 10.52
CA LEU B 323 0.72 37.60 10.73
C LEU B 323 1.98 38.36 10.35
N GLU B 324 1.88 39.20 9.33
CA GLU B 324 3.02 39.98 8.89
C GLU B 324 3.33 41.09 9.88
N ARG B 325 2.29 41.71 10.44
CA ARG B 325 2.49 42.70 11.48
C ARG B 325 3.02 42.05 12.75
N PHE B 326 2.60 40.81 13.00
CA PHE B 326 3.07 40.03 14.13
C PHE B 326 4.55 39.72 14.03
N ARG B 327 4.98 39.29 12.85
CA ARG B 327 6.39 38.98 12.71
C ARG B 327 7.22 40.25 12.54
N THR B 328 6.58 41.35 12.19
CA THR B 328 7.26 42.63 12.25
C THR B 328 7.49 43.05 13.69
N THR B 329 6.50 42.87 14.55
CA THR B 329 6.66 43.37 15.91
C THR B 329 7.43 42.42 16.80
N MET B 330 7.49 41.12 16.48
CA MET B 330 8.13 40.21 17.41
C MET B 330 9.06 39.20 16.78
N LEU B 331 9.32 39.28 15.49
CA LEU B 331 10.25 38.35 14.87
C LEU B 331 11.36 39.09 14.14
N GLN B 332 11.86 40.16 14.74
CA GLN B 332 13.06 40.80 14.24
C GLN B 332 14.33 40.08 14.65
N ASP B 333 14.23 39.11 15.57
CA ASP B 333 15.38 38.43 16.15
C ASP B 333 15.52 36.99 15.71
N SER B 334 14.49 36.41 15.13
CA SER B 334 14.51 34.99 14.84
C SER B 334 14.38 34.74 13.35
N ILE B 335 14.64 33.51 12.97
CA ILE B 335 14.51 33.10 11.59
C ILE B 335 13.05 32.76 11.34
N HIS B 336 12.57 33.08 10.15
CA HIS B 336 11.21 32.71 9.79
C HIS B 336 11.12 32.46 8.30
N VAL B 337 10.64 31.28 7.97
CA VAL B 337 10.47 30.87 6.58
C VAL B 337 9.01 31.12 6.26
N VAL B 338 8.76 32.27 5.65
CA VAL B 338 7.39 32.69 5.39
C VAL B 338 6.89 31.93 4.17
N ILE B 339 6.21 30.82 4.41
CA ILE B 339 5.80 29.94 3.32
C ILE B 339 4.39 30.35 2.93
N ASN B 340 4.27 30.99 1.78
CA ASN B 340 2.99 31.17 1.15
C ASN B 340 2.53 29.84 0.56
N GLY B 341 1.22 29.67 0.49
CA GLY B 341 0.69 28.43 -0.04
C GLY B 341 -0.41 28.71 -1.03
N PHE B 342 -0.67 29.99 -1.26
CA PHE B 342 -1.74 30.31 -2.17
C PHE B 342 -1.31 30.27 -3.63
N PHE B 343 -0.09 30.65 -3.93
CA PHE B 343 0.26 30.65 -5.35
C PHE B 343 0.75 29.25 -5.76
N PRO B 344 0.54 28.82 -7.01
CA PRO B 344 0.77 27.41 -7.34
C PRO B 344 2.21 26.98 -7.54
N GLY B 345 3.21 27.70 -7.04
CA GLY B 345 4.56 27.19 -7.15
C GLY B 345 4.92 26.21 -6.07
N ILE B 346 4.40 26.39 -4.87
CA ILE B 346 4.97 25.73 -3.70
C ILE B 346 4.41 24.33 -3.54
N SER B 347 5.30 23.35 -3.52
CA SER B 347 5.11 22.13 -2.76
C SER B 347 6.26 22.00 -1.79
N VAL B 348 6.20 20.95 -0.97
CA VAL B 348 7.05 20.81 0.21
C VAL B 348 8.50 20.55 -0.12
N LYS B 349 8.80 20.18 -1.36
CA LYS B 349 10.17 20.10 -1.84
C LYS B 349 10.85 21.46 -1.76
N SER B 350 10.13 22.52 -2.10
CA SER B 350 10.66 23.88 -2.01
C SER B 350 10.85 24.30 -0.56
N VAL B 351 9.97 23.81 0.32
CA VAL B 351 10.07 24.06 1.76
C VAL B 351 11.36 23.49 2.31
N LEU B 352 11.62 22.23 1.96
CA LEU B 352 12.81 21.55 2.47
C LEU B 352 14.07 22.10 1.85
N ASN B 353 13.99 22.48 0.58
CA ASN B 353 15.15 23.02 -0.13
C ASN B 353 15.55 24.37 0.43
N SER B 354 14.56 25.24 0.65
CA SER B 354 14.81 26.57 1.17
C SER B 354 15.21 26.52 2.63
N ILE B 355 14.67 25.57 3.40
CA ILE B 355 15.07 25.47 4.79
C ILE B 355 16.44 24.81 4.90
N THR B 356 16.88 24.11 3.85
CA THR B 356 18.20 23.52 3.91
C THR B 356 19.26 24.57 3.62
N GLU B 357 19.09 25.30 2.52
CA GLU B 357 20.13 26.28 2.20
C GLU B 357 20.01 27.53 3.03
N GLU B 358 18.84 28.15 3.03
CA GLU B 358 18.75 29.49 3.55
C GLU B 358 18.62 29.56 5.05
N VAL B 359 18.53 28.43 5.75
CA VAL B 359 18.55 28.40 7.20
C VAL B 359 19.81 27.76 7.71
N LEU B 360 20.08 26.53 7.27
CA LEU B 360 21.20 25.77 7.81
C LEU B 360 22.54 26.18 7.22
N ASP B 361 22.53 27.09 6.24
CA ASP B 361 23.70 27.78 5.66
C ASP B 361 24.65 26.84 4.95
N HIS B 362 24.15 25.67 4.53
CA HIS B 362 24.84 24.77 3.62
C HIS B 362 23.80 23.84 3.01
N MET B 363 24.12 23.35 1.82
CA MET B 363 23.22 22.43 1.14
C MET B 363 23.30 21.05 1.76
N GLY B 364 22.26 20.25 1.52
CA GLY B 364 22.12 18.94 2.08
C GLY B 364 22.15 17.86 1.03
N THR B 365 21.46 16.75 1.33
CA THR B 365 21.43 15.65 0.39
C THR B 365 20.40 15.89 -0.71
N PHE B 366 20.42 15.02 -1.69
CA PHE B 366 19.61 15.20 -2.88
C PHE B 366 18.91 13.94 -3.34
N ARG B 367 19.03 12.82 -2.62
CA ARG B 367 18.56 11.54 -3.15
C ARG B 367 17.04 11.43 -3.08
N SER B 368 16.46 11.73 -1.92
CA SER B 368 15.02 11.59 -1.79
C SER B 368 14.50 12.62 -0.79
N ILE B 369 13.18 12.67 -0.69
CA ILE B 369 12.53 13.61 0.21
C ILE B 369 12.68 13.14 1.64
N LEU B 370 12.64 11.84 1.84
CA LEU B 370 12.74 11.30 3.20
C LEU B 370 14.17 11.38 3.70
N ASP B 371 15.13 11.33 2.79
CA ASP B 371 16.54 11.47 3.16
C ASP B 371 16.84 12.87 3.67
N GLN B 372 16.39 13.89 2.94
CA GLN B 372 16.57 15.25 3.41
C GLN B 372 15.68 15.56 4.59
N LEU B 373 14.55 14.86 4.72
CA LEU B 373 13.69 14.99 5.88
C LEU B 373 14.38 14.48 7.13
N ASP B 374 14.92 13.28 7.07
CA ASP B 374 15.63 12.67 8.19
C ASP B 374 16.91 13.43 8.51
N TRP B 375 17.55 13.95 7.48
CA TRP B 375 18.78 14.71 7.66
C TRP B 375 18.52 16.05 8.33
N ILE B 376 17.46 16.73 7.91
CA ILE B 376 17.14 18.02 8.52
C ILE B 376 16.53 17.83 9.90
N VAL B 377 15.98 16.64 10.17
CA VAL B 377 15.64 16.29 11.54
C VAL B 377 16.92 16.15 12.35
N ASN B 378 17.91 15.49 11.77
CA ASN B 378 19.13 15.13 12.47
C ASN B 378 19.99 16.32 12.80
N LYS B 379 19.89 17.39 12.03
CA LYS B 379 20.69 18.57 12.31
C LYS B 379 20.25 19.30 13.57
N PHE B 380 19.00 19.15 13.98
CA PHE B 380 18.52 19.94 15.10
C PHE B 380 18.63 19.25 16.44
N LYS B 381 18.82 17.93 16.46
CA LYS B 381 18.91 17.23 17.72
C LYS B 381 20.22 17.52 18.43
N GLU B 382 21.25 17.89 17.69
CA GLU B 382 22.55 18.13 18.28
C GLU B 382 22.84 19.61 18.48
N ASP B 383 22.24 20.48 17.69
CA ASP B 383 22.52 21.91 17.74
C ASP B 383 21.43 22.58 18.58
N SER B 384 21.75 22.79 19.86
CA SER B 384 20.78 23.38 20.78
C SER B 384 20.64 24.87 20.52
N SER B 385 19.43 25.36 20.79
CA SER B 385 19.06 26.78 20.78
C SER B 385 19.27 27.43 19.42
N LEU B 386 19.02 26.66 18.36
CA LEU B 386 19.14 27.26 17.05
C LEU B 386 17.94 28.13 16.73
N GLU B 387 16.77 27.76 17.26
CA GLU B 387 15.58 28.63 17.43
C GLU B 387 15.04 29.14 16.09
N LEU B 388 14.62 28.19 15.27
CA LEU B 388 14.06 28.51 13.97
C LEU B 388 12.57 28.22 14.01
N PHE B 389 11.76 29.16 13.55
CA PHE B 389 10.36 28.84 13.38
C PHE B 389 9.77 29.54 12.18
N LEU B 390 9.28 28.74 11.27
CA LEU B 390 8.55 29.21 10.11
C LEU B 390 7.13 29.55 10.52
N LEU B 391 6.40 30.06 9.53
CA LEU B 391 4.98 30.26 9.65
C LEU B 391 4.40 30.16 8.26
N ILE B 392 3.19 29.64 8.17
CA ILE B 392 2.61 29.27 6.89
C ILE B 392 1.31 30.02 6.72
N HIS B 393 1.24 30.83 5.67
CA HIS B 393 -0.05 31.29 5.19
C HIS B 393 -0.66 30.17 4.38
N ASN B 394 -1.93 29.90 4.66
CA ASN B 394 -2.81 29.02 3.87
C ASN B 394 -2.25 27.61 3.79
N LEU B 395 -2.20 26.98 4.97
CA LEU B 395 -1.77 25.59 5.09
C LEU B 395 -2.66 24.65 4.30
N ASP B 396 -3.94 24.95 4.22
CA ASP B 396 -4.84 24.19 3.38
C ASP B 396 -5.02 24.92 2.07
N SER B 397 -4.66 24.23 0.98
CA SER B 397 -4.78 24.74 -0.36
C SER B 397 -5.01 23.54 -1.27
N GLN B 398 -5.00 23.77 -2.57
CA GLN B 398 -5.01 22.66 -3.49
C GLN B 398 -3.65 22.00 -3.59
N MET B 399 -2.59 22.72 -3.27
CA MET B 399 -1.25 22.21 -3.46
C MET B 399 -0.59 21.74 -2.19
N LEU B 400 -0.90 22.37 -1.07
CA LEU B 400 -0.04 22.19 0.09
C LEU B 400 -0.34 20.90 0.82
N ARG B 401 -1.57 20.42 0.74
CA ARG B 401 -1.96 19.24 1.48
C ARG B 401 -1.52 17.98 0.75
N GLY B 402 -1.75 16.85 1.38
CA GLY B 402 -1.36 15.56 0.84
C GLY B 402 -0.72 14.75 1.95
N GLU B 403 -0.98 13.44 1.92
CA GLU B 403 -0.52 12.56 2.98
C GLU B 403 0.99 12.38 2.93
N LYS B 404 1.57 12.38 1.72
CA LYS B 404 3.00 12.57 1.61
C LYS B 404 3.38 13.97 2.06
N SER B 405 2.57 14.96 1.69
CA SER B 405 2.95 16.35 1.83
C SER B 405 2.83 16.85 3.26
N GLN B 406 1.68 16.62 3.90
CA GLN B 406 1.42 17.20 5.20
C GLN B 406 2.22 16.54 6.30
N GLN B 407 2.55 15.27 6.13
CA GLN B 407 3.26 14.54 7.17
C GLN B 407 4.70 14.98 7.26
N ILE B 408 5.25 15.49 6.16
CA ILE B 408 6.60 16.03 6.19
C ILE B 408 6.63 17.31 7.00
N ILE B 409 5.59 18.13 6.85
CA ILE B 409 5.41 19.33 7.66
C ILE B 409 5.22 18.97 9.12
N GLY B 410 4.50 17.88 9.37
CA GLY B 410 4.24 17.44 10.73
C GLY B 410 5.44 16.90 11.46
N GLN B 411 6.10 15.96 10.79
CA GLN B 411 7.32 15.33 11.29
C GLN B 411 8.43 16.35 11.45
N LEU B 412 8.47 17.34 10.55
CA LEU B 412 9.37 18.47 10.71
C LEU B 412 9.01 19.30 11.94
N SER B 413 7.74 19.55 12.14
CA SER B 413 7.29 20.48 13.15
C SER B 413 7.05 19.83 14.49
N SER B 414 7.30 18.54 14.61
CA SER B 414 7.07 17.89 15.89
C SER B 414 8.18 18.17 16.89
N LEU B 415 9.30 18.75 16.45
CA LEU B 415 10.44 18.92 17.31
C LEU B 415 10.23 20.07 18.29
N HIS B 416 11.13 20.11 19.26
CA HIS B 416 11.15 21.18 20.23
C HIS B 416 11.60 22.50 19.62
N ASN B 417 12.37 22.47 18.53
CA ASN B 417 13.03 23.68 18.07
C ASN B 417 12.38 24.29 16.84
N ILE B 418 11.11 23.97 16.56
CA ILE B 418 10.40 24.43 15.37
C ILE B 418 8.96 24.74 15.79
N TYR B 419 8.49 25.94 15.48
CA TYR B 419 7.14 26.36 15.88
C TYR B 419 6.37 26.92 14.68
N LEU B 420 5.52 26.12 14.07
CA LEU B 420 4.75 26.63 12.96
C LEU B 420 3.54 27.41 13.46
N ILE B 421 3.10 28.36 12.65
CA ILE B 421 1.82 29.03 12.78
C ILE B 421 1.11 28.93 11.45
N ALA B 422 -0.14 28.48 11.46
CA ALA B 422 -0.84 28.30 10.21
C ALA B 422 -2.07 29.19 10.09
N SER B 423 -2.72 29.09 8.95
CA SER B 423 -4.06 29.62 8.76
C SER B 423 -4.78 28.66 7.83
N ILE B 424 -5.91 28.15 8.26
CA ILE B 424 -6.73 27.31 7.41
C ILE B 424 -7.92 28.14 6.97
N ASP B 425 -8.48 27.80 5.83
CA ASP B 425 -9.50 28.61 5.22
C ASP B 425 -10.74 27.82 4.88
N HIS B 426 -10.61 26.52 4.69
CA HIS B 426 -11.67 25.76 4.06
C HIS B 426 -12.74 25.37 5.06
N LEU B 427 -13.88 24.94 4.52
CA LEU B 427 -14.94 24.40 5.35
C LEU B 427 -14.59 23.01 5.84
N ASN B 428 -13.98 22.20 4.97
CA ASN B 428 -13.53 20.87 5.34
C ASN B 428 -12.05 20.84 5.67
N ALA B 429 -11.54 21.93 6.21
CA ALA B 429 -10.13 22.06 6.55
C ALA B 429 -9.59 21.08 7.61
N PRO B 430 -10.29 20.73 8.74
CA PRO B 430 -9.76 19.67 9.61
C PRO B 430 -10.20 18.27 9.22
N LEU B 431 -10.14 17.95 7.94
CA LEU B 431 -10.41 16.60 7.51
C LEU B 431 -9.14 15.87 7.14
N MET B 432 -8.03 16.59 7.04
CA MET B 432 -6.76 16.04 6.63
C MET B 432 -5.87 15.77 7.83
N TRP B 433 -6.46 15.41 8.96
CA TRP B 433 -5.72 15.11 10.17
C TRP B 433 -6.41 13.95 10.87
N ASP B 434 -5.76 12.78 10.87
CA ASP B 434 -6.09 11.78 11.88
C ASP B 434 -5.32 12.11 13.14
N HIS B 435 -5.62 11.35 14.21
CA HIS B 435 -5.15 11.65 15.57
C HIS B 435 -3.64 11.54 15.68
N ALA B 436 -3.06 10.53 15.05
CA ALA B 436 -1.61 10.38 15.03
C ALA B 436 -0.97 11.49 14.23
N LYS B 437 -1.60 11.86 13.12
CA LYS B 437 -1.19 13.05 12.39
C LYS B 437 -1.48 14.31 13.19
N GLN B 438 -2.52 14.27 14.03
CA GLN B 438 -2.79 15.43 14.86
C GLN B 438 -1.82 15.51 16.02
N SER B 439 -1.32 14.39 16.50
CA SER B 439 -0.47 14.45 17.68
C SER B 439 0.96 14.84 17.37
N LEU B 440 1.31 15.02 16.10
CA LEU B 440 2.66 15.45 15.77
C LEU B 440 2.87 16.90 16.14
N PHE B 441 1.89 17.75 15.81
CA PHE B 441 1.91 19.15 16.24
C PHE B 441 0.81 19.38 17.25
N ASN B 442 1.18 19.87 18.43
CA ASN B 442 0.21 20.14 19.49
C ASN B 442 -0.60 21.35 19.08
N TRP B 443 -1.75 21.09 18.47
CA TRP B 443 -2.61 22.16 18.03
C TRP B 443 -3.42 22.75 19.16
N LEU B 444 -3.53 24.07 19.15
CA LEU B 444 -4.65 24.74 19.77
C LEU B 444 -5.12 25.80 18.80
N TRP B 445 -6.40 26.12 18.87
CA TRP B 445 -7.14 26.66 17.75
C TRP B 445 -7.60 28.05 18.09
N TYR B 446 -7.17 29.03 17.33
CA TYR B 446 -7.68 30.35 17.62
C TYR B 446 -8.78 30.75 16.66
N GLU B 447 -9.57 31.70 17.11
CA GLU B 447 -10.68 32.23 16.35
C GLU B 447 -10.38 33.66 15.96
N THR B 448 -10.48 33.94 14.66
CA THR B 448 -10.20 35.26 14.17
C THR B 448 -11.25 35.57 13.13
N THR B 449 -11.48 36.86 12.90
CA THR B 449 -12.30 37.35 11.80
C THR B 449 -11.81 38.74 11.46
N THR B 450 -11.63 39.01 10.18
CA THR B 450 -11.05 40.29 9.78
C THR B 450 -11.93 40.96 8.74
N TYR B 451 -12.61 40.14 7.95
CA TYR B 451 -13.43 40.42 6.76
C TYR B 451 -12.65 41.00 5.60
N SER B 452 -11.33 41.01 5.64
CA SER B 452 -10.57 41.57 4.54
C SER B 452 -10.55 40.57 3.39
N PRO B 453 -10.70 41.04 2.15
CA PRO B 453 -10.73 40.11 1.02
C PRO B 453 -9.35 39.57 0.74
N TYR B 454 -9.31 38.29 0.41
CA TYR B 454 -8.06 37.57 0.28
C TYR B 454 -7.46 37.91 -1.08
N THR B 455 -6.75 39.04 -1.12
CA THR B 455 -6.31 39.59 -2.39
C THR B 455 -5.16 38.81 -3.02
N GLU B 456 -4.39 38.07 -2.23
CA GLU B 456 -3.27 37.34 -2.82
C GLU B 456 -3.74 36.06 -3.49
N GLU B 457 -4.67 35.35 -2.85
CA GLU B 457 -5.30 34.17 -3.42
C GLU B 457 -6.04 34.53 -4.70
N THR B 458 -6.91 35.53 -4.62
CA THR B 458 -7.73 35.92 -5.74
C THR B 458 -6.92 36.59 -6.84
N SER B 459 -5.78 37.17 -6.47
CA SER B 459 -4.86 37.68 -7.48
C SER B 459 -4.20 36.54 -8.24
N TYR B 460 -3.54 35.65 -7.52
CA TYR B 460 -2.58 34.77 -8.16
C TYR B 460 -3.13 33.39 -8.46
N GLU B 461 -4.42 33.15 -8.24
CA GLU B 461 -4.97 31.88 -8.73
C GLU B 461 -5.33 32.00 -10.21
N ASN B 462 -6.36 32.79 -10.51
CA ASN B 462 -7.09 32.68 -11.76
C ASN B 462 -8.15 33.77 -11.80
N SER B 463 -8.77 33.91 -12.97
CA SER B 463 -10.04 34.61 -13.14
C SER B 463 -10.75 33.99 -14.32
N LEU B 464 -12.03 33.69 -14.15
CA LEU B 464 -12.75 32.90 -15.12
C LEU B 464 -13.28 33.70 -16.30
N LEU B 465 -13.32 35.03 -16.19
CA LEU B 465 -14.02 35.83 -17.19
C LEU B 465 -13.15 36.18 -18.39
N VAL B 466 -11.87 35.82 -18.37
CA VAL B 466 -10.97 36.17 -19.46
C VAL B 466 -11.25 35.36 -20.72
N SER B 471 0.50 30.20 -18.61
CA SER B 471 0.31 28.76 -18.54
C SER B 471 -0.84 28.41 -17.60
N LEU B 472 -1.13 27.12 -17.48
CA LEU B 472 -2.26 26.67 -16.68
C LEU B 472 -1.78 25.92 -15.45
N PRO B 473 -2.28 26.23 -14.26
CA PRO B 473 -1.89 25.49 -13.07
C PRO B 473 -2.63 24.16 -12.93
N LEU B 474 -2.46 23.53 -11.77
CA LEU B 474 -2.81 22.12 -11.62
C LEU B 474 -4.29 21.87 -11.43
N SER B 475 -5.06 22.92 -11.14
CA SER B 475 -6.46 22.79 -10.77
C SER B 475 -7.35 22.39 -11.94
N SER B 476 -7.17 23.07 -13.07
CA SER B 476 -8.03 22.79 -14.23
C SER B 476 -7.65 21.47 -14.89
N LEU B 477 -6.37 21.09 -14.81
CA LEU B 477 -6.01 19.76 -15.29
C LEU B 477 -6.48 18.68 -14.35
N THR B 478 -6.57 18.98 -13.05
CA THR B 478 -7.22 18.10 -12.10
C THR B 478 -8.72 17.97 -12.39
N HIS B 479 -9.36 19.07 -12.78
CA HIS B 479 -10.80 19.07 -13.05
C HIS B 479 -11.13 18.33 -14.34
N VAL B 480 -10.33 18.52 -15.40
CA VAL B 480 -10.52 17.76 -16.62
C VAL B 480 -10.14 16.29 -16.40
N LEU B 481 -9.17 16.04 -15.50
CA LEU B 481 -8.77 14.70 -15.14
C LEU B 481 -9.88 13.94 -14.42
N ARG B 482 -10.62 14.62 -13.55
CA ARG B 482 -11.66 13.97 -12.77
C ARG B 482 -13.03 13.98 -13.46
N SER B 483 -13.15 14.61 -14.62
CA SER B 483 -14.40 14.61 -15.36
C SER B 483 -14.32 13.78 -16.62
N LEU B 484 -13.23 13.06 -16.84
CA LEU B 484 -13.05 12.29 -18.06
C LEU B 484 -12.81 10.82 -17.73
N THR B 485 -12.79 10.03 -18.80
CA THR B 485 -12.52 8.61 -18.71
C THR B 485 -11.06 8.37 -18.34
N PRO B 486 -10.75 7.24 -17.69
CA PRO B 486 -9.34 6.94 -17.39
C PRO B 486 -8.50 6.62 -18.62
N ASN B 487 -9.14 6.22 -19.72
CA ASN B 487 -8.39 5.97 -20.95
C ASN B 487 -7.90 7.26 -21.58
N ALA B 488 -8.66 8.36 -21.45
CA ALA B 488 -8.18 9.65 -21.92
C ALA B 488 -7.05 10.17 -21.04
N ARG B 489 -7.09 9.81 -19.76
CA ARG B 489 -5.99 10.08 -18.83
C ARG B 489 -4.73 9.32 -19.24
N GLY B 490 -4.89 8.06 -19.68
CA GLY B 490 -3.75 7.33 -20.21
C GLY B 490 -3.27 7.84 -21.56
N ILE B 491 -4.16 8.47 -22.33
CA ILE B 491 -3.78 9.09 -23.60
C ILE B 491 -2.89 10.30 -23.36
N PHE B 492 -3.28 11.17 -22.42
CA PHE B 492 -2.46 12.34 -22.17
C PHE B 492 -1.19 12.01 -21.38
N ARG B 493 -1.15 10.84 -20.72
CA ARG B 493 0.12 10.30 -20.24
C ARG B 493 1.12 10.08 -21.37
N LEU B 494 0.66 9.49 -22.49
CA LEU B 494 1.48 9.23 -23.66
C LEU B 494 1.95 10.52 -24.31
N LEU B 495 1.02 11.47 -24.46
CA LEU B 495 1.34 12.71 -25.15
C LEU B 495 2.27 13.59 -24.31
N ILE B 496 2.06 13.61 -22.99
CA ILE B 496 2.95 14.38 -22.14
C ILE B 496 4.29 13.66 -21.96
N LYS B 497 4.35 12.34 -22.17
CA LYS B 497 5.61 11.64 -22.06
C LYS B 497 6.47 11.94 -23.28
N TYR B 498 5.84 11.95 -24.46
CA TYR B 498 6.55 12.30 -25.68
C TYR B 498 6.94 13.78 -25.72
N GLN B 499 6.18 14.65 -25.04
CA GLN B 499 6.61 16.04 -24.97
C GLN B 499 7.78 16.20 -23.99
N LEU B 500 7.69 15.60 -22.80
CA LEU B 500 8.72 15.79 -21.79
C LEU B 500 10.00 15.05 -22.12
N ASP B 501 9.95 14.02 -22.96
CA ASP B 501 11.16 13.30 -23.31
C ASP B 501 12.00 14.02 -24.36
N ASN B 502 11.45 15.02 -25.05
CA ASN B 502 12.15 15.75 -26.11
C ASN B 502 11.97 17.25 -25.94
N GLN B 503 12.14 17.72 -24.71
CA GLN B 503 11.81 19.10 -24.40
C GLN B 503 12.89 20.08 -24.85
N ASP B 504 14.16 19.66 -24.83
CA ASP B 504 15.25 20.56 -25.20
C ASP B 504 15.77 20.28 -26.61
N ASN B 505 14.98 19.59 -27.42
CA ASN B 505 15.29 19.52 -28.85
C ASN B 505 14.50 20.61 -29.56
N PRO B 506 15.16 21.59 -30.16
CA PRO B 506 14.45 22.65 -30.89
C PRO B 506 13.85 22.19 -32.21
N SER B 507 14.27 21.04 -32.73
CA SER B 507 13.70 20.49 -33.96
C SER B 507 12.43 19.69 -33.71
N TYR B 508 12.12 19.38 -32.45
CA TYR B 508 10.91 18.63 -32.13
C TYR B 508 9.70 19.53 -32.29
N ILE B 509 8.99 19.36 -33.40
CA ILE B 509 7.86 20.20 -33.74
C ILE B 509 6.55 19.45 -33.54
N GLY B 510 6.56 18.42 -32.72
CA GLY B 510 5.32 17.78 -32.36
C GLY B 510 5.02 16.57 -33.21
N LEU B 511 4.26 15.64 -32.62
CA LEU B 511 3.84 14.45 -33.34
C LEU B 511 2.72 14.79 -34.32
N SER B 512 2.58 13.94 -35.32
CA SER B 512 1.44 14.04 -36.21
C SER B 512 0.25 13.31 -35.62
N PHE B 513 -0.84 13.30 -36.38
CA PHE B 513 -2.04 12.57 -35.95
C PHE B 513 -1.86 11.07 -36.13
N GLN B 514 -1.16 10.64 -37.18
CA GLN B 514 -1.03 9.22 -37.45
C GLN B 514 -0.03 8.53 -36.53
N ASP B 515 1.06 9.23 -36.18
CA ASP B 515 2.04 8.69 -35.25
C ASP B 515 1.45 8.54 -33.86
N PHE B 516 0.70 9.56 -33.42
CA PHE B 516 -0.01 9.48 -32.15
C PHE B 516 -1.12 8.45 -32.20
N TYR B 517 -1.72 8.23 -33.37
CA TYR B 517 -2.76 7.22 -33.54
C TYR B 517 -2.19 5.81 -33.41
N GLN B 518 -1.02 5.56 -34.01
CA GLN B 518 -0.45 4.24 -33.89
C GLN B 518 0.21 4.01 -32.54
N GLN B 519 0.73 5.06 -31.90
CA GLN B 519 1.30 4.88 -30.57
C GLN B 519 0.25 4.93 -29.47
N CYS B 520 -0.98 5.32 -29.78
CA CYS B 520 -2.08 5.13 -28.86
C CYS B 520 -2.80 3.81 -29.11
N ARG B 521 -2.78 3.34 -30.37
CA ARG B 521 -3.42 2.08 -30.72
C ARG B 521 -2.62 0.88 -30.21
N GLU B 522 -1.29 1.00 -30.10
CA GLU B 522 -0.46 -0.08 -29.60
C GLU B 522 -0.66 -0.33 -28.12
N ALA B 523 -1.13 0.65 -27.37
CA ALA B 523 -1.35 0.51 -25.94
C ALA B 523 -2.82 0.33 -25.59
N PHE B 524 -3.66 -0.02 -26.58
CA PHE B 524 -5.09 -0.36 -26.47
C PHE B 524 -5.93 0.72 -25.82
N LEU B 525 -5.52 1.99 -25.89
CA LEU B 525 -6.30 3.02 -25.23
C LEU B 525 -7.54 3.40 -26.02
N VAL B 526 -7.48 3.27 -27.36
CA VAL B 526 -8.60 3.66 -28.20
C VAL B 526 -8.66 2.72 -29.39
N ASN B 527 -9.83 2.65 -30.02
CA ASN B 527 -10.09 1.71 -31.10
C ASN B 527 -10.07 2.36 -32.46
N SER B 528 -10.61 3.57 -32.59
CA SER B 528 -10.92 4.11 -33.90
C SER B 528 -10.23 5.46 -34.11
N ASP B 529 -10.19 5.85 -35.38
CA ASP B 529 -9.68 7.16 -35.78
C ASP B 529 -10.61 8.27 -35.30
N LEU B 530 -11.92 8.06 -35.44
CA LEU B 530 -12.89 9.11 -35.14
C LEU B 530 -13.03 9.34 -33.64
N THR B 531 -12.85 8.28 -32.84
CA THR B 531 -12.89 8.42 -31.39
C THR B 531 -11.71 9.22 -30.88
N LEU B 532 -10.52 8.97 -31.45
CA LEU B 532 -9.35 9.74 -31.08
C LEU B 532 -9.43 11.16 -31.59
N ARG B 533 -10.07 11.37 -32.74
CA ARG B 533 -10.26 12.72 -33.26
C ARG B 533 -11.25 13.52 -32.40
N ALA B 534 -12.31 12.86 -31.90
CA ALA B 534 -13.25 13.52 -31.02
C ALA B 534 -12.64 13.82 -29.66
N GLN B 535 -11.79 12.90 -29.18
CA GLN B 535 -11.03 13.13 -27.95
C GLN B 535 -10.04 14.27 -28.11
N LEU B 536 -9.42 14.37 -29.29
CA LEU B 536 -8.48 15.46 -29.55
C LEU B 536 -9.18 16.81 -29.67
N THR B 537 -10.39 16.84 -30.25
CA THR B 537 -11.04 18.14 -30.36
C THR B 537 -11.72 18.54 -29.07
N GLU B 538 -12.09 17.59 -28.19
CA GLU B 538 -12.59 18.01 -26.89
C GLU B 538 -11.46 18.38 -25.95
N PHE B 539 -10.26 17.88 -26.18
CA PHE B 539 -9.12 18.34 -25.41
C PHE B 539 -8.46 19.57 -26.00
N ARG B 540 -8.77 19.87 -27.26
CA ARG B 540 -8.39 21.15 -27.86
C ARG B 540 -9.28 22.28 -27.39
N ASP B 541 -10.43 21.94 -26.78
CA ASP B 541 -11.31 22.94 -26.20
C ASP B 541 -10.70 23.56 -24.95
N HIS B 542 -9.99 22.78 -24.14
CA HIS B 542 -9.49 23.28 -22.87
C HIS B 542 -8.18 24.05 -22.98
N LYS B 543 -7.65 24.23 -24.20
CA LYS B 543 -6.37 24.88 -24.50
C LYS B 543 -5.22 24.18 -23.77
N LEU B 544 -5.07 22.89 -24.04
CA LEU B 544 -3.90 22.14 -23.60
C LEU B 544 -3.35 21.25 -24.72
N ILE B 545 -3.72 21.53 -25.97
CA ILE B 545 -3.04 20.99 -27.14
C ILE B 545 -3.25 21.98 -28.29
N ARG B 546 -2.15 22.43 -28.90
CA ARG B 546 -2.21 23.40 -29.98
C ARG B 546 -1.77 22.74 -31.27
N THR B 547 -2.55 22.93 -32.32
CA THR B 547 -2.20 22.39 -33.62
C THR B 547 -1.29 23.34 -34.39
N LYS B 548 -0.24 22.77 -34.99
CA LYS B 548 0.72 23.53 -35.78
C LYS B 548 0.80 22.93 -37.17
N LYS B 549 0.47 23.71 -38.18
CA LYS B 549 0.55 23.27 -39.56
C LYS B 549 1.98 23.47 -40.06
N GLY B 550 2.63 22.39 -40.47
CA GLY B 550 3.95 22.45 -41.03
C GLY B 550 3.91 22.80 -42.51
N THR B 551 5.05 22.61 -43.18
CA THR B 551 5.11 22.89 -44.61
C THR B 551 4.51 21.76 -45.45
N ASP B 552 4.17 20.63 -44.83
CA ASP B 552 3.44 19.58 -45.53
C ASP B 552 1.96 19.89 -45.62
N GLY B 553 1.45 20.77 -44.75
CA GLY B 553 0.03 20.94 -44.55
C GLY B 553 -0.54 20.07 -43.46
N VAL B 554 0.20 19.04 -43.05
CA VAL B 554 -0.20 18.19 -41.94
C VAL B 554 -0.02 18.97 -40.65
N GLU B 555 -1.05 18.95 -39.80
CA GLU B 555 -1.06 19.70 -38.56
C GLU B 555 -0.42 18.85 -37.46
N TYR B 556 0.75 19.24 -37.01
CA TYR B 556 1.37 18.58 -35.87
C TYR B 556 0.79 19.15 -34.58
N LEU B 557 1.10 18.48 -33.46
CA LEU B 557 0.48 18.77 -32.17
C LEU B 557 1.54 19.04 -31.12
N LEU B 558 1.49 20.23 -30.51
CA LEU B 558 2.33 20.56 -29.37
C LEU B 558 1.53 21.39 -28.38
N ILE B 559 1.69 21.10 -27.10
CA ILE B 559 0.91 21.77 -26.06
C ILE B 559 1.70 22.99 -25.59
N PRO B 560 1.07 24.01 -24.98
CA PRO B 560 1.78 25.07 -24.27
C PRO B 560 2.69 24.58 -23.14
N ASP B 562 5.87 25.01 -21.37
CA ASP B 562 6.91 24.79 -20.37
C ASP B 562 7.08 23.31 -20.10
N ASN B 563 8.04 22.99 -19.24
CA ASN B 563 8.42 21.62 -18.95
C ASN B 563 8.33 21.25 -17.49
N GLY B 564 8.69 22.17 -16.59
CA GLY B 564 8.73 21.87 -15.17
C GLY B 564 7.37 21.75 -14.52
N THR B 565 6.34 22.34 -15.12
CA THR B 565 5.01 22.12 -14.57
C THR B 565 4.35 20.87 -15.14
N LEU B 566 4.98 20.22 -16.13
CA LEU B 566 4.44 18.98 -16.69
C LEU B 566 4.99 17.74 -16.01
N THR B 567 6.00 17.87 -15.16
CA THR B 567 6.49 16.72 -14.42
C THR B 567 5.74 16.49 -13.12
N ASP B 568 4.98 17.48 -12.67
CA ASP B 568 4.39 17.43 -11.34
C ASP B 568 3.20 16.48 -11.28
N PHE B 569 2.34 16.53 -12.31
CA PHE B 569 1.12 15.72 -12.36
C PHE B 569 1.44 14.24 -12.36
N LEU B 570 2.13 13.79 -13.39
CA LEU B 570 2.38 12.38 -13.58
C LEU B 570 3.70 11.96 -12.94
N GLU B 571 4.33 12.88 -12.19
CA GLU B 571 5.03 12.49 -10.99
C GLU B 571 4.03 12.03 -9.92
N LYS B 572 3.10 12.91 -9.53
CA LYS B 572 2.17 12.63 -8.43
C LYS B 572 1.01 11.71 -8.82
N GLU B 573 0.71 11.55 -10.11
CA GLU B 573 -0.31 10.58 -10.54
C GLU B 573 0.17 9.14 -10.34
N GLU B 574 1.47 8.93 -10.26
CA GLU B 574 2.09 7.69 -9.81
C GLU B 574 3.05 8.03 -8.66
N GLU B 575 2.51 8.76 -7.67
CA GLU B 575 3.12 9.18 -6.38
C GLU B 575 4.21 10.24 -6.48
N GLY C 9 7.80 30.82 -3.27
CA GLY C 9 7.43 32.12 -2.77
C GLY C 9 7.64 32.08 -1.28
N CYS C 10 8.27 30.99 -0.85
CA CYS C 10 8.68 30.84 0.55
C CYS C 10 9.95 31.66 0.79
N PHE C 11 9.76 32.96 0.91
CA PHE C 11 10.90 33.84 1.14
C PHE C 11 11.29 33.76 2.60
N VAL C 12 12.59 33.70 2.84
CA VAL C 12 13.15 33.56 4.17
C VAL C 12 13.82 34.86 4.55
N PHE C 13 13.57 35.32 5.75
CA PHE C 13 14.47 36.29 6.34
C PHE C 13 15.33 35.62 7.39
N LYS C 14 16.58 35.90 7.31
CA LYS C 14 17.58 35.67 8.32
C LYS C 14 17.50 36.79 9.34
N PRO C 15 17.81 36.53 10.61
CA PRO C 15 17.83 37.63 11.59
C PRO C 15 19.00 38.57 11.42
N ASN C 16 20.08 38.10 10.79
CA ASN C 16 21.29 38.85 10.43
C ASN C 16 22.00 39.47 11.64
N GLU C 27 13.35 35.41 26.77
CA GLU C 27 13.16 33.98 26.95
C GLU C 27 12.15 33.71 28.04
N ASP C 28 12.29 34.42 29.16
CA ASP C 28 11.39 34.31 30.30
C ASP C 28 10.16 35.19 30.17
N TYR C 29 9.83 35.63 28.96
CA TYR C 29 8.82 36.65 28.76
C TYR C 29 7.44 36.06 28.98
N PHE C 30 6.89 36.36 30.15
CA PHE C 30 5.49 36.13 30.43
C PHE C 30 4.66 37.34 30.03
N ASN C 31 4.92 38.49 30.64
CA ASN C 31 4.42 39.77 30.16
C ASN C 31 5.35 40.86 30.64
N PRO C 37 2.37 43.40 38.75
CA PRO C 37 1.34 42.61 39.43
C PRO C 37 1.80 41.17 39.63
N GLU C 38 1.30 40.27 38.79
CA GLU C 38 1.72 38.87 38.79
C GLU C 38 3.10 38.78 38.16
N ASP C 39 4.17 39.01 38.93
CA ASP C 39 5.49 39.25 38.36
C ASP C 39 6.12 37.94 37.88
N SER C 40 6.85 38.04 36.78
CA SER C 40 6.98 36.96 35.82
C SER C 40 7.86 35.82 36.27
N LYS C 41 8.91 36.09 37.06
CA LYS C 41 10.03 35.16 37.17
C LYS C 41 9.68 33.96 38.04
N LEU C 42 9.23 34.22 39.27
CA LEU C 42 8.83 33.12 40.14
C LEU C 42 7.51 32.54 39.72
N ARG C 43 6.69 33.30 38.99
CA ARG C 43 5.47 32.78 38.39
C ARG C 43 5.80 31.72 37.36
N PHE C 44 6.78 31.99 36.52
CA PHE C 44 7.15 31.06 35.49
C PHE C 44 7.91 29.88 36.05
N GLU C 45 8.68 30.13 37.11
CA GLU C 45 9.38 29.03 37.76
C GLU C 45 8.41 28.11 38.48
N THR C 46 7.35 28.70 39.05
CA THR C 46 6.27 27.93 39.66
C THR C 46 5.57 27.08 38.63
N TYR C 47 5.38 27.65 37.43
CA TYR C 47 4.80 26.92 36.31
C TYR C 47 5.67 25.75 35.89
N GLN C 48 6.96 26.01 35.75
CA GLN C 48 7.87 25.02 35.21
C GLN C 48 8.05 23.88 36.18
N LEU C 49 8.07 24.21 37.47
CA LEU C 49 8.20 23.22 38.52
C LEU C 49 6.98 22.32 38.59
N ILE C 50 5.79 22.92 38.58
CA ILE C 50 4.55 22.15 38.75
C ILE C 50 4.30 21.28 37.54
N TRP C 51 4.50 21.83 36.33
CA TRP C 51 4.20 21.05 35.13
C TRP C 51 5.22 19.96 34.91
N GLN C 52 6.49 20.23 35.22
CA GLN C 52 7.53 19.23 35.05
C GLN C 52 7.37 18.10 36.06
N GLN C 53 6.94 18.45 37.28
CA GLN C 53 6.62 17.45 38.30
C GLN C 53 5.47 16.56 37.87
N MET C 54 4.44 17.18 37.30
CA MET C 54 3.25 16.45 36.92
C MET C 54 3.53 15.54 35.74
N LYS C 55 4.40 15.99 34.83
CA LYS C 55 4.73 15.20 33.65
C LYS C 55 5.58 14.00 34.01
N SER C 56 6.55 14.18 34.92
CA SER C 56 7.41 13.07 35.31
C SER C 56 6.66 12.02 36.11
N GLU C 57 5.80 12.46 37.04
CA GLU C 57 4.99 11.48 37.76
C GLU C 57 3.92 10.85 36.87
N ASN C 58 3.50 11.56 35.82
CA ASN C 58 2.60 10.97 34.84
C ASN C 58 3.26 9.84 34.08
N GLU C 59 4.53 10.00 33.73
CA GLU C 59 5.21 8.93 33.01
C GLU C 59 5.51 7.74 33.91
N ARG C 60 5.86 8.01 35.19
CA ARG C 60 6.06 6.92 36.14
C ARG C 60 4.77 6.16 36.40
N LEU C 61 3.67 6.86 36.52
CA LEU C 61 2.44 6.13 36.74
C LEU C 61 1.91 5.51 35.46
N GLN C 62 2.39 5.93 34.29
CA GLN C 62 2.13 5.15 33.09
C GLN C 62 2.86 3.82 33.15
N GLU C 63 4.16 3.85 33.43
CA GLU C 63 4.97 2.65 33.26
C GLU C 63 4.70 1.61 34.32
N GLU C 64 4.10 2.01 35.44
CA GLU C 64 3.78 1.04 36.48
C GLU C 64 2.59 0.17 36.10
N LEU C 65 1.63 0.71 35.35
CA LEU C 65 0.41 -0.03 35.12
C LEU C 65 0.54 -1.14 34.09
N ASN C 66 1.54 -1.06 33.23
CA ASN C 66 1.68 -2.06 32.19
C ASN C 66 2.65 -3.15 32.55
N LYS C 67 3.06 -3.22 33.82
CA LYS C 67 4.03 -4.21 34.23
C LYS C 67 3.42 -5.60 34.27
N ASN C 68 2.17 -5.69 34.73
CA ASN C 68 1.38 -6.91 34.68
C ASN C 68 1.17 -7.40 33.25
N LEU C 69 1.05 -6.47 32.30
CA LEU C 69 0.94 -6.88 30.92
C LEU C 69 2.27 -7.41 30.39
N PHE C 70 3.31 -6.58 30.36
CA PHE C 70 4.46 -7.06 29.60
C PHE C 70 5.39 -7.98 30.39
N ASP C 71 5.17 -8.18 31.67
CA ASP C 71 5.92 -9.20 32.37
C ASP C 71 5.34 -10.58 32.17
N ASN C 72 4.15 -10.66 31.58
CA ASN C 72 3.72 -11.88 30.92
C ASN C 72 4.45 -12.09 29.61
N LEU C 73 4.76 -10.99 28.93
CA LEU C 73 5.30 -11.05 27.57
C LEU C 73 6.74 -11.51 27.58
N ILE C 74 7.50 -11.13 28.60
CA ILE C 74 8.89 -11.56 28.72
C ILE C 74 8.96 -13.08 28.94
N GLU C 75 8.00 -13.61 29.70
CA GLU C 75 7.85 -15.05 29.89
C GLU C 75 7.55 -15.76 28.58
N PHE C 76 6.61 -15.19 27.81
CA PHE C 76 6.21 -15.84 26.56
C PHE C 76 7.32 -15.82 25.52
N LEU C 77 8.03 -14.70 25.40
CA LEU C 77 9.12 -14.64 24.44
C LEU C 77 10.30 -15.49 24.86
N GLN C 78 10.53 -15.62 26.17
CA GLN C 78 11.61 -16.47 26.65
C GLN C 78 11.32 -17.93 26.40
N LYS C 79 10.06 -18.32 26.61
CA LYS C 79 9.65 -19.69 26.34
C LYS C 79 9.67 -20.02 24.85
N SER C 80 9.26 -19.07 24.02
CA SER C 80 9.24 -19.36 22.60
C SER C 80 10.62 -19.25 21.96
N HIS C 81 11.56 -18.53 22.57
CA HIS C 81 12.90 -18.58 22.02
C HIS C 81 13.63 -19.84 22.42
N SER C 82 13.55 -20.20 23.72
CA SER C 82 14.43 -21.20 24.30
C SER C 82 14.14 -22.61 23.79
N GLY C 83 12.94 -22.86 23.26
CA GLY C 83 12.69 -24.13 22.62
C GLY C 83 12.98 -24.10 21.14
N PHE C 84 14.22 -23.78 20.75
CA PHE C 84 14.66 -23.89 19.36
C PHE C 84 15.94 -24.73 19.31
N GLN C 85 15.79 -25.99 18.91
CA GLN C 85 16.91 -26.89 18.68
C GLN C 85 16.69 -27.72 17.43
N ARG C 98 9.32 -23.67 9.67
CA ARG C 98 8.21 -24.51 10.10
C ARG C 98 7.36 -23.73 11.11
N GLU C 99 8.00 -22.85 11.87
CA GLU C 99 7.28 -22.05 12.84
C GLU C 99 7.98 -20.71 13.00
N ILE C 100 7.20 -19.69 13.34
CA ILE C 100 7.72 -18.37 13.71
C ILE C 100 6.72 -17.73 14.66
N PRO C 101 7.15 -17.26 15.83
CA PRO C 101 6.18 -16.78 16.82
C PRO C 101 5.78 -15.33 16.66
N THR C 102 4.48 -15.06 16.73
CA THR C 102 3.95 -13.71 16.76
C THR C 102 3.24 -13.52 18.08
N ALA C 103 3.45 -12.37 18.69
CA ALA C 103 2.60 -11.91 19.79
C ALA C 103 1.94 -10.62 19.35
N ALA C 104 0.69 -10.72 18.95
CA ALA C 104 -0.06 -9.55 18.51
C ALA C 104 -0.68 -8.91 19.75
N LEU C 105 -0.20 -7.72 20.09
CA LEU C 105 -0.84 -6.94 21.13
C LEU C 105 -2.16 -6.40 20.63
N VAL C 106 -3.13 -6.31 21.54
CA VAL C 106 -4.34 -5.59 21.19
C VAL C 106 -4.31 -4.27 21.92
N LEU C 107 -3.70 -3.27 21.31
CA LEU C 107 -3.69 -1.95 21.92
C LEU C 107 -4.98 -1.24 21.58
N GLY C 108 -5.19 -0.12 22.26
CA GLY C 108 -6.45 0.58 22.14
C GLY C 108 -6.55 1.37 20.85
N VAL C 109 -7.70 2.04 20.73
CA VAL C 109 -7.97 2.85 19.56
C VAL C 109 -7.17 4.14 19.59
N ASN C 110 -6.73 4.55 20.76
CA ASN C 110 -5.94 5.76 20.92
C ASN C 110 -4.55 5.56 20.32
N VAL C 111 -4.34 6.14 19.15
CA VAL C 111 -3.01 6.12 18.56
C VAL C 111 -2.15 7.25 19.09
N THR C 112 -2.70 8.10 19.95
CA THR C 112 -1.96 9.22 20.51
C THR C 112 -0.90 8.76 21.50
N ASP C 113 -1.16 7.69 22.23
CA ASP C 113 -0.28 7.26 23.31
C ASP C 113 0.37 5.92 23.02
N HIS C 114 0.35 5.48 21.77
CA HIS C 114 0.97 4.21 21.44
C HIS C 114 2.49 4.27 21.45
N ASP C 115 3.06 5.46 21.40
CA ASP C 115 4.50 5.60 21.49
C ASP C 115 5.02 5.24 22.88
N LEU C 116 4.26 5.59 23.91
CA LEU C 116 4.75 5.45 25.28
C LEU C 116 4.79 4.00 25.72
N THR C 117 3.76 3.25 25.35
CA THR C 117 3.71 1.82 25.65
C THR C 117 4.81 1.08 24.93
N PHE C 118 5.13 1.49 23.71
CA PHE C 118 6.19 0.83 22.97
C PHE C 118 7.56 1.21 23.48
N GLY C 119 7.72 2.43 24.00
CA GLY C 119 8.97 2.78 24.65
C GLY C 119 9.21 1.99 25.93
N SER C 120 8.14 1.81 26.72
CA SER C 120 8.24 1.01 27.93
C SER C 120 8.49 -0.47 27.62
N LEU C 121 7.84 -0.96 26.57
CA LEU C 121 8.00 -2.35 26.21
C LEU C 121 9.37 -2.61 25.60
N THR C 122 9.90 -1.63 24.87
CA THR C 122 11.24 -1.69 24.35
C THR C 122 12.26 -1.71 25.47
N GLU C 123 12.02 -0.91 26.50
CA GLU C 123 12.89 -0.87 27.68
C GLU C 123 12.89 -2.20 28.43
N ALA C 124 11.70 -2.78 28.62
CA ALA C 124 11.59 -4.02 29.38
C ALA C 124 12.17 -5.19 28.62
N LEU C 125 11.88 -5.27 27.32
CA LEU C 125 12.43 -6.32 26.50
C LEU C 125 13.92 -6.13 26.26
N GLN C 126 14.41 -4.90 26.33
CA GLN C 126 15.83 -4.69 26.20
C GLN C 126 16.55 -5.06 27.47
N ASN C 127 15.86 -4.97 28.61
CA ASN C 127 16.55 -5.31 29.84
C ASN C 127 16.55 -6.80 30.10
N ASN C 128 15.38 -7.41 30.21
CA ASN C 128 15.36 -8.78 30.69
C ASN C 128 15.60 -9.79 29.58
N VAL C 129 15.38 -9.39 28.34
CA VAL C 129 15.71 -10.19 27.17
C VAL C 129 16.72 -9.32 26.42
N THR C 130 17.10 -9.74 25.21
CA THR C 130 18.15 -9.32 24.29
C THR C 130 18.34 -7.83 24.12
N PRO C 131 19.56 -7.39 23.87
CA PRO C 131 19.81 -6.07 23.28
C PRO C 131 19.79 -6.09 21.75
N TYR C 132 18.79 -6.76 21.17
CA TYR C 132 18.52 -6.70 19.73
C TYR C 132 17.04 -6.45 19.58
N VAL C 133 16.63 -5.19 19.68
CA VAL C 133 15.23 -4.81 19.58
C VAL C 133 15.14 -3.64 18.62
N VAL C 134 14.41 -3.83 17.52
CA VAL C 134 14.18 -2.74 16.59
C VAL C 134 12.68 -2.57 16.43
N SER C 135 12.31 -1.41 15.90
CA SER C 135 10.90 -1.12 15.71
C SER C 135 10.68 -0.48 14.36
N LEU C 136 9.58 -0.85 13.71
CA LEU C 136 9.23 -0.33 12.40
C LEU C 136 7.90 0.39 12.47
N GLN C 137 7.76 1.43 11.65
CA GLN C 137 6.76 2.46 11.86
C GLN C 137 5.62 2.45 10.84
N ALA C 138 5.78 1.72 9.74
CA ALA C 138 4.88 1.59 8.59
C ALA C 138 4.63 2.89 7.83
N LYS C 139 5.43 3.93 8.06
CA LYS C 139 5.41 5.10 7.22
C LYS C 139 6.75 5.35 6.55
N ASP C 140 7.80 4.72 7.02
CA ASP C 140 9.13 4.86 6.44
C ASP C 140 9.45 3.71 5.50
N CYS C 141 8.50 2.82 5.25
CA CYS C 141 8.71 1.70 4.33
C CYS C 141 7.45 1.46 3.52
N PRO C 142 7.33 2.12 2.37
CA PRO C 142 6.23 1.76 1.48
C PRO C 142 6.48 0.44 0.78
N ASP C 143 7.72 0.19 0.37
CA ASP C 143 8.06 -1.06 -0.29
C ASP C 143 9.40 -1.55 0.23
N MET C 144 9.83 -2.68 -0.34
CA MET C 144 10.67 -3.66 0.35
C MET C 144 12.08 -3.17 0.57
N LYS C 145 12.58 -2.33 -0.34
CA LYS C 145 13.95 -1.82 -0.25
C LYS C 145 14.11 -0.90 0.96
N HIS C 146 13.09 -0.08 1.23
CA HIS C 146 13.11 0.81 2.39
C HIS C 146 13.01 0.04 3.69
N PHE C 147 12.18 -1.01 3.68
CA PHE C 147 11.98 -1.93 4.79
C PHE C 147 13.29 -2.53 5.25
N LEU C 148 13.99 -3.15 4.30
CA LEU C 148 15.23 -3.82 4.65
C LEU C 148 16.35 -2.86 4.97
N GLN C 149 16.40 -1.71 4.29
CA GLN C 149 17.47 -0.76 4.52
C GLN C 149 17.36 -0.11 5.90
N LYS C 150 16.15 0.30 6.29
CA LYS C 150 16.01 0.91 7.61
C LYS C 150 16.08 -0.12 8.72
N LEU C 151 15.72 -1.37 8.43
CA LEU C 151 15.80 -2.41 9.44
C LEU C 151 17.24 -2.76 9.74
N ILE C 152 18.06 -2.88 8.70
CA ILE C 152 19.45 -3.21 8.96
C ILE C 152 20.22 -2.03 9.49
N SER C 153 19.76 -0.79 9.25
CA SER C 153 20.44 0.34 9.85
C SER C 153 20.17 0.46 11.34
N GLN C 154 18.90 0.26 11.72
CA GLN C 154 18.53 0.24 13.13
C GLN C 154 19.18 -0.91 13.87
N LEU C 155 19.28 -2.07 13.20
CA LEU C 155 19.93 -3.22 13.81
C LEU C 155 21.42 -3.01 13.94
N MET C 156 22.03 -2.30 12.99
CA MET C 156 23.47 -2.07 13.02
C MET C 156 23.84 -1.13 14.15
N ASP C 157 23.03 -0.09 14.37
CA ASP C 157 23.34 0.80 15.48
C ASP C 157 23.00 0.17 16.83
N CYS C 158 21.91 -0.61 16.88
CA CYS C 158 21.50 -1.30 18.10
C CYS C 158 22.51 -2.38 18.50
N CYS C 159 23.15 -3.02 17.52
CA CYS C 159 24.16 -3.99 17.89
C CYS C 159 25.51 -3.35 18.16
N VAL C 160 25.86 -2.26 17.46
CA VAL C 160 27.19 -1.67 17.65
C VAL C 160 27.25 -0.83 18.92
N ASP C 161 26.12 -0.44 19.50
CA ASP C 161 26.18 0.27 20.78
C ASP C 161 26.55 -0.67 21.91
N ILE C 162 25.86 -1.81 21.99
CA ILE C 162 25.89 -2.62 23.19
C ILE C 162 26.74 -3.87 23.02
N LYS C 163 27.41 -4.01 21.88
CA LYS C 163 28.54 -4.95 21.79
C LYS C 163 29.68 -4.49 22.69
N SER C 164 29.87 -3.18 22.78
CA SER C 164 30.89 -2.58 23.60
C SER C 164 30.62 -2.77 25.08
N GLN C 193 23.33 -0.35 3.11
CA GLN C 193 23.54 -1.79 3.06
C GLN C 193 22.25 -2.51 2.74
N LYS C 194 21.86 -2.51 1.45
CA LYS C 194 20.55 -3.01 1.01
C LYS C 194 20.42 -4.52 1.02
N THR C 195 21.47 -5.24 1.39
CA THR C 195 21.60 -6.68 1.20
C THR C 195 20.70 -7.46 2.16
N ASP C 196 20.13 -8.55 1.66
CA ASP C 196 19.34 -9.44 2.51
C ASP C 196 20.12 -10.47 3.34
N PRO C 197 21.01 -11.33 2.80
CA PRO C 197 21.61 -12.32 3.69
C PRO C 197 22.80 -11.79 4.46
N LYS C 198 23.21 -10.55 4.20
CA LYS C 198 24.24 -9.92 5.01
C LYS C 198 23.71 -9.58 6.40
N MET C 199 22.40 -9.39 6.53
CA MET C 199 21.78 -9.27 7.85
C MET C 199 21.92 -10.57 8.63
N LEU C 200 21.74 -11.69 7.94
CA LEU C 200 21.99 -12.99 8.51
C LEU C 200 23.47 -13.18 8.84
N SER C 201 24.33 -12.62 8.00
CA SER C 201 25.76 -12.64 8.29
C SER C 201 26.11 -11.74 9.46
N LYS C 202 25.36 -10.67 9.66
CA LYS C 202 25.55 -9.79 10.82
C LYS C 202 25.19 -10.51 12.09
N LYS C 203 24.09 -11.26 12.04
CA LYS C 203 23.70 -12.10 13.17
C LYS C 203 24.72 -13.19 13.43
N ARG C 204 25.28 -13.75 12.36
CA ARG C 204 26.25 -14.82 12.49
C ARG C 204 27.58 -14.31 13.05
N THR C 205 27.99 -13.11 12.66
CA THR C 205 29.23 -12.55 13.16
C THR C 205 29.06 -12.03 14.57
N THR C 206 28.03 -11.22 14.77
CA THR C 206 27.93 -10.37 15.93
C THR C 206 27.60 -11.15 17.19
N SER C 207 26.77 -12.18 17.07
CA SER C 207 26.42 -13.00 18.22
C SER C 207 26.68 -14.45 17.89
N SER C 208 27.89 -14.90 18.19
CA SER C 208 28.15 -16.32 18.20
C SER C 208 27.84 -16.96 19.55
N GLN C 209 27.74 -16.17 20.62
CA GLN C 209 27.62 -16.66 21.99
C GLN C 209 26.33 -16.16 22.65
N TRP C 210 26.26 -16.38 23.98
CA TRP C 210 25.16 -15.97 24.89
C TRP C 210 23.86 -16.66 24.51
N GLN C 211 24.00 -17.90 24.03
CA GLN C 211 22.96 -18.78 23.48
C GLN C 211 22.13 -18.14 22.39
N SER C 212 22.77 -17.27 21.57
CA SER C 212 22.24 -16.60 20.38
C SER C 212 20.94 -15.85 20.65
N PRO C 213 20.99 -14.68 21.27
CA PRO C 213 19.78 -13.97 21.69
C PRO C 213 18.93 -13.51 20.51
N PRO C 214 17.62 -13.77 20.57
CA PRO C 214 16.76 -13.59 19.40
C PRO C 214 16.47 -12.14 19.05
N VAL C 215 16.64 -11.82 17.78
CA VAL C 215 16.30 -10.51 17.26
C VAL C 215 14.78 -10.40 17.16
N VAL C 216 14.22 -9.32 17.69
CA VAL C 216 12.79 -9.07 17.58
C VAL C 216 12.56 -7.77 16.85
N VAL C 217 11.50 -7.71 16.05
CA VAL C 217 11.10 -6.48 15.42
C VAL C 217 9.76 -6.09 15.99
N ILE C 218 9.49 -4.79 15.99
CA ILE C 218 8.24 -4.26 16.53
C ILE C 218 7.57 -3.48 15.40
N LEU C 219 6.62 -4.10 14.75
CA LEU C 219 5.76 -3.33 13.87
C LEU C 219 4.80 -2.54 14.73
N LYS C 220 4.79 -1.22 14.57
CA LYS C 220 3.92 -0.41 15.42
C LYS C 220 2.47 -0.50 14.96
N ASP C 221 2.20 -0.10 13.73
CA ASP C 221 0.86 -0.24 13.17
C ASP C 221 0.85 -1.45 12.25
N MET C 222 0.08 -2.46 12.61
CA MET C 222 -0.20 -3.54 11.66
C MET C 222 -1.08 -3.04 10.53
N GLU C 223 -1.93 -2.04 10.79
CA GLU C 223 -3.03 -1.73 9.89
C GLU C 223 -2.58 -0.96 8.66
N SER C 224 -1.73 0.04 8.84
CA SER C 224 -1.35 0.89 7.72
C SER C 224 -0.28 0.27 6.83
N PHE C 225 0.20 -0.92 7.17
CA PHE C 225 1.10 -1.65 6.29
C PHE C 225 0.38 -2.12 5.05
N ALA C 226 1.06 -2.00 3.91
CA ALA C 226 0.61 -2.70 2.72
C ALA C 226 0.87 -4.18 2.89
N THR C 227 0.00 -5.00 2.29
CA THR C 227 0.11 -6.43 2.49
C THR C 227 1.26 -7.06 1.73
N LYS C 228 1.72 -6.41 0.66
CA LYS C 228 2.66 -7.04 -0.25
C LYS C 228 4.05 -7.12 0.37
N VAL C 229 4.54 -5.99 0.88
CA VAL C 229 5.88 -5.91 1.46
C VAL C 229 5.94 -6.69 2.76
N LEU C 230 4.83 -6.72 3.51
CA LEU C 230 4.77 -7.47 4.75
C LEU C 230 4.76 -8.96 4.48
N GLN C 231 4.04 -9.39 3.44
CA GLN C 231 3.98 -10.80 3.07
C GLN C 231 5.33 -11.30 2.59
N ASP C 232 6.02 -10.49 1.79
CA ASP C 232 7.33 -10.87 1.30
C ASP C 232 8.36 -10.89 2.42
N PHE C 233 8.22 -10.02 3.41
CA PHE C 233 9.13 -10.05 4.54
C PHE C 233 8.92 -11.27 5.41
N ILE C 234 7.67 -11.67 5.61
CA ILE C 234 7.39 -12.82 6.46
C ILE C 234 7.85 -14.11 5.78
N ILE C 235 7.71 -14.19 4.45
CA ILE C 235 8.17 -15.39 3.78
C ILE C 235 9.71 -15.44 3.71
N ILE C 236 10.36 -14.28 3.56
CA ILE C 236 11.83 -14.21 3.57
C ILE C 236 12.38 -14.59 4.93
N SER C 237 11.75 -14.10 5.99
CA SER C 237 12.23 -14.40 7.32
C SER C 237 11.92 -15.83 7.72
N SER C 238 10.79 -16.36 7.26
CA SER C 238 10.44 -17.73 7.57
C SER C 238 11.19 -18.73 6.74
N GLN C 239 11.83 -18.28 5.67
CA GLN C 239 12.60 -19.20 4.85
C GLN C 239 13.84 -19.68 5.58
N HIS C 240 14.61 -18.76 6.16
CA HIS C 240 15.80 -19.15 6.91
C HIS C 240 15.75 -18.48 8.27
N LEU C 241 15.20 -19.19 9.24
CA LEU C 241 15.39 -18.84 10.62
C LEU C 241 16.21 -19.89 11.33
N HIS C 242 17.00 -20.65 10.56
CA HIS C 242 17.97 -21.60 11.10
C HIS C 242 19.00 -20.89 11.93
N GLU C 243 19.78 -20.05 11.30
CA GLU C 243 20.30 -18.87 11.96
C GLU C 243 19.33 -17.75 11.65
N PHE C 244 19.41 -16.65 12.45
CA PHE C 244 18.48 -15.53 12.64
C PHE C 244 17.09 -15.95 13.16
N PRO C 245 16.95 -16.33 14.43
CA PRO C 245 15.59 -16.52 14.97
C PRO C 245 14.92 -15.19 15.23
N LEU C 246 13.80 -14.97 14.57
CA LEU C 246 13.11 -13.69 14.61
C LEU C 246 11.74 -13.87 15.24
N ILE C 247 11.40 -13.02 16.20
CA ILE C 247 10.09 -13.05 16.86
C ILE C 247 9.46 -11.69 16.69
N LEU C 248 8.60 -11.52 15.70
CA LEU C 248 7.96 -10.24 15.48
C LEU C 248 6.80 -10.01 16.44
N ILE C 249 6.54 -8.74 16.75
CA ILE C 249 5.39 -8.33 17.54
C ILE C 249 4.77 -7.12 16.87
N PHE C 250 3.73 -7.35 16.07
CA PHE C 250 3.02 -6.23 15.48
C PHE C 250 1.93 -5.77 16.43
N GLY C 251 1.77 -4.46 16.50
CA GLY C 251 0.73 -3.88 17.33
C GLY C 251 -0.55 -3.73 16.56
N ILE C 252 -1.50 -4.63 16.80
CA ILE C 252 -2.81 -4.49 16.18
C ILE C 252 -3.58 -3.39 16.88
N ALA C 253 -4.00 -2.40 16.11
CA ALA C 253 -4.77 -1.30 16.69
C ALA C 253 -6.19 -1.71 17.04
N THR C 254 -6.78 -2.65 16.29
CA THR C 254 -8.18 -2.94 16.54
C THR C 254 -8.42 -4.18 17.40
N SER C 255 -8.10 -5.33 16.85
CA SER C 255 -8.54 -6.64 17.31
C SER C 255 -7.87 -7.67 16.42
N PRO C 256 -7.63 -8.91 16.90
CA PRO C 256 -6.91 -9.90 16.07
C PRO C 256 -7.69 -10.48 14.89
N ILE C 257 -8.88 -9.98 14.58
CA ILE C 257 -9.62 -10.37 13.39
C ILE C 257 -8.88 -9.94 12.14
N ILE C 258 -8.25 -8.76 12.19
CA ILE C 258 -7.71 -8.13 11.01
C ILE C 258 -6.36 -8.70 10.61
N ILE C 259 -5.74 -9.53 11.47
CA ILE C 259 -4.56 -10.25 11.00
C ILE C 259 -4.94 -11.36 10.03
N HIS C 260 -6.19 -11.83 10.07
CA HIS C 260 -6.68 -12.69 9.01
C HIS C 260 -7.01 -11.89 7.77
N ARG C 261 -7.41 -10.64 7.95
CA ARG C 261 -7.85 -9.85 6.82
C ARG C 261 -6.67 -9.36 6.01
N LEU C 262 -5.65 -8.86 6.67
CA LEU C 262 -4.52 -8.28 5.98
C LEU C 262 -3.51 -9.32 5.52
N LEU C 263 -3.52 -10.49 6.13
CA LEU C 263 -2.60 -11.52 5.69
C LEU C 263 -3.39 -12.67 5.09
N PRO C 264 -3.14 -13.03 3.84
CA PRO C 264 -3.74 -14.24 3.27
C PRO C 264 -3.18 -15.50 3.92
N HIS C 265 -3.87 -16.60 3.65
CA HIS C 265 -3.85 -17.76 4.54
C HIS C 265 -2.56 -18.55 4.46
N ALA C 266 -1.82 -18.46 3.35
CA ALA C 266 -0.54 -19.15 3.28
C ALA C 266 0.49 -18.50 4.19
N VAL C 267 0.54 -17.18 4.16
CA VAL C 267 1.41 -16.42 5.06
C VAL C 267 0.86 -16.47 6.47
N SER C 268 -0.47 -16.47 6.61
CA SER C 268 -1.09 -16.55 7.94
C SER C 268 -0.88 -17.93 8.58
N SER C 269 -0.76 -18.96 7.76
CA SER C 269 -0.52 -20.30 8.24
C SER C 269 0.94 -20.51 8.61
N LEU C 270 1.81 -19.61 8.19
CA LEU C 270 3.24 -19.80 8.35
C LEU C 270 3.71 -19.53 9.78
N LEU C 271 2.87 -18.96 10.63
CA LEU C 271 3.37 -18.40 11.87
C LEU C 271 2.56 -18.86 13.07
N CYS C 272 3.01 -18.41 14.25
CA CYS C 272 2.49 -18.84 15.54
C CYS C 272 1.95 -17.63 16.30
N ILE C 273 0.63 -17.56 16.47
CA ILE C 273 -0.05 -16.39 17.01
C ILE C 273 -0.37 -16.63 18.48
N GLU C 274 -0.01 -15.68 19.33
CA GLU C 274 -0.40 -15.72 20.74
C GLU C 274 -0.74 -14.29 21.16
N LEU C 275 -2.01 -13.97 21.31
CA LEU C 275 -2.37 -12.58 21.51
C LEU C 275 -2.33 -12.19 22.98
N PHE C 276 -2.15 -10.89 23.20
CA PHE C 276 -2.18 -10.30 24.52
C PHE C 276 -3.20 -9.17 24.54
N GLN C 277 -3.76 -8.93 25.71
CA GLN C 277 -4.66 -7.80 25.91
C GLN C 277 -3.86 -6.51 26.06
N SER C 278 -4.56 -5.41 26.32
CA SER C 278 -3.90 -4.25 26.89
C SER C 278 -4.87 -3.56 27.82
N LEU C 279 -4.38 -2.49 28.43
CA LEU C 279 -5.14 -1.74 29.42
C LEU C 279 -6.24 -0.96 28.72
N SER C 280 -7.47 -1.42 28.91
CA SER C 280 -8.63 -0.68 28.42
C SER C 280 -8.74 0.62 29.18
N CYS C 281 -8.99 1.67 28.43
CA CYS C 281 -8.49 3.00 28.75
C CYS C 281 -9.23 3.68 29.87
N LYS C 282 -10.45 3.22 30.19
CA LYS C 282 -11.23 3.82 31.26
C LYS C 282 -10.58 3.59 32.61
N GLU C 283 -10.13 2.36 32.87
CA GLU C 283 -9.39 2.08 34.09
C GLU C 283 -7.91 2.41 33.97
N HIS C 284 -7.51 3.05 32.89
CA HIS C 284 -6.25 3.76 32.88
C HIS C 284 -6.46 5.21 33.32
N LEU C 285 -7.50 5.86 32.79
CA LEU C 285 -7.71 7.25 33.13
C LEU C 285 -8.29 7.43 34.53
N THR C 286 -8.94 6.41 35.11
CA THR C 286 -9.29 6.51 36.52
C THR C 286 -8.07 6.57 37.40
N THR C 287 -7.03 5.84 37.03
CA THR C 287 -5.78 5.89 37.77
C THR C 287 -5.07 7.22 37.59
N VAL C 288 -5.00 7.71 36.36
CA VAL C 288 -4.19 8.93 36.19
C VAL C 288 -4.97 10.17 36.61
N LEU C 289 -6.30 10.13 36.55
CA LEU C 289 -7.10 11.20 37.12
C LEU C 289 -7.07 11.14 38.64
N ASP C 290 -7.11 9.93 39.19
CA ASP C 290 -7.18 9.75 40.62
C ASP C 290 -5.86 10.07 41.28
N LYS C 291 -4.77 9.72 40.65
CA LYS C 291 -3.50 10.07 41.23
C LYS C 291 -3.09 11.47 40.87
N LEU C 292 -3.60 11.99 39.76
CA LEU C 292 -3.03 13.25 39.29
C LEU C 292 -3.70 14.46 39.90
N LEU C 293 -5.02 14.46 40.02
CA LEU C 293 -5.66 15.62 40.59
C LEU C 293 -6.39 15.33 41.89
N LEU C 294 -6.84 14.10 42.13
CA LEU C 294 -7.61 13.83 43.33
C LEU C 294 -6.76 13.73 44.59
N THR C 295 -5.44 13.72 44.46
CA THR C 295 -4.59 13.68 45.62
C THR C 295 -4.56 15.02 46.32
N THR C 296 -4.05 14.98 47.54
CA THR C 296 -3.72 16.20 48.27
C THR C 296 -2.42 16.80 47.82
N GLN C 297 -1.61 16.03 47.09
CA GLN C 297 -0.19 16.34 46.94
C GLN C 297 0.04 17.47 45.93
N PHE C 298 -0.63 17.43 44.80
CA PHE C 298 -0.35 18.43 43.79
C PHE C 298 -1.10 19.71 44.12
N PRO C 299 -0.45 20.87 44.07
CA PRO C 299 -1.04 22.07 44.67
C PRO C 299 -2.15 22.69 43.86
N PHE C 300 -2.37 22.26 42.63
CA PHE C 300 -3.34 22.88 41.74
C PHE C 300 -4.49 21.92 41.50
N LYS C 301 -5.67 22.30 41.95
CA LYS C 301 -6.87 21.52 41.71
C LYS C 301 -7.54 22.02 40.44
N ILE C 302 -8.76 21.57 40.20
CA ILE C 302 -9.49 22.01 39.02
C ILE C 302 -10.97 22.12 39.37
N ASN C 303 -11.63 23.03 38.66
CA ASN C 303 -13.07 23.18 38.73
C ASN C 303 -13.75 21.97 38.13
N GLU C 304 -14.95 21.66 38.63
CA GLU C 304 -15.69 20.50 38.15
C GLU C 304 -16.21 20.71 36.73
N LYS C 305 -16.50 21.93 36.34
CA LYS C 305 -17.05 22.14 35.01
C LYS C 305 -15.97 22.04 33.94
N VAL C 306 -14.78 22.56 34.24
CA VAL C 306 -13.64 22.46 33.35
C VAL C 306 -13.20 21.01 33.21
N LEU C 307 -13.19 20.28 34.33
CA LEU C 307 -12.96 18.85 34.35
C LEU C 307 -14.03 18.09 33.58
N GLN C 308 -15.28 18.56 33.67
CA GLN C 308 -16.39 17.94 32.98
C GLN C 308 -16.24 18.06 31.47
N VAL C 309 -15.77 19.22 31.02
CA VAL C 309 -15.45 19.44 29.62
C VAL C 309 -14.33 18.51 29.16
N LEU C 310 -13.29 18.37 30.00
CA LEU C 310 -12.14 17.55 29.64
C LEU C 310 -12.47 16.07 29.58
N THR C 311 -13.22 15.59 30.56
CA THR C 311 -13.57 14.18 30.56
C THR C 311 -14.66 13.86 29.55
N ASN C 312 -15.44 14.86 29.13
CA ASN C 312 -16.42 14.57 28.11
C ASN C 312 -15.76 14.44 26.75
N ILE C 313 -14.78 15.30 26.45
CA ILE C 313 -14.13 15.15 25.16
C ILE C 313 -13.10 14.02 25.16
N PHE C 314 -12.74 13.51 26.33
CA PHE C 314 -12.16 12.17 26.33
C PHE C 314 -13.19 11.17 25.85
N LEU C 315 -14.28 11.01 26.62
CA LEU C 315 -15.11 9.82 26.54
C LEU C 315 -16.01 9.80 25.32
N TYR C 316 -16.21 10.94 24.69
CA TYR C 316 -17.10 10.96 23.54
C TYR C 316 -16.32 10.86 22.24
N HIS C 317 -15.27 11.67 22.10
CA HIS C 317 -14.55 11.74 20.85
C HIS C 317 -13.26 10.96 20.89
N ASP C 318 -12.41 11.23 21.86
CA ASP C 318 -11.01 11.00 21.57
C ASP C 318 -10.50 9.67 22.06
N PHE C 319 -10.97 9.26 23.24
CA PHE C 319 -10.63 8.00 23.93
C PHE C 319 -9.14 7.86 24.19
N SER C 320 -8.45 8.98 24.39
CA SER C 320 -7.02 8.97 24.60
C SER C 320 -6.68 9.74 25.85
N VAL C 321 -5.51 9.43 26.37
CA VAL C 321 -5.09 9.97 27.64
C VAL C 321 -4.08 11.10 27.47
N GLN C 322 -3.29 11.09 26.40
CA GLN C 322 -2.33 12.14 26.14
C GLN C 322 -2.99 13.47 25.84
N ASN C 323 -4.15 13.41 25.19
CA ASN C 323 -4.93 14.61 24.93
C ASN C 323 -5.48 15.20 26.22
N PHE C 324 -5.82 14.33 27.18
CA PHE C 324 -6.29 14.77 28.47
C PHE C 324 -5.19 15.48 29.24
N ILE C 325 -3.97 15.00 29.10
CA ILE C 325 -2.86 15.65 29.78
C ILE C 325 -2.50 16.95 29.10
N LYS C 326 -2.75 17.03 27.79
CA LYS C 326 -2.61 18.30 27.09
C LYS C 326 -3.64 19.31 27.57
N GLY C 327 -4.86 18.84 27.83
CA GLY C 327 -5.90 19.73 28.32
C GLY C 327 -5.63 20.21 29.74
N LEU C 328 -5.06 19.33 30.57
CA LEU C 328 -4.67 19.72 31.91
C LEU C 328 -3.51 20.70 31.89
N GLN C 329 -2.59 20.50 30.96
CA GLN C 329 -1.45 21.40 30.80
C GLN C 329 -1.89 22.78 30.35
N LEU C 330 -2.86 22.82 29.43
CA LEU C 330 -3.41 24.08 28.97
C LEU C 330 -4.17 24.79 30.07
N SER C 331 -4.88 24.03 30.90
CA SER C 331 -5.63 24.63 31.99
C SER C 331 -4.71 25.23 33.03
N LEU C 332 -3.63 24.53 33.34
CA LEU C 332 -2.64 25.04 34.27
C LEU C 332 -1.94 26.27 33.72
N LEU C 333 -1.67 26.28 32.42
CA LEU C 333 -1.01 27.40 31.78
C LEU C 333 -1.92 28.64 31.76
N GLU C 334 -3.18 28.43 31.45
CA GLU C 334 -4.10 29.55 31.37
C GLU C 334 -4.44 30.09 32.74
N HIS C 335 -4.47 29.20 33.73
CA HIS C 335 -4.62 29.63 35.11
C HIS C 335 -3.44 30.45 35.57
N PHE C 336 -2.25 30.06 35.13
CA PHE C 336 -1.09 30.79 35.57
C PHE C 336 -0.94 32.07 34.79
N TYR C 337 -1.57 32.18 33.63
CA TYR C 337 -1.66 33.50 33.03
C TYR C 337 -2.63 34.37 33.79
N SER C 338 -3.74 33.79 34.24
CA SER C 338 -4.99 34.53 34.39
C SER C 338 -4.97 35.55 35.52
N GLN C 339 -4.74 35.10 36.74
CA GLN C 339 -5.08 35.96 37.86
C GLN C 339 -3.89 36.15 38.77
N PRO C 340 -3.69 37.35 39.33
CA PRO C 340 -2.43 37.65 40.03
C PRO C 340 -2.28 36.99 41.38
N LEU C 341 -3.28 36.30 41.88
CA LEU C 341 -3.15 35.59 43.12
C LEU C 341 -2.73 34.16 42.92
N SER C 342 -2.46 33.77 41.68
CA SER C 342 -2.12 32.39 41.39
C SER C 342 -0.70 32.02 41.78
N VAL C 343 0.11 32.99 42.21
CA VAL C 343 1.53 32.77 42.46
C VAL C 343 1.74 31.85 43.66
N LEU C 344 0.83 31.90 44.62
CA LEU C 344 0.96 31.08 45.81
C LEU C 344 0.10 29.82 45.69
N CYS C 345 0.38 29.05 44.66
CA CYS C 345 -0.21 27.73 44.46
C CYS C 345 0.90 26.72 44.78
N CYS C 346 1.04 26.41 46.05
CA CYS C 346 2.23 25.74 46.54
C CYS C 346 1.84 24.78 47.64
N ASN C 347 2.84 24.16 48.26
CA ASN C 347 2.55 23.56 49.55
C ASN C 347 2.54 24.64 50.61
N LEU C 348 2.08 24.23 51.80
CA LEU C 348 1.75 25.20 52.84
C LEU C 348 2.91 26.01 53.41
N PRO C 349 4.12 25.48 53.70
CA PRO C 349 5.20 26.42 54.10
C PRO C 349 5.73 27.25 52.94
N GLU C 350 5.64 26.72 51.72
CA GLU C 350 5.97 27.52 50.56
C GLU C 350 4.93 28.58 50.29
N ALA C 351 3.70 28.36 50.74
CA ALA C 351 2.73 29.44 50.79
C ALA C 351 3.11 30.45 51.88
N LYS C 352 3.52 29.97 53.06
CA LYS C 352 3.89 30.82 54.18
C LYS C 352 5.14 31.66 53.94
N ARG C 353 5.93 31.33 52.91
CA ARG C 353 7.12 32.09 52.57
C ARG C 353 6.80 33.53 52.21
N ARG C 354 6.09 33.76 51.12
CA ARG C 354 5.90 35.13 50.68
C ARG C 354 4.43 35.54 50.62
N ILE C 355 3.59 34.90 51.45
CA ILE C 355 2.39 35.61 51.89
C ILE C 355 2.80 36.80 52.75
N ASN C 356 3.84 36.62 53.55
CA ASN C 356 4.29 37.63 54.51
C ASN C 356 4.92 38.84 53.84
N PHE C 357 5.43 38.69 52.61
CA PHE C 357 5.92 39.86 51.89
C PHE C 357 5.46 39.77 50.45
N LEU C 358 4.78 40.84 50.00
CA LEU C 358 3.95 40.84 48.80
C LEU C 358 3.54 42.29 48.56
N SER C 359 3.23 42.62 47.30
CA SER C 359 2.81 43.97 46.96
C SER C 359 1.39 44.21 47.44
N ASN C 360 1.14 45.41 47.94
CA ASN C 360 -0.08 45.71 48.66
C ASN C 360 -1.29 45.83 47.75
N ASN C 361 -1.09 46.06 46.46
CA ASN C 361 -2.25 46.07 45.58
C ASN C 361 -2.72 44.66 45.27
N GLN C 362 -1.81 43.68 45.30
CA GLN C 362 -2.26 42.30 45.23
C GLN C 362 -2.91 41.87 46.53
N CYS C 363 -2.52 42.49 47.65
CA CYS C 363 -3.26 42.27 48.88
C CYS C 363 -4.60 42.98 48.88
N GLU C 364 -4.73 44.08 48.13
CA GLU C 364 -6.05 44.62 47.94
C GLU C 364 -6.85 43.77 46.99
N ASN C 365 -6.17 43.07 46.08
CA ASN C 365 -6.82 42.10 45.24
C ASN C 365 -7.24 40.86 46.04
N ILE C 366 -6.47 40.50 47.07
CA ILE C 366 -6.89 39.42 47.95
C ILE C 366 -8.02 39.88 48.85
N ARG C 367 -8.13 41.19 49.08
CA ARG C 367 -9.33 41.67 49.76
C ARG C 367 -10.52 41.65 48.82
N ARG C 368 -10.32 42.01 47.56
CA ARG C 368 -11.43 42.40 46.69
C ARG C 368 -11.89 41.29 45.75
N LEU C 369 -11.29 40.11 45.81
CA LEU C 369 -11.85 38.99 45.07
C LEU C 369 -13.15 38.57 45.75
N PRO C 370 -14.16 38.12 44.97
CA PRO C 370 -15.53 38.09 45.50
C PRO C 370 -15.82 37.05 46.55
N SER C 371 -15.06 35.95 46.58
CA SER C 371 -15.25 34.96 47.64
C SER C 371 -14.75 35.50 48.96
N PHE C 372 -13.67 36.28 48.92
CA PHE C 372 -13.23 36.93 50.14
C PHE C 372 -14.16 38.05 50.54
N ARG C 373 -14.79 38.73 49.59
CA ARG C 373 -15.75 39.76 49.97
C ARG C 373 -17.04 39.16 50.50
N ARG C 374 -17.35 37.92 50.11
CA ARG C 374 -18.37 37.15 50.81
C ARG C 374 -17.95 36.90 52.25
N TYR C 375 -16.67 36.59 52.48
CA TYR C 375 -16.19 36.42 53.85
C TYR C 375 -16.18 37.72 54.65
N VAL C 376 -15.95 38.84 53.96
CA VAL C 376 -16.10 40.17 54.55
C VAL C 376 -17.54 40.39 54.95
N GLU C 377 -18.46 39.95 54.09
CA GLU C 377 -19.90 40.12 54.31
C GLU C 377 -20.41 39.33 55.51
N LYS C 378 -19.75 38.23 55.85
CA LYS C 378 -20.21 37.39 56.94
C LYS C 378 -19.55 37.71 58.27
N GLN C 379 -18.91 38.88 58.41
CA GLN C 379 -18.03 39.06 59.57
C GLN C 379 -18.15 40.45 60.17
N ALA C 380 -17.59 40.57 61.37
CA ALA C 380 -17.81 41.68 62.28
C ALA C 380 -16.86 42.83 61.99
N SER C 381 -17.25 44.02 62.49
CA SER C 381 -16.69 45.27 62.04
C SER C 381 -15.34 45.59 62.67
N GLU C 382 -15.13 45.18 63.92
CA GLU C 382 -13.98 45.62 64.70
C GLU C 382 -12.68 45.05 64.20
N LYS C 383 -12.73 43.90 63.54
CA LYS C 383 -11.58 43.40 62.81
C LYS C 383 -11.69 43.71 61.34
N GLN C 384 -12.88 44.08 60.86
CA GLN C 384 -13.02 44.47 59.46
C GLN C 384 -12.31 45.79 59.20
N VAL C 385 -12.28 46.68 60.19
CA VAL C 385 -11.68 48.00 59.99
C VAL C 385 -10.16 47.96 59.89
N ALA C 386 -9.51 46.97 60.49
CA ALA C 386 -8.07 46.81 60.35
C ALA C 386 -7.74 45.80 59.27
N LEU C 387 -8.57 44.78 59.11
CA LEU C 387 -8.31 43.75 58.14
C LEU C 387 -8.70 44.16 56.72
N LEU C 388 -9.36 45.30 56.56
CA LEU C 388 -9.68 45.81 55.23
C LEU C 388 -8.44 46.20 54.48
N THR C 389 -7.64 47.06 55.07
CA THR C 389 -6.58 47.73 54.36
C THR C 389 -5.20 47.31 54.83
N ASN C 390 -5.04 47.04 56.12
CA ASN C 390 -3.71 46.83 56.68
C ASN C 390 -3.21 45.42 56.38
N GLU C 391 -1.95 45.36 55.95
CA GLU C 391 -1.40 44.14 55.40
C GLU C 391 -1.06 43.13 56.50
N ARG C 392 -0.77 43.63 57.70
CA ARG C 392 -0.10 42.84 58.72
C ARG C 392 -1.05 41.85 59.37
N TYR C 393 -2.33 42.20 59.43
CA TYR C 393 -3.35 41.27 59.87
C TYR C 393 -3.92 40.46 58.71
N LEU C 394 -3.88 41.05 57.51
CA LEU C 394 -4.43 40.41 56.33
C LEU C 394 -3.64 39.17 55.98
N LYS C 395 -2.32 39.24 56.19
CA LYS C 395 -1.46 38.06 56.10
C LYS C 395 -1.88 37.00 57.10
N GLU C 396 -2.22 37.42 58.32
CA GLU C 396 -2.53 36.47 59.39
C GLU C 396 -3.82 35.72 59.14
N GLU C 397 -4.82 36.41 58.63
CA GLU C 397 -6.07 35.71 58.38
C GLU C 397 -6.02 34.90 57.09
N THR C 398 -5.33 35.38 56.07
CA THR C 398 -5.24 34.63 54.82
C THR C 398 -4.35 33.42 54.91
N GLN C 399 -3.36 33.45 55.82
CA GLN C 399 -2.53 32.29 56.07
C GLN C 399 -3.35 31.12 56.60
N LEU C 400 -4.19 31.39 57.58
CA LEU C 400 -5.05 30.35 58.11
C LEU C 400 -6.18 30.01 57.16
N LEU C 401 -6.53 30.93 56.26
CA LEU C 401 -7.46 30.58 55.20
C LEU C 401 -6.84 29.59 54.22
N LEU C 402 -5.55 29.75 53.93
CA LEU C 402 -4.88 28.80 53.04
C LEU C 402 -4.64 27.47 53.71
N GLU C 403 -4.39 27.51 55.02
CA GLU C 403 -4.33 26.29 55.81
C GLU C 403 -5.66 25.58 55.82
N ASN C 404 -6.76 26.34 55.88
CA ASN C 404 -8.08 25.76 55.82
C ASN C 404 -8.40 25.20 54.45
N LEU C 405 -7.82 25.79 53.40
CA LEU C 405 -7.95 25.23 52.05
C LEU C 405 -7.31 23.86 51.96
N HIS C 406 -6.07 23.76 52.48
CA HIS C 406 -5.38 22.48 52.52
C HIS C 406 -6.09 21.49 53.43
N VAL C 407 -6.69 22.02 54.50
CA VAL C 407 -7.45 21.22 55.45
C VAL C 407 -8.69 20.64 54.79
N TYR C 408 -9.35 21.44 53.95
CA TYR C 408 -10.58 21.00 53.31
C TYR C 408 -10.29 19.97 52.25
N HIS C 409 -9.17 20.16 51.56
CA HIS C 409 -8.71 19.17 50.59
C HIS C 409 -8.38 17.85 51.27
N MET C 410 -7.70 17.93 52.41
CA MET C 410 -7.18 16.74 53.05
C MET C 410 -8.29 15.92 53.70
N ASN C 411 -9.24 16.58 54.36
CA ASN C 411 -10.36 15.77 54.84
C ASN C 411 -11.40 15.52 53.78
N TYR C 412 -11.30 16.18 52.63
CA TYR C 412 -12.24 15.93 51.56
C TYR C 412 -11.94 14.62 50.88
N PHE C 413 -10.70 14.46 50.43
CA PHE C 413 -10.43 13.48 49.39
C PHE C 413 -10.40 12.07 49.92
N LEU C 414 -9.98 11.92 51.17
CA LEU C 414 -9.85 10.58 51.74
C LEU C 414 -11.20 9.99 52.05
N VAL C 415 -12.10 10.81 52.58
CA VAL C 415 -13.46 10.31 52.78
C VAL C 415 -14.24 10.27 51.49
N LEU C 416 -13.79 10.99 50.47
CA LEU C 416 -14.34 10.84 49.15
C LEU C 416 -14.00 9.47 48.58
N ARG C 417 -12.76 9.03 48.81
CA ARG C 417 -12.37 7.68 48.41
C ARG C 417 -13.08 6.63 49.25
N CYS C 418 -13.33 6.95 50.53
CA CYS C 418 -14.05 6.05 51.42
C CYS C 418 -15.48 5.85 50.96
N LEU C 419 -16.11 6.95 50.56
CA LEU C 419 -17.45 6.89 49.98
C LEU C 419 -17.44 6.19 48.64
N HIS C 420 -16.35 6.31 47.89
CA HIS C 420 -16.24 5.61 46.63
C HIS C 420 -16.17 4.11 46.82
N LYS C 421 -15.44 3.67 47.84
CA LYS C 421 -15.41 2.24 48.15
C LYS C 421 -16.73 1.77 48.72
N PHE C 422 -17.39 2.63 49.49
CA PHE C 422 -18.65 2.23 50.10
C PHE C 422 -19.81 2.28 49.11
N THR C 423 -19.65 2.98 48.00
CA THR C 423 -20.68 3.05 46.98
C THR C 423 -20.40 2.13 45.80
N SER C 424 -19.14 1.80 45.55
CA SER C 424 -18.81 0.86 44.47
C SER C 424 -19.19 -0.57 44.82
N SER C 425 -19.37 -0.87 46.11
CA SER C 425 -19.77 -2.20 46.54
C SER C 425 -21.24 -2.51 46.26
N LEU C 426 -22.04 -1.50 45.92
CA LEU C 426 -23.47 -1.65 45.88
C LEU C 426 -23.92 -2.36 44.61
N PRO C 427 -25.07 -3.04 44.65
CA PRO C 427 -25.69 -3.51 43.40
C PRO C 427 -26.22 -2.32 42.61
N LYS C 428 -25.92 -2.35 41.29
CA LYS C 428 -26.33 -1.46 40.19
C LYS C 428 -25.63 -0.08 40.20
N TYR C 429 -24.98 0.28 41.32
CA TYR C 429 -24.28 1.52 41.67
C TYR C 429 -24.95 2.78 41.12
N PRO C 430 -26.07 3.22 41.69
CA PRO C 430 -26.85 4.29 41.07
C PRO C 430 -26.25 5.69 41.19
N LEU C 431 -25.28 5.90 42.09
CA LEU C 431 -24.67 7.23 42.21
C LEU C 431 -23.68 7.47 41.09
N GLY C 432 -22.60 6.70 41.07
CA GLY C 432 -21.60 6.84 40.05
C GLY C 432 -21.14 5.46 39.62
N ARG C 433 -20.73 5.34 38.36
CA ARG C 433 -20.16 4.07 37.94
C ARG C 433 -18.78 3.88 38.52
N GLN C 434 -17.96 4.93 38.50
CA GLN C 434 -16.58 4.83 38.93
C GLN C 434 -16.22 6.08 39.74
N ILE C 435 -14.95 6.12 40.13
CA ILE C 435 -14.38 7.14 41.00
C ILE C 435 -14.35 8.53 40.33
N ARG C 436 -14.37 8.57 38.99
CA ARG C 436 -14.40 9.84 38.25
C ARG C 436 -15.68 10.63 38.52
N GLU C 437 -16.81 9.98 38.33
CA GLU C 437 -18.11 10.63 38.34
C GLU C 437 -18.60 10.95 39.72
N LEU C 438 -17.94 10.41 40.75
CA LEU C 438 -18.28 10.78 42.12
C LEU C 438 -17.87 12.21 42.40
N TYR C 439 -16.77 12.66 41.78
CA TYR C 439 -16.41 14.08 41.81
C TYR C 439 -17.45 14.92 41.11
N CYS C 440 -18.05 14.37 40.04
CA CYS C 440 -19.03 15.11 39.27
C CYS C 440 -20.34 15.27 40.03
N THR C 441 -20.79 14.21 40.69
CA THR C 441 -22.11 14.27 41.31
C THR C 441 -22.12 15.03 42.62
N CYS C 442 -20.97 15.26 43.23
CA CYS C 442 -20.96 16.04 44.46
C CYS C 442 -20.56 17.47 44.24
N LEU C 443 -20.57 17.93 42.99
CA LEU C 443 -20.30 19.33 42.74
C LEU C 443 -21.23 20.00 41.75
N GLU C 444 -21.96 19.26 40.91
CA GLU C 444 -22.87 19.92 39.98
C GLU C 444 -24.10 20.40 40.72
N LYS C 445 -24.87 19.46 41.24
CA LYS C 445 -25.86 19.78 42.23
C LYS C 445 -25.25 19.63 43.61
N ASN C 446 -25.92 20.20 44.60
CA ASN C 446 -25.60 19.84 45.97
C ASN C 446 -26.06 18.42 46.21
N ILE C 447 -25.24 17.68 46.95
CA ILE C 447 -25.27 16.22 46.85
C ILE C 447 -26.45 15.66 47.62
N TRP C 448 -26.74 16.21 48.80
CA TRP C 448 -27.88 15.76 49.57
C TRP C 448 -29.14 16.44 49.12
N ASP C 449 -29.01 17.56 48.41
CA ASP C 449 -30.14 18.14 47.69
C ASP C 449 -30.57 17.25 46.54
N SER C 450 -29.61 16.62 45.87
CA SER C 450 -29.89 15.87 44.67
C SER C 450 -30.57 14.54 44.98
N GLU C 451 -31.33 14.05 44.00
CA GLU C 451 -32.08 12.80 44.12
C GLU C 451 -31.17 11.57 44.08
N GLU C 452 -29.93 11.72 43.62
CA GLU C 452 -29.09 10.55 43.43
C GLU C 452 -28.50 10.07 44.75
N TYR C 453 -28.03 10.98 45.60
CA TYR C 453 -27.62 10.54 46.92
C TYR C 453 -28.81 10.23 47.81
N ALA C 454 -29.96 10.81 47.51
CA ALA C 454 -31.21 10.35 48.10
C ALA C 454 -31.50 8.90 47.72
N SER C 455 -31.17 8.51 46.48
CA SER C 455 -31.36 7.13 46.06
C SER C 455 -30.34 6.20 46.70
N VAL C 456 -29.13 6.69 46.97
CA VAL C 456 -28.14 5.88 47.69
C VAL C 456 -28.57 5.67 49.13
N LEU C 457 -29.05 6.74 49.77
CA LEU C 457 -29.52 6.69 51.15
C LEU C 457 -30.77 5.83 51.28
N GLN C 458 -31.64 5.86 50.27
CA GLN C 458 -32.76 4.92 50.23
C GLN C 458 -32.30 3.50 49.96
N LEU C 459 -31.18 3.35 49.24
CA LEU C 459 -30.66 2.02 48.95
C LEU C 459 -30.00 1.42 50.17
N LEU C 460 -29.21 2.22 50.88
CA LEU C 460 -28.27 1.74 51.89
C LEU C 460 -28.91 1.23 53.17
N ARG C 461 -30.22 1.40 53.34
CA ARG C 461 -30.88 0.94 54.55
C ARG C 461 -30.99 -0.57 54.57
N MET C 462 -31.67 -1.13 53.58
CA MET C 462 -31.94 -2.57 53.56
C MET C 462 -30.88 -3.36 52.81
N LEU C 463 -29.70 -2.76 52.62
CA LEU C 463 -28.52 -3.49 52.18
C LEU C 463 -27.68 -4.00 53.33
N ALA C 464 -28.18 -3.90 54.58
CA ALA C 464 -27.51 -3.97 55.90
C ALA C 464 -26.95 -5.34 56.26
N LYS C 465 -26.88 -6.30 55.35
CA LYS C 465 -26.49 -7.68 55.66
C LYS C 465 -24.97 -7.80 55.79
N ASP C 466 -24.49 -9.04 55.78
CA ASP C 466 -23.07 -9.30 55.95
C ASP C 466 -22.25 -8.94 54.72
N GLU C 467 -22.88 -8.69 53.58
CA GLU C 467 -22.16 -8.10 52.46
C GLU C 467 -21.74 -6.68 52.77
N LEU C 468 -22.63 -5.92 53.42
CA LEU C 468 -22.31 -4.55 53.81
C LEU C 468 -21.31 -4.51 54.95
N MET C 469 -21.42 -5.43 55.90
CA MET C 469 -20.48 -5.49 57.03
C MET C 469 -19.11 -5.98 56.57
N THR C 470 -19.12 -6.96 55.65
CA THR C 470 -17.90 -7.50 55.09
C THR C 470 -17.20 -6.45 54.23
N ILE C 471 -17.95 -5.67 53.47
CA ILE C 471 -17.30 -4.65 52.67
C ILE C 471 -17.02 -3.40 53.50
N LEU C 472 -17.66 -3.24 54.66
CA LEU C 472 -17.24 -2.20 55.59
C LEU C 472 -15.89 -2.55 56.17
N GLU C 473 -15.71 -3.83 56.48
CA GLU C 473 -14.41 -4.34 56.90
C GLU C 473 -13.38 -4.22 55.79
N LYS C 474 -13.77 -4.50 54.55
CA LYS C 474 -12.81 -4.49 53.46
C LYS C 474 -12.43 -3.06 53.04
N CYS C 475 -13.43 -2.18 52.94
CA CYS C 475 -13.15 -0.77 52.66
C CYS C 475 -12.38 -0.15 53.81
N PHE C 476 -12.71 -0.55 55.04
CA PHE C 476 -11.96 -0.14 56.21
C PHE C 476 -10.52 -0.65 56.17
N LYS C 477 -10.29 -1.82 55.57
CA LYS C 477 -8.92 -2.31 55.45
C LYS C 477 -8.13 -1.52 54.43
N VAL C 478 -8.77 -1.11 53.32
CA VAL C 478 -8.02 -0.35 52.33
C VAL C 478 -7.79 1.09 52.80
N PHE C 479 -8.68 1.72 53.57
CA PHE C 479 -8.25 2.96 54.20
C PHE C 479 -7.76 2.75 55.63
N LYS C 480 -7.49 1.51 56.02
CA LYS C 480 -6.60 1.24 57.13
C LYS C 480 -5.18 1.27 56.62
N SER C 481 -5.00 0.91 55.35
CA SER C 481 -3.76 1.28 54.69
C SER C 481 -3.69 2.79 54.51
N TYR C 482 -4.82 3.46 54.27
CA TYR C 482 -4.82 4.92 54.26
C TYR C 482 -5.15 5.51 55.62
N CYS C 483 -5.04 4.73 56.69
CA CYS C 483 -5.24 5.31 58.01
C CYS C 483 -4.06 6.19 58.39
N GLU C 484 -2.86 5.64 58.40
CA GLU C 484 -1.68 6.45 58.60
C GLU C 484 -0.94 6.75 57.31
N ASN C 485 -1.60 6.60 56.17
CA ASN C 485 -1.08 7.17 54.93
C ASN C 485 -1.58 8.59 54.68
N HIS C 486 -2.71 8.96 55.29
CA HIS C 486 -3.00 10.38 55.41
C HIS C 486 -2.13 11.01 56.49
N LEU C 487 -1.91 10.26 57.58
CA LEU C 487 -0.86 10.41 58.59
C LEU C 487 -1.04 11.59 59.54
N GLY C 488 -1.93 12.51 59.21
CA GLY C 488 -2.47 13.46 60.15
C GLY C 488 -3.74 13.94 59.51
N SER C 489 -4.85 13.79 60.19
CA SER C 489 -6.09 14.25 59.61
C SER C 489 -6.47 15.57 60.22
N THR C 490 -7.28 16.32 59.49
CA THR C 490 -7.58 17.69 59.88
C THR C 490 -8.60 17.76 61.00
N ALA C 491 -9.28 16.66 61.31
CA ALA C 491 -10.05 16.56 62.53
C ALA C 491 -9.67 15.32 63.33
N LYS C 492 -8.53 14.70 63.00
CA LYS C 492 -8.17 13.32 63.35
C LYS C 492 -9.30 12.36 63.01
N ARG C 493 -9.83 12.54 61.80
CA ARG C 493 -10.97 11.78 61.28
C ARG C 493 -10.63 10.33 61.02
N ILE C 494 -9.33 10.02 60.87
CA ILE C 494 -8.90 8.64 60.73
C ILE C 494 -9.19 7.85 61.99
N GLU C 495 -8.80 8.36 63.15
CA GLU C 495 -9.07 7.57 64.34
C GLU C 495 -10.43 7.89 64.93
N GLU C 496 -11.05 8.99 64.50
CA GLU C 496 -12.46 9.24 64.81
C GLU C 496 -13.34 8.22 64.10
N PHE C 497 -13.17 8.11 62.79
CA PHE C 497 -13.96 7.18 62.00
C PHE C 497 -13.53 5.76 62.27
N LEU C 498 -12.23 5.55 62.53
CA LEU C 498 -11.72 4.24 62.90
C LEU C 498 -12.21 3.84 64.28
N ALA C 499 -12.43 4.81 65.17
CA ALA C 499 -13.04 4.54 66.46
C ALA C 499 -14.50 4.19 66.30
N GLN C 500 -15.15 4.70 65.25
CA GLN C 500 -16.41 4.08 64.85
C GLN C 500 -16.17 2.72 64.21
N PHE C 501 -15.19 2.64 63.30
CA PHE C 501 -14.94 1.45 62.49
C PHE C 501 -14.18 0.35 63.22
N GLN C 502 -13.94 0.43 64.52
CA GLN C 502 -13.25 -0.64 65.20
C GLN C 502 -14.20 -1.66 65.80
N SER C 503 -15.50 -1.38 65.78
CA SER C 503 -16.50 -2.32 66.25
C SER C 503 -17.10 -3.15 65.11
N LEU C 504 -16.37 -3.25 63.99
CA LEU C 504 -16.87 -4.00 62.85
C LEU C 504 -16.80 -5.50 63.07
N ASP C 505 -15.86 -5.97 63.91
CA ASP C 505 -15.75 -7.41 64.15
C ASP C 505 -16.86 -7.88 65.08
N GLU C 506 -17.20 -7.07 66.07
CA GLU C 506 -18.28 -7.38 66.98
C GLU C 506 -19.45 -6.43 66.76
N LYS C 547 -26.51 -6.57 63.80
CA LYS C 547 -27.10 -6.18 62.53
C LYS C 547 -27.80 -4.83 62.67
N PHE C 548 -27.98 -4.41 63.91
CA PHE C 548 -28.44 -3.06 64.17
C PHE C 548 -27.26 -2.09 64.13
N GLU C 549 -26.09 -2.59 64.53
CA GLU C 549 -24.93 -1.75 64.74
C GLU C 549 -24.37 -1.22 63.43
N VAL C 550 -24.52 -1.99 62.34
CA VAL C 550 -24.17 -1.53 61.01
C VAL C 550 -25.07 -0.38 60.59
N LEU C 551 -26.35 -0.44 60.95
CA LEU C 551 -27.32 0.59 60.60
C LEU C 551 -27.04 1.90 61.34
N ARG C 552 -26.90 1.83 62.67
CA ARG C 552 -26.70 3.07 63.43
C ARG C 552 -25.30 3.64 63.23
N GLU C 553 -24.29 2.76 63.11
CA GLU C 553 -22.94 3.21 62.81
C GLU C 553 -22.85 3.80 61.42
N ASN C 554 -23.64 3.27 60.48
CA ASN C 554 -23.75 3.83 59.14
C ASN C 554 -24.31 5.23 59.17
N VAL C 555 -25.40 5.41 59.95
CA VAL C 555 -26.09 6.70 60.09
C VAL C 555 -25.15 7.77 60.60
N VAL C 556 -24.42 7.48 61.68
CA VAL C 556 -23.52 8.49 62.24
C VAL C 556 -22.30 8.69 61.34
N ASN C 557 -21.89 7.66 60.60
CA ASN C 557 -20.71 7.80 59.75
C ASN C 557 -20.98 8.66 58.53
N PHE C 558 -22.09 8.42 57.82
CA PHE C 558 -22.34 9.24 56.65
C PHE C 558 -22.80 10.63 57.04
N ILE C 559 -23.47 10.78 58.18
CA ILE C 559 -23.92 12.11 58.57
C ILE C 559 -22.74 12.99 58.96
N ASP C 560 -21.83 12.47 59.81
CA ASP C 560 -20.64 13.20 60.21
C ASP C 560 -19.72 13.49 59.03
N CYS C 561 -19.52 12.47 58.18
CA CYS C 561 -18.75 12.51 56.96
C CYS C 561 -19.22 13.58 55.98
N LEU C 562 -20.48 13.46 55.55
CA LEU C 562 -20.88 14.24 54.42
C LEU C 562 -21.35 15.62 54.82
N VAL C 563 -22.00 15.74 55.97
CA VAL C 563 -22.42 17.05 56.41
C VAL C 563 -21.23 17.83 56.99
N ARG C 564 -20.17 17.15 57.43
CA ARG C 564 -19.06 17.91 58.02
C ARG C 564 -18.16 18.53 56.95
N GLU C 565 -17.70 17.74 55.98
CA GLU C 565 -16.71 18.26 55.04
C GLU C 565 -17.17 18.26 53.60
N TYR C 566 -17.91 17.26 53.20
CA TYR C 566 -18.21 16.96 51.82
C TYR C 566 -19.23 17.96 51.28
N LEU C 567 -18.72 19.08 50.79
CA LEU C 567 -19.55 20.23 50.48
C LEU C 567 -18.99 20.90 49.24
N LEU C 568 -19.68 21.96 48.81
CA LEU C 568 -19.29 22.65 47.60
C LEU C 568 -18.12 23.57 47.89
N PRO C 569 -16.99 23.42 47.20
CA PRO C 569 -15.75 24.13 47.59
C PRO C 569 -15.74 25.65 47.38
N PRO C 570 -16.42 26.27 46.32
CA PRO C 570 -16.35 27.75 46.26
C PRO C 570 -17.00 28.51 47.40
N GLU C 571 -18.26 28.22 47.72
CA GLU C 571 -18.97 29.01 48.70
C GLU C 571 -18.55 28.68 50.12
N THR C 572 -18.14 27.42 50.36
CA THR C 572 -17.66 27.04 51.68
C THR C 572 -16.31 27.67 51.98
N GLN C 573 -15.49 27.88 50.96
CA GLN C 573 -14.12 28.31 51.17
C GLN C 573 -13.79 29.61 50.47
N PRO C 574 -13.51 30.68 51.20
CA PRO C 574 -12.88 31.85 50.59
C PRO C 574 -11.44 31.56 50.26
N LEU C 575 -10.87 32.44 49.40
CA LEU C 575 -9.54 32.33 48.80
C LEU C 575 -9.37 31.06 47.96
N HIS C 576 -10.45 30.53 47.43
CA HIS C 576 -10.37 29.28 46.70
C HIS C 576 -10.04 29.50 45.25
N GLU C 577 -9.93 30.76 44.83
CA GLU C 577 -9.63 31.08 43.44
C GLU C 577 -8.21 30.67 43.07
N VAL C 578 -7.31 30.67 44.04
CA VAL C 578 -5.89 30.42 43.81
C VAL C 578 -5.63 28.98 43.37
N VAL C 579 -6.47 28.07 43.81
CA VAL C 579 -6.30 26.65 43.48
C VAL C 579 -7.21 26.22 42.34
N TYR C 580 -8.29 26.94 42.10
CA TYR C 580 -9.32 26.51 41.17
C TYR C 580 -9.28 27.34 39.90
N PHE C 581 -9.27 26.67 38.76
CA PHE C 581 -9.33 27.36 37.49
C PHE C 581 -10.63 27.01 36.79
N SER C 582 -11.41 28.01 36.42
CA SER C 582 -12.74 27.80 35.87
C SER C 582 -12.99 28.78 34.72
N ALA C 583 -12.90 28.30 33.48
CA ALA C 583 -13.40 29.03 32.31
C ALA C 583 -13.71 27.99 31.23
N ALA C 584 -14.99 27.61 31.11
CA ALA C 584 -15.31 26.41 30.34
C ALA C 584 -15.29 26.67 28.85
N HIS C 585 -16.17 27.52 28.37
CA HIS C 585 -16.25 27.76 26.94
C HIS C 585 -15.26 28.81 26.48
N ALA C 586 -14.43 29.34 27.37
CA ALA C 586 -13.21 29.96 26.89
C ALA C 586 -12.20 28.90 26.50
N LEU C 587 -12.17 27.81 27.24
CA LEU C 587 -11.16 26.79 27.01
C LEU C 587 -11.52 25.87 25.87
N ARG C 588 -12.82 25.52 25.78
CA ARG C 588 -13.31 24.49 24.87
C ARG C 588 -13.07 24.87 23.42
N GLU C 589 -13.22 26.15 23.12
CA GLU C 589 -12.94 26.63 21.78
C GLU C 589 -11.45 26.68 21.50
N HIS C 590 -10.62 26.81 22.54
CA HIS C 590 -9.19 26.67 22.30
C HIS C 590 -8.82 25.22 22.05
N LEU C 591 -9.49 24.31 22.71
CA LEU C 591 -9.07 22.92 22.61
C LEU C 591 -9.81 22.17 21.52
N ASN C 592 -11.06 22.51 21.26
CA ASN C 592 -11.83 21.77 20.27
C ASN C 592 -12.78 22.77 19.64
N ALA C 593 -12.36 23.31 18.51
CA ALA C 593 -13.07 24.41 17.90
C ALA C 593 -14.00 23.91 16.81
N ALA C 594 -14.81 24.83 16.29
CA ALA C 594 -15.81 24.51 15.28
C ALA C 594 -15.86 25.65 14.27
N PRO C 595 -15.07 25.57 13.21
CA PRO C 595 -15.12 26.62 12.19
C PRO C 595 -16.36 26.52 11.33
N ARG C 596 -16.95 25.32 11.23
CA ARG C 596 -18.17 25.15 10.47
C ARG C 596 -19.36 25.81 11.13
N ILE C 597 -19.32 25.98 12.44
CA ILE C 597 -20.31 26.80 13.10
C ILE C 597 -19.96 28.28 13.01
N ALA C 598 -18.67 28.60 13.00
CA ALA C 598 -18.23 30.00 12.98
C ALA C 598 -18.54 30.68 11.66
N LEU C 599 -18.39 29.96 10.55
CA LEU C 599 -18.71 30.56 9.26
C LEU C 599 -20.20 30.63 9.04
N HIS C 600 -20.93 29.67 9.60
CA HIS C 600 -22.39 29.72 9.64
C HIS C 600 -22.87 30.94 10.41
N THR C 601 -22.22 31.24 11.53
CA THR C 601 -22.64 32.36 12.36
C THR C 601 -22.28 33.69 11.71
N ALA C 602 -21.03 33.86 11.33
CA ALA C 602 -20.60 35.12 10.75
C ALA C 602 -20.99 35.28 9.29
N LEU C 603 -21.61 34.28 8.69
CA LEU C 603 -22.21 34.47 7.38
C LEU C 603 -23.70 34.68 7.45
N ASN C 604 -24.39 33.99 8.36
CA ASN C 604 -25.82 34.21 8.47
C ASN C 604 -26.11 35.49 9.23
N ASN C 605 -25.51 35.65 10.42
CA ASN C 605 -25.68 36.85 11.22
C ASN C 605 -24.32 37.50 11.39
N PRO C 606 -23.92 38.33 10.47
CA PRO C 606 -22.69 39.10 10.65
C PRO C 606 -22.94 40.43 11.34
N TYR C 607 -23.70 40.39 12.42
CA TYR C 607 -24.02 41.59 13.16
C TYR C 607 -22.90 41.77 14.17
N TYR C 608 -22.05 42.76 13.92
CA TYR C 608 -21.19 43.24 14.97
C TYR C 608 -21.39 44.74 15.09
N TYR C 609 -22.43 45.07 15.86
CA TYR C 609 -22.62 46.24 16.71
C TYR C 609 -23.14 47.52 16.04
N LEU C 610 -23.65 47.43 14.81
CA LEU C 610 -24.53 48.50 14.30
C LEU C 610 -25.52 47.93 13.29
N LYS C 611 -26.74 47.64 13.75
CA LYS C 611 -28.00 47.57 12.98
C LYS C 611 -28.13 46.35 12.07
N ASN C 612 -27.07 45.56 11.89
CA ASN C 612 -27.04 44.56 10.82
C ASN C 612 -27.85 43.32 11.12
N GLU C 613 -28.26 43.14 12.38
CA GLU C 613 -29.12 42.05 12.76
C GLU C 613 -30.52 42.24 12.17
N ALA C 614 -31.14 41.13 11.80
CA ALA C 614 -32.50 41.14 11.27
C ALA C 614 -33.52 41.49 12.35
N ASN C 624 -28.22 44.46 5.84
CA ASN C 624 -27.96 44.89 4.47
C ASN C 624 -26.73 45.80 4.42
N ILE C 625 -26.25 46.20 5.59
CA ILE C 625 -25.16 47.15 5.70
C ILE C 625 -23.93 46.42 6.23
N ALA C 626 -22.79 46.67 5.57
CA ALA C 626 -21.42 46.16 5.70
C ALA C 626 -21.15 44.67 5.54
N PRO C 627 -21.76 43.93 4.60
CA PRO C 627 -20.95 42.92 3.91
C PRO C 627 -20.57 43.36 2.52
N ASP C 628 -19.77 42.55 1.88
CA ASP C 628 -19.98 42.22 0.49
C ASP C 628 -20.27 40.74 0.32
N ILE C 629 -19.63 39.93 1.16
CA ILE C 629 -19.61 38.50 0.99
C ILE C 629 -20.81 37.86 1.63
N CYS C 630 -21.27 38.39 2.77
CA CYS C 630 -22.44 37.81 3.40
C CYS C 630 -23.70 38.17 2.62
N ILE C 631 -23.66 39.30 1.91
CA ILE C 631 -24.65 39.61 0.90
C ILE C 631 -24.68 38.52 -0.15
N ALA C 632 -23.50 38.07 -0.59
CA ALA C 632 -23.40 37.09 -1.67
C ALA C 632 -23.86 35.71 -1.22
N TYR C 633 -23.54 35.34 0.01
CA TYR C 633 -23.93 34.03 0.50
C TYR C 633 -25.40 34.00 0.89
N LYS C 634 -25.87 35.06 1.55
CA LYS C 634 -27.26 35.14 1.99
C LYS C 634 -28.19 35.22 0.80
N LEU C 635 -27.76 35.91 -0.25
CA LEU C 635 -28.54 35.98 -1.45
C LEU C 635 -28.37 34.73 -2.29
N HIS C 636 -27.25 34.02 -2.11
CA HIS C 636 -27.11 32.71 -2.70
C HIS C 636 -28.10 31.74 -2.08
N LEU C 637 -28.25 31.78 -0.77
CA LEU C 637 -29.17 30.89 -0.10
C LEU C 637 -30.49 31.56 0.21
N GLU C 638 -30.82 32.66 -0.46
CA GLU C 638 -32.23 33.04 -0.55
C GLU C 638 -32.93 32.31 -1.69
N CYS C 639 -32.15 31.79 -2.65
CA CYS C 639 -32.63 30.86 -3.68
C CYS C 639 -31.92 29.54 -3.40
N SER C 640 -32.53 28.72 -2.57
CA SER C 640 -31.80 27.71 -1.82
C SER C 640 -31.88 26.31 -2.42
N ARG C 641 -32.10 26.18 -3.72
CA ARG C 641 -32.07 24.86 -4.34
C ARG C 641 -30.75 24.59 -5.06
N LEU C 642 -30.46 25.40 -6.07
CA LEU C 642 -29.21 25.41 -6.82
C LEU C 642 -29.16 26.78 -7.47
N ILE C 643 -28.17 27.03 -8.31
CA ILE C 643 -28.05 28.34 -8.97
C ILE C 643 -27.27 28.21 -10.27
N ASN C 644 -27.60 29.08 -11.22
CA ASN C 644 -26.80 29.42 -12.38
C ASN C 644 -26.23 30.82 -12.18
N LEU C 645 -25.38 31.25 -13.10
CA LEU C 645 -24.50 32.37 -12.78
C LEU C 645 -25.16 33.73 -12.97
N VAL C 646 -25.75 33.96 -14.14
CA VAL C 646 -26.07 35.32 -14.58
C VAL C 646 -27.28 35.87 -13.83
N ASP C 647 -28.24 35.01 -13.53
CA ASP C 647 -29.41 35.41 -12.76
C ASP C 647 -29.04 35.69 -11.32
N TRP C 648 -28.06 34.95 -10.81
CA TRP C 648 -27.53 35.22 -9.49
C TRP C 648 -26.76 36.53 -9.47
N SER C 649 -26.07 36.84 -10.58
CA SER C 649 -25.41 38.12 -10.73
C SER C 649 -26.42 39.25 -10.79
N GLU C 650 -27.56 39.00 -11.45
CA GLU C 650 -28.62 40.01 -11.50
C GLU C 650 -29.31 40.18 -10.15
N ALA C 651 -29.41 39.11 -9.36
CA ALA C 651 -30.05 39.22 -8.06
C ALA C 651 -29.17 39.96 -7.07
N PHE C 652 -27.86 39.67 -7.08
CA PHE C 652 -26.90 40.46 -6.31
C PHE C 652 -26.86 41.91 -6.78
N ALA C 653 -26.98 42.10 -8.10
CA ALA C 653 -27.03 43.43 -8.68
C ALA C 653 -28.26 44.18 -8.22
N THR C 654 -29.37 43.47 -8.05
CA THR C 654 -30.60 44.08 -7.59
C THR C 654 -30.51 44.50 -6.14
N VAL C 655 -29.90 43.67 -5.29
CA VAL C 655 -29.88 44.03 -3.88
C VAL C 655 -28.83 45.10 -3.59
N VAL C 656 -27.75 45.19 -4.36
CA VAL C 656 -26.85 46.30 -4.13
C VAL C 656 -27.22 47.50 -4.99
N THR C 657 -28.12 47.33 -5.95
CA THR C 657 -28.82 48.48 -6.52
C THR C 657 -29.71 49.11 -5.48
N ALA C 658 -30.36 48.27 -4.66
CA ALA C 658 -31.11 48.75 -3.52
C ALA C 658 -30.20 49.41 -2.49
N ALA C 659 -28.98 48.87 -2.31
CA ALA C 659 -28.02 49.51 -1.42
C ALA C 659 -27.50 50.83 -1.99
N GLU C 660 -27.45 50.96 -3.31
CA GLU C 660 -26.99 52.19 -3.94
C GLU C 660 -28.04 53.29 -3.83
N LYS C 661 -29.30 52.95 -4.09
CA LYS C 661 -30.32 53.97 -4.09
C LYS C 661 -30.78 54.33 -2.69
N MET C 662 -30.47 53.54 -1.68
CA MET C 662 -30.79 53.90 -0.30
C MET C 662 -29.65 54.66 0.37
N ASP C 663 -28.59 54.97 -0.38
CA ASP C 663 -27.55 55.88 0.10
C ASP C 663 -28.10 57.29 0.23
N THR C 668 -26.03 56.29 -15.62
CA THR C 668 -25.07 55.90 -14.60
C THR C 668 -25.07 54.41 -14.39
N SER C 669 -26.13 53.77 -14.91
CA SER C 669 -26.44 52.38 -14.56
C SER C 669 -25.43 51.40 -15.14
N GLU C 670 -24.74 51.76 -16.22
CA GLU C 670 -23.78 50.86 -16.83
C GLU C 670 -22.47 50.81 -16.05
N GLU C 671 -21.99 51.97 -15.58
CA GLU C 671 -20.81 52.01 -14.71
C GLU C 671 -21.09 51.33 -13.39
N MET C 672 -22.32 51.47 -12.90
CA MET C 672 -22.74 50.77 -11.71
C MET C 672 -22.81 49.27 -11.94
N ASN C 673 -23.21 48.86 -13.15
CA ASN C 673 -23.20 47.44 -13.51
C ASN C 673 -21.77 46.89 -13.54
N GLU C 674 -20.83 47.72 -14.00
CA GLU C 674 -19.43 47.32 -14.03
C GLU C 674 -18.85 47.14 -12.64
N ILE C 675 -19.08 48.11 -11.75
CA ILE C 675 -18.50 48.01 -10.41
C ILE C 675 -19.22 46.96 -9.58
N ILE C 676 -20.51 46.72 -9.86
CA ILE C 676 -21.25 45.69 -9.16
C ILE C 676 -20.80 44.31 -9.61
N HIS C 677 -20.51 44.17 -10.90
CA HIS C 677 -19.98 42.92 -11.45
C HIS C 677 -18.58 42.62 -10.93
N ALA C 678 -17.76 43.67 -10.76
CA ALA C 678 -16.40 43.49 -10.25
C ALA C 678 -16.40 43.06 -8.78
N ARG C 679 -17.21 43.72 -7.96
CA ARG C 679 -17.29 43.30 -6.57
C ARG C 679 -18.05 41.99 -6.42
N PHE C 680 -18.91 41.67 -7.39
CA PHE C 680 -19.55 40.36 -7.45
C PHE C 680 -18.54 39.26 -7.69
N ILE C 681 -17.63 39.46 -8.63
CA ILE C 681 -16.72 38.38 -8.96
C ILE C 681 -15.65 38.25 -7.88
N ARG C 682 -15.34 39.36 -7.19
CA ARG C 682 -14.49 39.28 -6.01
C ARG C 682 -15.17 38.55 -4.88
N ALA C 683 -16.48 38.69 -4.77
CA ALA C 683 -17.20 37.93 -3.75
C ALA C 683 -17.30 36.46 -4.13
N VAL C 684 -17.50 36.18 -5.42
CA VAL C 684 -17.85 34.84 -5.79
C VAL C 684 -16.61 33.95 -5.86
N SER C 685 -15.42 34.55 -5.99
CA SER C 685 -14.21 33.75 -5.87
C SER C 685 -13.99 33.26 -4.45
N GLU C 686 -14.35 34.09 -3.47
CA GLU C 686 -14.24 33.65 -2.08
C GLU C 686 -15.32 32.64 -1.76
N LEU C 687 -16.52 32.82 -2.32
CA LEU C 687 -17.59 31.86 -2.05
C LEU C 687 -17.35 30.52 -2.72
N GLU C 688 -16.57 30.49 -3.80
CA GLU C 688 -16.00 29.21 -4.19
C GLU C 688 -14.96 28.75 -3.19
N LEU C 689 -14.11 29.67 -2.73
CA LEU C 689 -12.86 29.33 -2.06
C LEU C 689 -13.08 28.72 -0.70
N LEU C 690 -14.13 29.11 -0.01
CA LEU C 690 -14.27 28.74 1.39
C LEU C 690 -15.16 27.53 1.59
N GLY C 691 -15.07 26.53 0.73
CA GLY C 691 -15.73 25.27 0.98
C GLY C 691 -17.16 25.22 0.52
N PHE C 692 -17.75 26.34 0.17
CA PHE C 692 -18.96 26.37 -0.62
C PHE C 692 -18.58 26.27 -2.08
N ILE C 693 -19.52 26.64 -2.93
CA ILE C 693 -19.85 26.11 -4.26
C ILE C 693 -18.69 25.59 -5.10
N LYS C 694 -18.82 24.35 -5.55
CA LYS C 694 -17.81 23.73 -6.37
C LYS C 694 -18.13 24.03 -7.82
N PRO C 695 -17.14 24.33 -8.66
CA PRO C 695 -17.43 24.79 -10.02
C PRO C 695 -17.98 23.68 -10.90
N THR C 696 -18.99 24.03 -11.68
CA THR C 696 -19.76 23.08 -12.48
C THR C 696 -19.20 23.10 -13.90
N LYS C 697 -18.31 22.16 -14.17
CA LYS C 697 -17.51 22.17 -15.39
C LYS C 697 -18.31 21.70 -16.59
N GLN C 698 -17.92 22.20 -17.77
CA GLN C 698 -18.32 21.91 -19.15
C GLN C 698 -19.71 22.45 -19.49
N LYS C 699 -20.48 22.95 -18.53
CA LYS C 699 -21.77 23.54 -18.85
C LYS C 699 -21.59 24.99 -19.25
N THR C 700 -22.72 25.69 -19.43
CA THR C 700 -22.67 27.09 -19.85
C THR C 700 -22.15 27.97 -18.71
N ASP C 701 -22.77 27.85 -17.53
CA ASP C 701 -22.21 27.94 -16.18
C ASP C 701 -23.35 27.70 -15.19
N HIS C 702 -22.96 27.29 -13.99
CA HIS C 702 -23.83 27.13 -12.82
C HIS C 702 -22.92 27.03 -11.62
N VAL C 703 -23.53 27.07 -10.44
CA VAL C 703 -22.82 26.69 -9.22
C VAL C 703 -23.66 25.65 -8.49
N ALA C 704 -22.98 24.80 -7.74
CA ALA C 704 -23.61 23.64 -7.12
C ALA C 704 -23.64 23.80 -5.61
N ARG C 705 -24.84 23.68 -5.02
CA ARG C 705 -25.03 23.85 -3.59
C ARG C 705 -24.45 22.67 -2.84
N LEU C 706 -23.21 22.83 -2.39
CA LEU C 706 -22.48 21.70 -1.82
C LEU C 706 -22.67 21.57 -0.32
N THR C 707 -23.08 22.64 0.36
CA THR C 707 -23.26 22.60 1.80
C THR C 707 -24.62 23.18 2.13
N TRP C 708 -25.42 22.41 2.85
CA TRP C 708 -26.81 22.75 3.13
C TRP C 708 -26.96 23.53 4.43
N THR D 14 28.06 -48.71 -25.13
CA THR D 14 29.11 -48.86 -26.12
C THR D 14 29.63 -47.49 -26.54
N GLU D 15 30.44 -47.49 -27.61
CA GLU D 15 30.86 -46.23 -28.22
C GLU D 15 29.70 -45.50 -28.86
N CYS D 16 28.76 -46.28 -29.43
CA CYS D 16 27.77 -45.76 -30.36
C CYS D 16 26.75 -44.88 -29.66
N LEU D 17 26.21 -45.32 -28.52
CA LEU D 17 25.10 -44.63 -27.88
C LEU D 17 25.53 -43.29 -27.29
N SER D 18 26.69 -43.26 -26.65
CA SER D 18 27.21 -42.01 -26.11
C SER D 18 27.66 -41.09 -27.22
N GLN D 19 28.21 -41.66 -28.28
CA GLN D 19 28.68 -40.81 -29.37
C GLN D 19 27.52 -40.26 -30.18
N VAL D 20 26.45 -41.02 -30.35
CA VAL D 20 25.29 -40.53 -31.09
C VAL D 20 24.54 -39.52 -30.24
N GLN D 21 24.60 -39.65 -28.92
CA GLN D 21 23.93 -38.69 -28.07
C GLN D 21 24.68 -37.37 -28.05
N ARG D 22 26.00 -37.45 -27.99
CA ARG D 22 26.84 -36.27 -28.06
C ARG D 22 26.73 -35.57 -29.41
N ILE D 23 26.70 -36.33 -30.50
CA ILE D 23 26.76 -35.66 -31.78
C ILE D 23 25.38 -35.21 -32.23
N LEU D 24 24.32 -35.81 -31.73
CA LEU D 24 23.01 -35.38 -32.18
C LEU D 24 22.44 -34.33 -31.26
N ARG D 25 22.89 -34.33 -30.00
CA ARG D 25 22.30 -33.48 -28.99
C ARG D 25 22.62 -32.02 -29.22
N GLU D 26 23.82 -31.74 -29.75
CA GLU D 26 24.23 -30.36 -29.96
C GLU D 26 23.49 -29.72 -31.10
N ARG D 27 23.43 -30.40 -32.25
CA ARG D 27 22.68 -29.87 -33.38
C ARG D 27 21.19 -29.92 -33.18
N PHE D 28 20.71 -30.73 -32.24
CA PHE D 28 19.30 -30.60 -31.91
C PHE D 28 19.02 -29.42 -31.00
N CYS D 29 19.51 -29.47 -29.77
CA CYS D 29 18.94 -28.62 -28.75
C CYS D 29 19.81 -27.45 -28.37
N ARG D 30 21.06 -27.41 -28.80
CA ARG D 30 21.86 -26.22 -28.68
C ARG D 30 21.73 -25.33 -29.92
N GLN D 31 20.97 -25.82 -30.91
CA GLN D 31 20.94 -25.38 -32.31
C GLN D 31 22.34 -25.05 -32.84
N SER D 32 23.17 -26.08 -32.83
CA SER D 32 24.52 -25.99 -33.31
C SER D 32 24.54 -25.86 -34.83
N PRO D 33 25.62 -25.31 -35.43
CA PRO D 33 25.65 -25.12 -36.89
C PRO D 33 25.72 -26.40 -37.70
N HIS D 34 24.57 -27.03 -37.92
CA HIS D 34 24.51 -28.10 -38.91
C HIS D 34 24.50 -27.48 -40.30
N SER D 35 25.18 -28.15 -41.22
CA SER D 35 25.48 -27.55 -42.50
C SER D 35 24.31 -27.56 -43.47
N ASN D 36 23.34 -28.44 -43.26
CA ASN D 36 22.18 -28.44 -44.12
C ASN D 36 21.28 -27.26 -43.78
N LEU D 37 20.86 -26.55 -44.79
CA LEU D 37 19.93 -25.45 -44.63
C LEU D 37 18.94 -25.55 -45.77
N PHE D 38 17.66 -25.37 -45.45
CA PHE D 38 16.65 -25.62 -46.45
C PHE D 38 15.61 -24.52 -46.45
N GLY D 39 15.21 -24.13 -47.66
CA GLY D 39 14.17 -23.14 -47.87
C GLY D 39 14.67 -21.72 -47.90
N VAL D 40 15.98 -21.52 -47.78
CA VAL D 40 16.54 -20.19 -47.53
C VAL D 40 17.65 -19.84 -48.51
N GLN D 41 17.75 -20.57 -49.62
CA GLN D 41 18.93 -20.49 -50.48
C GLN D 41 18.95 -19.21 -51.28
N VAL D 42 17.78 -18.74 -51.69
CA VAL D 42 17.70 -17.54 -52.51
C VAL D 42 17.95 -16.29 -51.68
N GLN D 43 17.48 -16.27 -50.43
CA GLN D 43 17.73 -15.12 -49.56
C GLN D 43 19.17 -15.07 -49.12
N TYR D 44 19.78 -16.23 -48.93
CA TYR D 44 21.20 -16.32 -48.62
C TYR D 44 22.04 -15.84 -49.78
N LYS D 45 21.68 -16.24 -50.99
CA LYS D 45 22.43 -15.83 -52.17
C LYS D 45 22.21 -14.36 -52.46
N HIS D 46 21.06 -13.83 -52.06
CA HIS D 46 20.85 -12.39 -52.06
C HIS D 46 21.77 -11.69 -51.07
N LEU D 47 22.00 -12.31 -49.93
CA LEU D 47 22.81 -11.64 -48.91
C LEU D 47 24.29 -11.66 -49.23
N SER D 48 24.77 -12.72 -49.88
CA SER D 48 26.20 -13.03 -49.91
C SER D 48 27.00 -12.04 -50.72
N GLU D 49 26.54 -11.70 -51.92
CA GLU D 49 27.30 -10.77 -52.75
C GLU D 49 27.19 -9.34 -52.24
N LEU D 50 26.06 -9.03 -51.57
CA LEU D 50 25.92 -7.76 -50.88
C LEU D 50 26.93 -7.63 -49.76
N LEU D 51 27.10 -8.72 -49.01
CA LEU D 51 28.08 -8.74 -47.94
C LEU D 51 29.50 -8.69 -48.48
N LYS D 52 29.73 -9.33 -49.63
CA LYS D 52 31.05 -9.34 -50.23
C LYS D 52 31.43 -7.98 -50.79
N ARG D 53 30.47 -7.24 -51.32
CA ARG D 53 30.83 -5.94 -51.85
C ARG D 53 30.81 -4.86 -50.81
N THR D 54 30.06 -5.04 -49.72
CA THR D 54 30.22 -4.12 -48.61
C THR D 54 31.47 -4.40 -47.81
N ALA D 55 31.95 -5.65 -47.84
CA ALA D 55 33.09 -6.02 -47.05
C ALA D 55 34.40 -5.80 -47.79
N LEU D 56 34.45 -6.17 -49.06
CA LEU D 56 35.68 -6.07 -49.83
C LEU D 56 35.98 -4.64 -50.23
N HIS D 57 34.96 -3.79 -50.28
CA HIS D 57 35.12 -2.42 -50.67
C HIS D 57 34.65 -1.52 -49.53
N GLY D 58 35.01 -0.24 -49.63
CA GLY D 58 34.78 0.68 -48.52
C GLY D 58 33.34 1.12 -48.37
N GLU D 59 32.49 0.84 -49.35
CA GLU D 59 31.11 1.28 -49.35
C GLU D 59 30.30 0.50 -48.33
N SER D 60 29.22 1.13 -47.88
CA SER D 60 28.47 0.66 -46.73
C SER D 60 26.99 0.62 -47.05
N ASN D 61 26.44 -0.58 -47.14
CA ASN D 61 25.01 -0.76 -47.37
C ASN D 61 24.47 -1.59 -46.22
N SER D 62 23.24 -1.29 -45.79
CA SER D 62 22.76 -1.70 -44.45
C SER D 62 21.47 -2.49 -44.53
N VAL D 63 21.60 -3.79 -44.83
CA VAL D 63 20.46 -4.65 -45.13
C VAL D 63 19.69 -4.98 -43.85
N LEU D 64 18.44 -5.41 -44.02
CA LEU D 64 17.55 -5.67 -42.90
C LEU D 64 16.79 -6.96 -43.13
N ILE D 65 16.66 -7.76 -42.07
CA ILE D 65 16.03 -9.08 -42.13
C ILE D 65 14.86 -9.10 -41.18
N ILE D 66 13.71 -9.58 -41.67
CA ILE D 66 12.53 -9.82 -40.85
C ILE D 66 12.06 -11.25 -41.07
N GLY D 67 11.83 -11.97 -39.98
CA GLY D 67 11.13 -13.23 -40.02
C GLY D 67 10.41 -13.50 -38.72
N PRO D 68 9.75 -14.64 -38.60
CA PRO D 68 9.14 -15.01 -37.33
C PRO D 68 10.18 -15.56 -36.37
N ARG D 69 9.76 -15.71 -35.11
CA ARG D 69 10.61 -16.27 -34.08
C ARG D 69 10.85 -17.76 -34.32
N GLY D 70 12.02 -18.24 -33.92
CA GLY D 70 12.30 -19.65 -34.01
C GLY D 70 12.70 -20.14 -35.39
N SER D 71 12.90 -19.25 -36.35
CA SER D 71 13.22 -19.70 -37.69
C SER D 71 14.27 -18.77 -38.27
N GLY D 72 15.27 -19.35 -38.91
CA GLY D 72 16.05 -18.55 -39.82
C GLY D 72 17.24 -17.82 -39.23
N LYS D 73 16.96 -16.59 -38.80
CA LYS D 73 17.83 -15.42 -38.85
C LYS D 73 19.27 -15.62 -38.41
N THR D 74 19.46 -16.05 -37.16
CA THR D 74 20.77 -16.10 -36.54
C THR D 74 21.65 -17.15 -37.19
N MET D 75 21.04 -18.27 -37.56
CA MET D 75 21.73 -19.34 -38.27
C MET D 75 22.21 -18.86 -39.63
N LEU D 76 21.37 -18.11 -40.32
CA LEU D 76 21.71 -17.62 -41.66
C LEU D 76 22.84 -16.61 -41.60
N ILE D 77 22.76 -15.67 -40.65
CA ILE D 77 23.73 -14.61 -40.62
C ILE D 77 25.06 -15.12 -40.11
N ASN D 78 25.05 -16.11 -39.22
CA ASN D 78 26.31 -16.68 -38.79
C ASN D 78 26.91 -17.60 -39.83
N HIS D 79 26.06 -18.26 -40.63
CA HIS D 79 26.58 -19.14 -41.67
C HIS D 79 27.21 -18.34 -42.80
N ALA D 80 26.54 -17.26 -43.20
CA ALA D 80 27.11 -16.35 -44.18
C ALA D 80 28.33 -15.64 -43.63
N LEU D 81 28.32 -15.39 -42.33
CA LEU D 81 29.46 -14.76 -41.67
C LEU D 81 30.67 -15.67 -41.67
N LYS D 82 30.46 -16.94 -41.38
CA LYS D 82 31.55 -17.90 -41.35
C LYS D 82 32.11 -18.15 -42.73
N GLU D 83 31.23 -18.21 -43.74
CA GLU D 83 31.68 -18.41 -45.11
C GLU D 83 32.38 -17.19 -45.65
N LEU D 84 32.01 -16.00 -45.19
CA LEU D 84 32.74 -14.81 -45.59
C LEU D 84 34.08 -14.71 -44.87
N MET D 85 34.13 -15.14 -43.62
CA MET D 85 35.37 -15.09 -42.86
C MET D 85 36.38 -16.11 -43.35
N GLU D 86 35.90 -17.17 -44.02
CA GLU D 86 36.80 -18.10 -44.71
C GLU D 86 37.62 -17.41 -45.79
N ILE D 87 37.02 -16.47 -46.50
CA ILE D 87 37.76 -15.71 -47.50
C ILE D 87 38.61 -14.66 -46.81
N GLU D 88 39.91 -14.69 -47.09
CA GLU D 88 40.85 -13.71 -46.59
C GLU D 88 41.09 -12.66 -47.65
N GLU D 89 41.45 -11.45 -47.19
CA GLU D 89 41.82 -10.28 -47.99
C GLU D 89 40.78 -9.84 -49.02
N SER D 91 42.63 -12.38 -42.35
CA SER D 91 41.30 -12.44 -41.77
C SER D 91 40.47 -11.25 -42.22
N GLU D 92 41.01 -10.54 -43.22
CA GLU D 92 40.43 -9.44 -43.98
C GLU D 92 40.28 -8.13 -43.20
N ASN D 93 40.57 -8.18 -41.89
CA ASN D 93 40.41 -7.09 -40.91
C ASN D 93 39.02 -6.45 -40.94
N VAL D 94 38.01 -7.29 -41.13
CA VAL D 94 36.65 -6.91 -40.87
C VAL D 94 36.42 -7.18 -39.39
N LEU D 95 35.99 -6.16 -38.67
CA LEU D 95 35.91 -6.27 -37.23
C LEU D 95 34.42 -6.30 -36.90
N GLN D 96 33.89 -7.51 -36.82
CA GLN D 96 32.48 -7.69 -36.52
C GLN D 96 32.20 -7.30 -35.07
N VAL D 97 30.97 -6.89 -34.83
CA VAL D 97 30.57 -6.47 -33.51
C VAL D 97 29.16 -7.03 -33.32
N HIS D 98 28.99 -7.84 -32.28
CA HIS D 98 27.71 -8.46 -32.02
C HIS D 98 26.97 -7.64 -30.98
N LEU D 99 25.81 -7.14 -31.35
CA LEU D 99 24.94 -6.49 -30.40
C LEU D 99 23.69 -7.31 -30.25
N ASN D 100 23.05 -7.16 -29.10
CA ASN D 100 21.74 -7.73 -28.87
C ASN D 100 20.79 -6.61 -28.50
N GLY D 101 19.50 -6.82 -28.76
CA GLY D 101 18.52 -5.89 -28.24
C GLY D 101 18.22 -6.08 -26.78
N LEU D 102 18.57 -7.23 -26.21
CA LEU D 102 18.11 -7.52 -24.85
C LEU D 102 19.03 -6.94 -23.79
N LEU D 103 20.34 -7.01 -24.01
CA LEU D 103 21.26 -6.61 -22.94
C LEU D 103 21.41 -5.10 -22.90
N GLN D 104 21.88 -4.52 -23.99
CA GLN D 104 22.15 -3.08 -24.07
C GLN D 104 20.82 -2.38 -24.22
N ILE D 105 20.23 -2.00 -23.09
CA ILE D 105 18.92 -1.38 -23.12
C ILE D 105 19.03 0.11 -23.39
N ASN D 106 20.12 0.74 -22.98
CA ASN D 106 20.24 2.19 -23.04
C ASN D 106 21.50 2.59 -23.79
N ASP D 107 21.64 3.91 -23.93
CA ASP D 107 22.67 4.49 -24.79
C ASP D 107 24.03 4.38 -24.14
N LYS D 108 24.10 4.64 -22.83
CA LYS D 108 25.37 4.62 -22.11
C LYS D 108 25.92 3.21 -22.01
N ILE D 109 25.04 2.21 -21.95
CA ILE D 109 25.47 0.82 -21.98
C ILE D 109 25.96 0.45 -23.37
N ALA D 110 25.28 0.95 -24.40
CA ALA D 110 25.60 0.60 -25.78
C ALA D 110 26.94 1.18 -26.19
N LEU D 111 27.26 2.37 -25.68
CA LEU D 111 28.52 3.02 -25.99
C LEU D 111 29.70 2.26 -25.42
N LYS D 112 29.60 1.87 -24.16
CA LYS D 112 30.66 1.08 -23.55
C LYS D 112 30.68 -0.35 -24.05
N GLU D 113 29.58 -0.84 -24.61
CA GLU D 113 29.60 -2.15 -25.21
C GLU D 113 30.37 -2.14 -26.53
N ILE D 114 30.19 -1.09 -27.33
CA ILE D 114 30.98 -0.95 -28.55
C ILE D 114 32.44 -0.71 -28.21
N THR D 115 32.69 -0.02 -27.08
CA THR D 115 34.05 0.13 -26.55
C THR D 115 34.65 -1.20 -26.15
N ARG D 116 33.83 -2.10 -25.61
CA ARG D 116 34.29 -3.42 -25.24
C ARG D 116 34.63 -4.25 -26.48
N GLN D 117 33.78 -4.18 -27.52
CA GLN D 117 33.96 -5.06 -28.67
C GLN D 117 35.13 -4.64 -29.52
N LEU D 118 35.45 -3.35 -29.53
CA LEU D 118 36.42 -2.83 -30.47
C LEU D 118 37.80 -2.66 -29.88
N ASN D 119 38.02 -3.21 -28.67
CA ASN D 119 39.30 -3.23 -27.96
C ASN D 119 39.84 -1.82 -27.75
N LEU D 120 38.95 -0.91 -27.40
CA LEU D 120 39.32 0.49 -27.41
C LEU D 120 40.16 0.89 -26.21
N GLU D 121 40.01 0.20 -25.06
CA GLU D 121 40.53 0.64 -23.76
C GLU D 121 42.11 0.67 -23.63
N ASN D 122 42.87 0.40 -24.71
CA ASN D 122 44.25 0.81 -24.79
C ASN D 122 44.36 2.34 -24.73
N VAL D 123 43.58 3.03 -25.55
CA VAL D 123 43.43 4.48 -25.40
C VAL D 123 42.23 4.71 -24.49
N VAL D 124 42.37 5.61 -23.52
CA VAL D 124 41.48 5.58 -22.37
C VAL D 124 40.11 6.20 -22.71
N GLY D 125 40.10 7.34 -23.39
CA GLY D 125 38.86 7.97 -23.85
C GLY D 125 37.90 8.40 -22.76
N ASP D 126 38.43 8.83 -21.62
CA ASP D 126 37.63 8.95 -20.40
C ASP D 126 37.04 10.35 -20.24
N LYS D 127 36.34 10.78 -21.28
CA LYS D 127 35.61 12.05 -21.23
C LYS D 127 34.27 11.82 -21.91
N VAL D 128 33.19 12.06 -21.16
CA VAL D 128 31.87 11.97 -21.77
C VAL D 128 31.67 13.19 -22.66
N PHE D 129 31.49 12.94 -23.95
CA PHE D 129 31.17 14.01 -24.88
C PHE D 129 29.67 14.20 -24.92
N GLY D 130 29.25 15.42 -25.22
CA GLY D 130 27.84 15.75 -25.27
C GLY D 130 27.15 15.16 -26.48
N SER D 131 27.56 15.58 -27.67
CA SER D 131 26.98 15.05 -28.90
C SER D 131 27.52 13.66 -29.15
N PHE D 132 26.63 12.68 -29.22
CA PHE D 132 27.04 11.29 -29.31
C PHE D 132 27.37 10.87 -30.73
N ALA D 133 27.07 11.73 -31.71
CA ALA D 133 27.64 11.56 -33.02
C ALA D 133 29.15 11.72 -33.00
N GLU D 134 29.63 12.68 -32.20
CA GLU D 134 31.07 12.83 -31.98
C GLU D 134 31.64 11.64 -31.21
N ASN D 135 30.85 11.05 -30.32
CA ASN D 135 31.25 9.86 -29.58
C ASN D 135 31.45 8.69 -30.52
N LEU D 136 30.42 8.39 -31.33
CA LEU D 136 30.46 7.30 -32.30
C LEU D 136 31.51 7.54 -33.37
N SER D 137 31.66 8.79 -33.78
CA SER D 137 32.67 9.15 -34.76
C SER D 137 34.06 9.05 -34.18
N PHE D 138 34.19 9.25 -32.86
CA PHE D 138 35.48 9.07 -32.23
C PHE D 138 35.84 7.60 -32.15
N LEU D 139 34.86 6.74 -31.89
CA LEU D 139 35.06 5.30 -31.90
C LEU D 139 35.50 4.83 -33.27
N LEU D 140 34.77 5.24 -34.30
CA LEU D 140 35.11 4.93 -35.67
C LEU D 140 36.39 5.61 -36.12
N GLU D 141 36.71 6.76 -35.54
CA GLU D 141 37.87 7.53 -35.92
C GLU D 141 39.14 6.90 -35.40
N ALA D 142 39.14 6.55 -34.11
CA ALA D 142 40.28 5.86 -33.52
C ALA D 142 40.41 4.44 -34.04
N LEU D 143 39.31 3.86 -34.52
CA LEU D 143 39.44 2.61 -35.24
C LEU D 143 40.09 2.83 -36.59
N LYS D 144 39.64 3.85 -37.33
CA LYS D 144 40.03 4.03 -38.72
C LYS D 144 41.50 4.45 -38.84
N LYS D 145 42.00 5.19 -37.86
CA LYS D 145 43.43 5.45 -37.84
C LYS D 145 44.21 4.21 -37.44
N GLY D 146 43.62 3.35 -36.62
CA GLY D 146 44.24 2.07 -36.29
C GLY D 146 44.17 1.08 -37.43
N CYS D 152 39.40 0.36 -42.30
CA CYS D 152 39.15 -0.71 -41.34
C CYS D 152 37.64 -1.04 -41.28
N PRO D 153 37.25 -2.15 -41.90
CA PRO D 153 35.82 -2.50 -41.93
C PRO D 153 35.25 -3.01 -40.61
N VAL D 154 33.97 -2.73 -40.41
CA VAL D 154 33.21 -3.31 -39.32
C VAL D 154 31.89 -3.82 -39.88
N ILE D 155 31.30 -4.77 -39.17
CA ILE D 155 29.99 -5.28 -39.51
C ILE D 155 29.15 -5.29 -38.25
N PHE D 156 28.05 -4.56 -38.27
CA PHE D 156 27.17 -4.42 -37.13
C PHE D 156 26.03 -5.41 -37.24
N ILE D 157 25.98 -6.32 -36.29
CA ILE D 157 24.91 -7.29 -36.24
C ILE D 157 24.01 -6.86 -35.08
N LEU D 158 22.89 -6.27 -35.43
CA LEU D 158 22.05 -5.59 -34.46
C LEU D 158 20.86 -6.49 -34.21
N ASP D 159 21.05 -7.44 -33.29
CA ASP D 159 20.04 -8.43 -33.00
C ASP D 159 18.95 -7.84 -32.13
N GLU D 160 17.74 -8.36 -32.33
CA GLU D 160 16.52 -8.07 -31.57
C GLU D 160 16.19 -6.57 -31.63
N PHE D 161 15.88 -6.15 -32.85
CA PHE D 161 15.76 -4.75 -33.18
C PHE D 161 14.51 -4.09 -32.59
N ASP D 162 13.50 -4.88 -32.24
CA ASP D 162 12.26 -4.31 -31.75
C ASP D 162 12.41 -3.76 -30.34
N LEU D 163 13.22 -4.41 -29.52
CA LEU D 163 13.58 -3.84 -28.24
C LEU D 163 14.51 -2.66 -28.40
N PHE D 164 15.30 -2.66 -29.47
CA PHE D 164 16.19 -1.56 -29.76
C PHE D 164 15.45 -0.32 -30.22
N ALA D 165 14.23 -0.47 -30.71
CA ALA D 165 13.42 0.65 -31.11
C ALA D 165 12.73 1.36 -29.93
N HIS D 166 13.10 1.09 -28.69
CA HIS D 166 12.52 1.74 -27.53
C HIS D 166 13.55 2.52 -26.75
N HIS D 167 14.43 3.23 -27.45
CA HIS D 167 15.30 4.16 -26.76
C HIS D 167 14.54 5.45 -26.47
N LYS D 168 15.03 6.17 -25.45
CA LYS D 168 14.47 7.46 -25.08
C LYS D 168 14.71 8.49 -26.17
N ASN D 169 15.96 8.63 -26.58
CA ASN D 169 16.32 9.28 -27.82
C ASN D 169 16.97 8.23 -28.66
N GLN D 170 16.54 8.10 -29.92
CA GLN D 170 16.94 6.97 -30.73
C GLN D 170 18.32 7.19 -31.34
N THR D 171 19.32 7.17 -30.47
CA THR D 171 20.68 7.57 -30.84
C THR D 171 21.37 6.46 -31.62
N LEU D 172 21.39 5.27 -31.06
CA LEU D 172 22.16 4.20 -31.67
C LEU D 172 21.42 3.54 -32.80
N LEU D 173 20.16 3.88 -33.00
CA LEU D 173 19.59 3.65 -34.30
C LEU D 173 20.19 4.62 -35.30
N TYR D 174 19.96 5.91 -35.08
CA TYR D 174 20.03 6.92 -36.13
C TYR D 174 21.46 7.29 -36.50
N ASN D 175 22.33 7.38 -35.50
CA ASN D 175 23.71 7.78 -35.73
C ASN D 175 24.49 6.73 -36.51
N LEU D 176 24.09 5.47 -36.39
CA LEU D 176 24.66 4.42 -37.21
C LEU D 176 24.30 4.62 -38.68
N PHE D 177 23.07 5.07 -38.95
CA PHE D 177 22.66 5.31 -40.33
C PHE D 177 23.36 6.53 -40.89
N ASP D 178 23.53 7.54 -40.05
CA ASP D 178 24.21 8.76 -40.48
C ASP D 178 25.70 8.51 -40.75
N ILE D 179 26.32 7.65 -39.95
CA ILE D 179 27.72 7.34 -40.19
C ILE D 179 27.87 6.39 -41.38
N SER D 180 26.88 5.51 -41.59
CA SER D 180 26.88 4.59 -42.72
C SER D 180 26.72 5.33 -44.04
N GLN D 181 26.05 6.48 -44.04
CA GLN D 181 26.06 7.27 -45.25
C GLN D 181 27.21 8.27 -45.30
N SER D 182 27.72 8.71 -44.15
CA SER D 182 28.53 9.94 -44.10
C SER D 182 30.00 9.71 -43.83
N ALA D 183 30.36 8.77 -42.95
CA ALA D 183 31.76 8.55 -42.68
C ALA D 183 32.45 7.72 -43.75
N GLN D 184 31.68 6.80 -44.38
CA GLN D 184 32.10 5.91 -45.47
C GLN D 184 33.23 4.96 -45.07
N THR D 185 33.38 4.71 -43.80
CA THR D 185 34.07 3.57 -43.23
C THR D 185 33.19 2.35 -43.48
N PRO D 186 33.78 1.18 -43.81
CA PRO D 186 32.96 0.06 -44.29
C PRO D 186 32.12 -0.57 -43.17
N ILE D 187 30.81 -0.62 -43.44
CA ILE D 187 29.79 -0.77 -42.41
C ILE D 187 28.65 -1.59 -42.99
N ALA D 188 28.16 -2.56 -42.23
CA ALA D 188 26.88 -3.16 -42.52
C ALA D 188 26.04 -3.12 -41.26
N VAL D 189 25.00 -2.30 -41.25
CA VAL D 189 24.04 -2.30 -40.16
C VAL D 189 23.00 -3.35 -40.54
N ILE D 190 23.20 -4.56 -40.04
CA ILE D 190 22.29 -5.66 -40.34
C ILE D 190 21.38 -5.82 -39.12
N GLY D 191 20.14 -5.41 -39.28
CA GLY D 191 19.17 -5.52 -38.22
C GLY D 191 18.50 -6.89 -38.24
N LEU D 192 18.35 -7.46 -37.06
CA LEU D 192 17.58 -8.68 -36.88
C LEU D 192 16.36 -8.34 -36.05
N THR D 193 15.18 -8.54 -36.63
CA THR D 193 13.92 -8.17 -36.02
C THR D 193 13.07 -9.39 -35.78
N CYS D 194 11.98 -9.20 -35.09
CA CYS D 194 10.97 -10.25 -34.99
C CYS D 194 9.56 -9.77 -35.30
N ARG D 195 9.20 -8.56 -34.87
CA ARG D 195 7.91 -8.00 -35.26
C ARG D 195 7.98 -7.54 -36.70
N LEU D 196 6.80 -7.42 -37.32
CA LEU D 196 6.78 -7.16 -38.75
C LEU D 196 7.03 -5.70 -39.07
N ASP D 197 6.37 -4.79 -38.37
CA ASP D 197 6.44 -3.37 -38.71
C ASP D 197 7.70 -2.77 -38.09
N ILE D 198 8.85 -3.05 -38.70
CA ILE D 198 10.02 -2.37 -38.22
C ILE D 198 10.06 -0.95 -38.78
N LEU D 199 9.39 -0.69 -39.89
CA LEU D 199 9.41 0.64 -40.47
C LEU D 199 8.41 1.52 -39.79
N GLU D 200 7.23 0.97 -39.54
CA GLU D 200 6.16 1.75 -38.93
C GLU D 200 6.44 2.01 -37.46
N LEU D 201 7.18 1.12 -36.80
CA LEU D 201 7.58 1.40 -35.43
C LEU D 201 8.71 2.40 -35.38
N LEU D 202 9.53 2.46 -36.43
CA LEU D 202 10.65 3.39 -36.47
C LEU D 202 10.16 4.81 -36.61
N GLU D 203 10.80 5.71 -35.85
CA GLU D 203 10.43 7.10 -35.86
C GLU D 203 10.84 7.74 -37.18
N LYS D 204 10.11 8.80 -37.53
CA LYS D 204 10.03 9.23 -38.92
C LYS D 204 11.28 9.94 -39.42
N ARG D 205 12.11 10.50 -38.54
CA ARG D 205 13.35 11.09 -39.02
C ARG D 205 14.36 10.02 -39.39
N VAL D 206 14.33 8.88 -38.68
CA VAL D 206 15.26 7.80 -38.96
C VAL D 206 14.73 6.91 -40.07
N LYS D 207 13.43 6.59 -40.01
CA LYS D 207 12.76 5.81 -41.05
C LYS D 207 12.74 6.56 -42.36
N SER D 208 12.57 7.87 -42.31
CA SER D 208 12.78 8.70 -43.48
C SER D 208 14.25 8.89 -43.80
N ARG D 209 15.14 8.71 -42.82
CA ARG D 209 16.54 9.03 -43.08
C ARG D 209 17.20 7.93 -43.90
N PHE D 210 17.47 6.77 -43.28
CA PHE D 210 18.23 5.75 -43.99
C PHE D 210 17.83 4.35 -43.63
N SER D 211 16.56 4.12 -43.29
CA SER D 211 16.12 2.77 -42.97
C SER D 211 16.03 1.90 -44.21
N HIS D 212 15.86 2.50 -45.38
CA HIS D 212 15.57 1.72 -46.58
C HIS D 212 16.87 1.31 -47.27
N ARG D 213 17.36 0.16 -46.87
CA ARG D 213 18.06 -0.78 -47.73
C ARG D 213 17.13 -1.98 -47.82
N GLN D 214 17.37 -2.86 -48.80
CA GLN D 214 16.38 -3.80 -49.30
C GLN D 214 16.03 -4.86 -48.27
N ILE D 215 14.73 -5.01 -48.03
CA ILE D 215 14.23 -5.67 -46.84
C ILE D 215 13.90 -7.12 -47.15
N HIS D 216 14.46 -8.03 -46.36
CA HIS D 216 14.15 -9.44 -46.47
C HIS D 216 12.80 -9.75 -45.86
N LEU D 217 12.22 -10.82 -46.34
CA LEU D 217 11.11 -11.46 -45.67
C LEU D 217 11.38 -12.95 -45.60
N MET D 218 10.85 -13.58 -44.57
CA MET D 218 11.22 -14.93 -44.26
C MET D 218 10.00 -15.74 -43.87
N ASN D 219 9.81 -16.89 -44.53
CA ASN D 219 8.66 -17.72 -44.27
C ASN D 219 9.00 -19.18 -44.56
N SER D 220 8.06 -20.05 -44.24
CA SER D 220 8.24 -21.50 -44.26
C SER D 220 7.77 -22.05 -45.61
N PHE D 221 7.57 -23.36 -45.68
CA PHE D 221 7.43 -24.09 -46.94
C PHE D 221 6.46 -25.24 -46.74
N GLY D 222 6.47 -26.19 -47.67
CA GLY D 222 5.48 -27.25 -47.71
C GLY D 222 5.80 -28.48 -46.87
N PHE D 223 4.72 -29.14 -46.44
CA PHE D 223 4.82 -30.30 -45.57
C PHE D 223 5.54 -31.54 -46.14
N PRO D 224 5.38 -31.97 -47.41
CA PRO D 224 6.14 -33.16 -47.84
C PRO D 224 7.62 -32.92 -48.01
N GLN D 225 8.06 -31.67 -48.11
CA GLN D 225 9.47 -31.39 -47.92
C GLN D 225 9.81 -31.21 -46.46
N TYR D 226 8.83 -30.94 -45.62
CA TYR D 226 9.10 -30.81 -44.20
C TYR D 226 9.31 -32.16 -43.55
N VAL D 227 8.75 -33.22 -44.14
CA VAL D 227 9.12 -34.56 -43.75
C VAL D 227 10.56 -34.87 -44.15
N LYS D 228 11.00 -34.30 -45.28
CA LYS D 228 12.39 -34.48 -45.69
C LYS D 228 13.32 -33.71 -44.76
N ILE D 229 12.90 -32.54 -44.30
CA ILE D 229 13.77 -31.80 -43.38
C ILE D 229 13.75 -32.43 -42.00
N PHE D 230 12.70 -33.18 -41.66
CA PHE D 230 12.74 -34.05 -40.49
C PHE D 230 13.79 -35.14 -40.65
N LYS D 231 13.83 -35.75 -41.83
CA LYS D 231 14.77 -36.85 -42.07
C LYS D 231 16.22 -36.35 -42.09
N GLU D 232 16.46 -35.23 -42.77
CA GLU D 232 17.79 -34.66 -42.83
C GLU D 232 18.21 -34.05 -41.51
N GLN D 233 17.26 -33.68 -40.66
CA GLN D 233 17.61 -33.24 -39.33
C GLN D 233 17.99 -34.41 -38.45
N LEU D 234 17.21 -35.48 -38.51
CA LEU D 234 17.39 -36.57 -37.56
C LEU D 234 18.59 -37.43 -37.87
N SER D 235 18.94 -37.55 -39.16
CA SER D 235 19.92 -38.53 -39.62
C SER D 235 21.31 -38.21 -39.09
N LEU D 236 22.03 -39.26 -38.74
CA LEU D 236 23.41 -39.15 -38.31
C LEU D 236 24.23 -38.57 -39.46
N PRO D 237 25.10 -37.61 -39.19
CA PRO D 237 25.67 -36.80 -40.27
C PRO D 237 26.72 -37.51 -41.08
N ALA D 238 27.36 -36.73 -41.96
CA ALA D 238 28.55 -37.20 -42.66
C ALA D 238 29.77 -37.27 -41.74
N GLU D 239 29.71 -36.66 -40.56
CA GLU D 239 30.63 -37.04 -39.51
C GLU D 239 30.35 -38.48 -39.12
N PHE D 240 31.42 -39.27 -38.96
CA PHE D 240 31.33 -40.70 -38.69
C PHE D 240 31.70 -41.00 -37.26
N PRO D 241 30.73 -41.31 -36.39
CA PRO D 241 31.08 -41.93 -35.12
C PRO D 241 31.59 -43.35 -35.35
N ASP D 242 30.78 -44.11 -36.08
CA ASP D 242 31.09 -45.44 -36.58
C ASP D 242 30.12 -45.64 -37.72
N LYS D 243 30.65 -45.98 -38.90
CA LYS D 243 29.89 -45.85 -40.14
C LYS D 243 28.74 -46.85 -40.25
N VAL D 244 28.91 -48.03 -39.65
CA VAL D 244 27.86 -49.04 -39.63
C VAL D 244 26.70 -48.59 -38.77
N PHE D 245 27.00 -47.98 -37.63
CA PHE D 245 25.96 -47.44 -36.75
C PHE D 245 25.27 -46.25 -37.37
N ALA D 246 26.01 -45.47 -38.17
CA ALA D 246 25.42 -44.37 -38.93
C ALA D 246 24.44 -44.89 -39.96
N GLU D 247 24.81 -45.96 -40.65
CA GLU D 247 23.95 -46.56 -41.67
C GLU D 247 22.72 -47.19 -41.06
N LYS D 248 22.90 -47.91 -39.94
CA LYS D 248 21.82 -48.55 -39.22
C LYS D 248 20.84 -47.53 -38.67
N TRP D 249 21.35 -46.45 -38.09
CA TRP D 249 20.48 -45.48 -37.45
C TRP D 249 19.77 -44.58 -38.46
N ASN D 250 20.45 -44.14 -39.52
CA ASN D 250 19.73 -43.28 -40.45
C ASN D 250 18.82 -44.10 -41.36
N GLU D 251 19.10 -45.40 -41.52
CA GLU D 251 18.09 -46.25 -42.13
C GLU D 251 16.91 -46.44 -41.20
N ASN D 252 17.16 -46.48 -39.89
CA ASN D 252 16.04 -46.50 -38.95
C ASN D 252 15.26 -45.18 -38.96
N VAL D 253 15.95 -44.07 -39.21
CA VAL D 253 15.33 -42.76 -39.37
C VAL D 253 14.42 -42.76 -40.59
N GLN D 254 14.90 -43.32 -41.70
CA GLN D 254 14.09 -43.35 -42.91
C GLN D 254 12.94 -44.35 -42.81
N TYR D 255 13.15 -45.46 -42.11
CA TYR D 255 12.08 -46.43 -41.91
C TYR D 255 11.00 -45.87 -41.00
N LEU D 256 11.40 -45.10 -39.99
CA LEU D 256 10.42 -44.37 -39.20
C LEU D 256 9.77 -43.27 -40.03
N SER D 257 10.53 -42.68 -40.96
CA SER D 257 10.04 -41.57 -41.76
C SER D 257 8.98 -42.02 -42.76
N GLU D 258 9.09 -43.26 -43.24
CA GLU D 258 8.11 -43.71 -44.22
C GLU D 258 6.88 -44.31 -43.57
N ASP D 259 6.90 -44.54 -42.26
CA ASP D 259 5.71 -45.03 -41.58
C ASP D 259 4.70 -43.91 -41.39
N ARG D 260 3.44 -44.23 -41.61
CA ARG D 260 2.38 -43.22 -41.72
C ARG D 260 1.90 -42.67 -40.38
N SER D 261 2.19 -43.34 -39.27
CA SER D 261 1.80 -42.77 -37.98
C SER D 261 2.73 -41.65 -37.57
N VAL D 262 4.02 -41.81 -37.90
CA VAL D 262 4.98 -40.73 -37.77
C VAL D 262 4.59 -39.57 -38.67
N GLN D 263 4.11 -39.88 -39.87
CA GLN D 263 3.60 -38.86 -40.78
C GLN D 263 2.31 -38.22 -40.25
N GLU D 264 1.51 -38.98 -39.50
CA GLU D 264 0.30 -38.45 -38.89
C GLU D 264 0.62 -37.46 -37.79
N VAL D 265 1.55 -37.83 -36.91
CA VAL D 265 1.90 -36.95 -35.81
C VAL D 265 2.74 -35.79 -36.30
N LEU D 266 3.41 -35.95 -37.44
CA LEU D 266 4.18 -34.87 -38.00
C LEU D 266 3.29 -33.87 -38.70
N GLN D 267 2.19 -34.33 -39.32
CA GLN D 267 1.25 -33.40 -39.90
C GLN D 267 0.48 -32.66 -38.82
N LYS D 268 0.17 -33.36 -37.73
CA LYS D 268 -0.40 -32.73 -36.55
C LYS D 268 0.55 -31.71 -35.95
N HIS D 269 1.84 -31.97 -36.03
CA HIS D 269 2.78 -30.98 -35.60
C HIS D 269 2.95 -29.85 -36.59
N PHE D 270 2.70 -30.11 -37.88
CA PHE D 270 2.81 -29.04 -38.87
C PHE D 270 1.71 -28.02 -38.66
N ASN D 271 0.48 -28.48 -38.44
CA ASN D 271 -0.61 -27.53 -38.38
C ASN D 271 -0.63 -26.74 -37.09
N ILE D 272 0.05 -27.18 -36.04
CA ILE D 272 0.22 -26.33 -34.88
C ILE D 272 1.49 -25.50 -35.07
N SER D 273 2.49 -26.06 -35.76
CA SER D 273 3.83 -25.48 -35.72
C SER D 273 4.48 -25.59 -37.07
N LYS D 274 4.68 -24.45 -37.71
CA LYS D 274 5.50 -24.31 -38.90
C LYS D 274 6.90 -23.83 -38.54
N ASN D 275 7.37 -24.14 -37.35
CA ASN D 275 8.37 -23.30 -36.69
C ASN D 275 9.81 -23.68 -36.98
N LEU D 276 10.07 -24.99 -37.15
CA LEU D 276 11.42 -25.59 -37.20
C LEU D 276 12.23 -25.25 -35.94
N ARG D 277 11.53 -25.21 -34.81
CA ARG D 277 12.20 -25.19 -33.53
C ARG D 277 11.44 -26.18 -32.66
N SER D 278 10.15 -26.30 -32.93
CA SER D 278 9.31 -27.25 -32.21
C SER D 278 9.64 -28.67 -32.60
N LEU D 279 10.12 -28.85 -33.82
CA LEU D 279 10.61 -30.14 -34.30
C LEU D 279 11.81 -30.59 -33.50
N HIS D 280 12.67 -29.64 -33.11
CA HIS D 280 13.85 -29.93 -32.32
C HIS D 280 13.48 -30.48 -30.94
N MET D 281 12.49 -29.87 -30.29
CA MET D 281 12.09 -30.32 -28.96
C MET D 281 11.35 -31.64 -29.04
N LEU D 282 10.47 -31.76 -30.03
CA LEU D 282 9.67 -32.96 -30.26
C LEU D 282 10.55 -34.17 -30.52
N LEU D 283 11.61 -33.97 -31.27
CA LEU D 283 12.52 -35.06 -31.53
C LEU D 283 13.54 -35.23 -30.42
N MET D 284 13.76 -34.18 -29.64
CA MET D 284 14.74 -34.20 -28.58
C MET D 284 14.30 -35.09 -27.43
N LEU D 285 13.00 -35.07 -27.13
CA LEU D 285 12.46 -35.97 -26.12
C LEU D 285 12.53 -37.43 -26.57
N ALA D 286 12.36 -37.64 -27.86
CA ALA D 286 12.46 -38.98 -28.44
C ALA D 286 13.88 -39.51 -28.34
N LEU D 287 14.85 -38.66 -28.62
CA LEU D 287 16.24 -39.08 -28.52
C LEU D 287 16.69 -39.25 -27.08
N ASN D 288 16.03 -38.57 -26.13
CA ASN D 288 16.36 -38.81 -24.72
C ASN D 288 15.93 -40.18 -24.24
N ARG D 289 14.94 -40.78 -24.89
CA ARG D 289 14.40 -42.04 -24.41
C ARG D 289 15.09 -43.28 -24.97
N VAL D 290 15.98 -43.14 -25.95
CA VAL D 290 16.31 -44.27 -26.81
C VAL D 290 17.52 -45.10 -26.34
N THR D 291 18.46 -44.52 -25.59
CA THR D 291 19.78 -45.10 -25.47
C THR D 291 19.88 -46.21 -24.44
N ALA D 292 18.89 -46.33 -23.54
CA ALA D 292 18.94 -47.39 -22.54
C ALA D 292 18.70 -48.75 -23.19
N SER D 293 17.57 -48.90 -23.84
CA SER D 293 17.31 -50.10 -24.62
C SER D 293 16.47 -49.71 -25.83
N HIS D 294 16.46 -50.62 -26.80
CA HIS D 294 16.12 -50.46 -28.22
C HIS D 294 16.73 -49.16 -28.74
N PRO D 295 18.02 -49.16 -29.09
CA PRO D 295 18.61 -47.95 -29.67
C PRO D 295 18.07 -47.57 -31.04
N PHE D 296 17.35 -48.46 -31.73
CA PHE D 296 16.46 -48.10 -32.81
C PHE D 296 15.03 -48.14 -32.28
N MET D 297 14.30 -47.04 -32.45
CA MET D 297 13.11 -46.74 -31.69
C MET D 297 11.85 -46.86 -32.52
N THR D 298 10.70 -46.78 -31.84
CA THR D 298 9.43 -47.00 -32.48
C THR D 298 8.78 -45.70 -32.87
N ALA D 299 7.77 -45.82 -33.74
CA ALA D 299 6.87 -44.72 -34.02
C ALA D 299 6.03 -44.39 -32.80
N VAL D 300 5.73 -45.40 -31.97
CA VAL D 300 5.03 -45.20 -30.71
C VAL D 300 5.92 -44.43 -29.74
N ASP D 301 7.23 -44.59 -29.82
CA ASP D 301 8.13 -43.81 -28.98
C ASP D 301 8.15 -42.35 -29.42
N LEU D 302 8.06 -42.11 -30.72
CA LEU D 302 7.84 -40.75 -31.22
C LEU D 302 6.46 -40.23 -30.83
N MET D 303 5.49 -41.13 -30.71
CA MET D 303 4.13 -40.73 -30.36
C MET D 303 4.05 -40.27 -28.92
N GLU D 304 4.65 -41.03 -28.00
CA GLU D 304 4.69 -40.59 -26.61
C GLU D 304 5.65 -39.44 -26.40
N ALA D 305 6.68 -39.31 -27.24
CA ALA D 305 7.53 -38.13 -27.20
C ALA D 305 6.75 -36.89 -27.63
N SER D 306 5.81 -37.05 -28.56
CA SER D 306 4.90 -35.97 -28.83
C SER D 306 3.91 -35.77 -27.71
N GLN D 307 3.54 -36.85 -27.02
CA GLN D 307 2.52 -36.76 -25.99
C GLN D 307 3.03 -36.07 -24.75
N LEU D 308 4.33 -36.21 -24.47
CA LEU D 308 4.90 -35.53 -23.32
C LEU D 308 4.99 -34.03 -23.54
N CYS D 309 5.09 -33.60 -24.79
CA CYS D 309 4.77 -32.22 -25.13
C CYS D 309 3.27 -32.08 -24.95
N SER D 310 2.88 -31.41 -23.87
CA SER D 310 1.51 -31.43 -23.43
C SER D 310 0.61 -30.62 -24.34
N MET D 311 -0.67 -30.94 -24.30
CA MET D 311 -1.66 -30.21 -25.06
C MET D 311 -2.58 -29.42 -24.13
N ASP D 312 -2.97 -30.00 -23.00
CA ASP D 312 -3.91 -29.36 -22.08
C ASP D 312 -3.20 -28.98 -20.80
N SER D 313 -2.78 -27.72 -20.73
CA SER D 313 -2.06 -27.24 -19.56
C SER D 313 -2.97 -27.04 -18.37
N LYS D 314 -4.23 -26.77 -18.60
CA LYS D 314 -5.13 -26.46 -17.51
C LYS D 314 -5.86 -27.67 -16.96
N ALA D 315 -5.99 -28.74 -17.75
CA ALA D 315 -6.56 -29.98 -17.23
C ALA D 315 -5.66 -30.64 -16.20
N ASN D 316 -4.36 -30.43 -16.30
CA ASN D 316 -3.45 -30.88 -15.27
C ASN D 316 -3.59 -30.06 -14.00
N ILE D 317 -3.98 -28.80 -14.13
CA ILE D 317 -4.25 -27.99 -12.96
C ILE D 317 -5.56 -28.40 -12.32
N VAL D 318 -6.61 -28.53 -13.13
CA VAL D 318 -7.94 -28.71 -12.59
C VAL D 318 -8.16 -30.14 -12.14
N HIS D 319 -7.54 -31.09 -12.83
CA HIS D 319 -7.65 -32.50 -12.53
C HIS D 319 -7.00 -32.85 -11.20
N GLY D 320 -6.00 -32.10 -10.79
CA GLY D 320 -5.37 -32.34 -9.51
C GLY D 320 -6.05 -31.75 -8.31
N LEU D 321 -7.03 -30.89 -8.50
CA LEU D 321 -7.62 -30.15 -7.39
C LEU D 321 -8.59 -30.99 -6.58
N SER D 322 -8.71 -30.67 -5.30
CA SER D 322 -9.65 -31.37 -4.45
C SER D 322 -11.08 -30.92 -4.74
N VAL D 323 -12.03 -31.69 -4.22
CA VAL D 323 -13.40 -31.61 -4.73
C VAL D 323 -14.16 -30.42 -4.19
N LEU D 324 -13.66 -29.80 -3.12
CA LEU D 324 -14.30 -28.59 -2.63
C LEU D 324 -14.07 -27.44 -3.58
N GLU D 325 -12.87 -27.36 -4.14
CA GLU D 325 -12.57 -26.43 -5.22
C GLU D 325 -13.31 -26.80 -6.49
N ILE D 326 -13.61 -28.09 -6.68
CA ILE D 326 -14.34 -28.54 -7.86
C ILE D 326 -15.78 -28.06 -7.81
N CYS D 327 -16.46 -28.28 -6.69
CA CYS D 327 -17.82 -27.79 -6.60
C CYS D 327 -17.87 -26.28 -6.47
N LEU D 328 -16.78 -25.66 -5.99
CA LEU D 328 -16.69 -24.21 -6.05
C LEU D 328 -16.55 -23.70 -7.47
N ILE D 329 -15.75 -24.36 -8.29
CA ILE D 329 -15.50 -23.83 -9.61
C ILE D 329 -16.68 -24.11 -10.52
N ILE D 330 -17.43 -25.18 -10.26
CA ILE D 330 -18.67 -25.37 -11.00
C ILE D 330 -19.77 -24.49 -10.44
N ALA D 331 -19.63 -24.02 -9.19
CA ALA D 331 -20.52 -22.98 -8.72
C ALA D 331 -20.24 -21.65 -9.43
N MET D 332 -18.98 -21.39 -9.78
CA MET D 332 -18.68 -20.19 -10.56
C MET D 332 -19.19 -20.32 -11.99
N LYS D 333 -19.08 -21.54 -12.53
CA LYS D 333 -19.65 -21.86 -13.83
C LYS D 333 -21.16 -21.69 -13.82
N HIS D 334 -21.79 -22.08 -12.73
CA HIS D 334 -23.20 -21.85 -12.53
C HIS D 334 -23.53 -20.39 -12.33
N LEU D 335 -22.58 -19.61 -11.79
CA LEU D 335 -22.78 -18.17 -11.69
C LEU D 335 -22.74 -17.50 -13.04
N ASN D 336 -22.13 -18.13 -14.04
CA ASN D 336 -22.45 -17.65 -15.38
C ASN D 336 -23.87 -18.02 -15.79
N ASP D 337 -24.32 -19.24 -15.46
CA ASP D 337 -25.64 -19.68 -15.93
C ASP D 337 -26.75 -19.41 -14.92
N ILE D 338 -26.78 -18.19 -14.40
CA ILE D 338 -27.95 -17.38 -14.05
C ILE D 338 -27.25 -16.07 -13.75
N TYR D 339 -27.88 -14.92 -14.07
CA TYR D 339 -27.42 -13.57 -13.71
C TYR D 339 -26.05 -13.30 -14.36
N GLU D 340 -26.06 -13.38 -15.68
CA GLU D 340 -24.85 -13.65 -16.44
C GLU D 340 -23.99 -12.40 -16.56
N GLU D 341 -22.66 -12.62 -16.61
CA GLU D 341 -21.62 -11.64 -16.93
C GLU D 341 -21.50 -10.54 -15.89
N GLU D 342 -21.21 -10.95 -14.67
CA GLU D 342 -20.58 -9.99 -13.79
C GLU D 342 -19.32 -10.59 -13.19
N PRO D 343 -18.35 -9.78 -12.89
CA PRO D 343 -17.28 -10.22 -12.00
C PRO D 343 -17.81 -10.35 -10.59
N PHE D 344 -17.96 -11.57 -10.11
CA PHE D 344 -18.69 -11.81 -8.88
C PHE D 344 -17.81 -11.55 -7.66
N ASN D 345 -18.39 -11.83 -6.51
CA ASN D 345 -17.68 -11.78 -5.25
C ASN D 345 -17.87 -13.09 -4.54
N PHE D 346 -17.47 -13.13 -3.28
CA PHE D 346 -17.53 -14.37 -2.51
C PHE D 346 -18.97 -14.75 -2.16
N GLN D 347 -19.84 -13.76 -2.01
CA GLN D 347 -21.13 -13.98 -1.35
C GLN D 347 -22.10 -14.75 -2.22
N MET D 348 -22.12 -14.42 -3.51
CA MET D 348 -23.00 -15.12 -4.44
C MET D 348 -22.53 -16.54 -4.65
N VAL D 349 -21.21 -16.73 -4.61
CA VAL D 349 -20.60 -18.05 -4.64
C VAL D 349 -21.03 -18.87 -3.44
N TYR D 350 -21.04 -18.23 -2.28
CA TYR D 350 -21.46 -18.88 -1.04
C TYR D 350 -22.94 -19.23 -1.08
N ASN D 351 -23.75 -18.36 -1.66
CA ASN D 351 -25.18 -18.59 -1.74
C ASN D 351 -25.53 -19.73 -2.68
N GLU D 352 -24.84 -19.80 -3.82
CA GLU D 352 -25.09 -20.87 -4.78
C GLU D 352 -24.61 -22.21 -4.23
N PHE D 353 -23.50 -22.20 -3.49
CA PHE D 353 -23.01 -23.41 -2.88
C PHE D 353 -23.95 -23.89 -1.79
N GLN D 354 -24.51 -22.96 -1.03
CA GLN D 354 -25.44 -23.36 0.01
C GLN D 354 -26.77 -23.82 -0.56
N LYS D 355 -27.18 -23.25 -1.69
CA LYS D 355 -28.42 -23.68 -2.32
C LYS D 355 -28.27 -25.06 -2.95
N PHE D 356 -27.06 -25.38 -3.45
CA PHE D 356 -26.86 -26.74 -3.91
C PHE D 356 -26.81 -27.71 -2.74
N VAL D 357 -26.16 -27.33 -1.64
CA VAL D 357 -26.04 -28.31 -0.56
C VAL D 357 -27.35 -28.43 0.22
N GLN D 358 -28.22 -27.44 0.13
CA GLN D 358 -29.57 -27.62 0.66
C GLN D 358 -30.48 -28.33 -0.33
N ARG D 359 -30.10 -28.37 -1.61
CA ARG D 359 -30.76 -29.30 -2.51
C ARG D 359 -30.36 -30.73 -2.21
N LYS D 360 -29.16 -30.95 -1.70
CA LYS D 360 -28.73 -32.28 -1.32
C LYS D 360 -29.22 -32.63 0.08
N ALA D 361 -29.36 -33.93 0.32
CA ALA D 361 -29.91 -34.40 1.59
C ALA D 361 -28.82 -34.64 2.63
N HIS D 362 -27.68 -35.20 2.20
CA HIS D 362 -26.62 -35.61 3.11
C HIS D 362 -25.88 -34.40 3.66
N SER D 363 -25.34 -34.56 4.87
CA SER D 363 -24.65 -33.50 5.59
C SER D 363 -23.14 -33.75 5.67
N VAL D 364 -22.57 -34.38 4.65
CA VAL D 364 -21.13 -34.47 4.59
C VAL D 364 -20.56 -33.15 4.14
N TYR D 365 -21.12 -32.60 3.06
CA TYR D 365 -20.51 -31.51 2.33
C TYR D 365 -21.05 -30.14 2.73
N ASN D 366 -21.58 -30.00 3.94
CA ASN D 366 -22.03 -28.69 4.41
C ASN D 366 -20.92 -28.01 5.23
N PHE D 367 -19.79 -27.82 4.56
CA PHE D 367 -18.62 -27.28 5.21
C PHE D 367 -18.82 -25.81 5.49
N GLU D 368 -18.34 -25.39 6.65
CA GLU D 368 -18.76 -24.13 7.21
C GLU D 368 -17.88 -23.02 6.66
N LYS D 369 -18.36 -21.79 6.83
CA LYS D 369 -17.86 -20.59 6.15
C LYS D 369 -16.35 -20.31 6.14
N PRO D 370 -15.57 -20.44 7.24
CA PRO D 370 -14.14 -20.09 7.12
C PRO D 370 -13.32 -21.11 6.36
N VAL D 371 -13.83 -22.33 6.21
CA VAL D 371 -13.15 -23.33 5.41
C VAL D 371 -13.23 -22.97 3.94
N VAL D 372 -14.38 -22.42 3.53
CA VAL D 372 -14.63 -22.10 2.13
C VAL D 372 -13.79 -20.91 1.68
N MET D 373 -13.33 -20.08 2.61
CA MET D 373 -12.42 -19.01 2.25
C MET D 373 -11.04 -19.54 1.86
N LYS D 374 -10.63 -20.67 2.48
CA LYS D 374 -9.31 -21.26 2.22
C LYS D 374 -9.20 -21.79 0.81
N ALA D 375 -10.28 -22.34 0.27
CA ALA D 375 -10.28 -22.80 -1.12
C ALA D 375 -10.22 -21.63 -2.10
N PHE D 376 -10.74 -20.47 -1.70
CA PHE D 376 -10.63 -19.30 -2.54
C PHE D 376 -9.22 -18.76 -2.56
N GLU D 377 -8.62 -18.62 -1.39
CA GLU D 377 -7.28 -18.05 -1.38
C GLU D 377 -6.22 -19.08 -1.77
N HIS D 378 -6.56 -20.35 -1.88
CA HIS D 378 -5.70 -21.24 -2.63
C HIS D 378 -5.97 -21.17 -4.11
N LEU D 379 -7.22 -20.91 -4.49
CA LEU D 379 -7.58 -20.86 -5.89
C LEU D 379 -7.10 -19.59 -6.56
N GLN D 380 -6.80 -18.56 -5.78
CA GLN D 380 -6.27 -17.35 -6.38
C GLN D 380 -4.82 -17.52 -6.82
N GLN D 381 -4.07 -18.36 -6.12
CA GLN D 381 -2.68 -18.57 -6.47
C GLN D 381 -2.50 -19.38 -7.74
N LEU D 382 -3.51 -20.14 -8.14
CA LEU D 382 -3.46 -20.80 -9.44
C LEU D 382 -3.87 -19.87 -10.56
N GLU D 383 -4.38 -18.68 -10.23
CA GLU D 383 -4.82 -17.64 -11.16
C GLU D 383 -5.93 -18.11 -12.09
N LEU D 384 -6.76 -19.05 -11.63
CA LEU D 384 -7.98 -19.34 -12.36
C LEU D 384 -9.02 -18.28 -12.07
N ILE D 385 -8.91 -17.65 -10.93
CA ILE D 385 -9.73 -16.51 -10.59
C ILE D 385 -8.82 -15.29 -10.58
N LYS D 386 -9.38 -14.13 -10.89
CA LYS D 386 -8.61 -12.92 -11.15
C LYS D 386 -9.12 -11.77 -10.28
N PRO D 387 -8.22 -11.01 -9.65
CA PRO D 387 -8.61 -9.74 -9.07
C PRO D 387 -8.58 -8.63 -10.11
N MET D 388 -9.48 -7.67 -9.94
CA MET D 388 -9.55 -6.59 -10.90
C MET D 388 -9.26 -5.24 -10.27
N GLN D 396 -10.93 -3.26 -0.03
CA GLN D 396 -12.18 -3.96 -0.30
C GLN D 396 -12.05 -5.38 0.22
N ARG D 397 -10.99 -5.98 -0.31
CA ARG D 397 -10.10 -6.99 0.25
C ARG D 397 -10.56 -8.45 0.33
N GLU D 398 -11.85 -8.76 0.53
CA GLU D 398 -12.20 -10.18 0.57
C GLU D 398 -13.59 -10.53 0.06
N TYR D 399 -14.41 -9.58 -0.37
CA TYR D 399 -15.73 -9.92 -0.85
C TYR D 399 -16.07 -9.07 -2.06
N GLN D 400 -15.14 -9.02 -3.01
CA GLN D 400 -15.27 -8.12 -4.15
C GLN D 400 -14.90 -8.82 -5.44
N LEU D 401 -15.66 -8.47 -6.47
CA LEU D 401 -15.21 -8.18 -7.86
C LEU D 401 -14.15 -9.13 -8.41
N MET D 402 -14.37 -10.42 -8.23
CA MET D 402 -13.43 -11.39 -8.74
C MET D 402 -13.89 -11.93 -10.09
N LYS D 403 -12.93 -12.25 -10.93
CA LYS D 403 -13.14 -12.52 -12.33
C LYS D 403 -12.71 -13.94 -12.66
N LEU D 404 -13.48 -14.63 -13.47
CA LEU D 404 -13.16 -16.01 -13.86
C LEU D 404 -12.64 -16.03 -15.29
N LEU D 405 -11.54 -16.76 -15.51
CA LEU D 405 -10.91 -16.86 -16.83
C LEU D 405 -10.70 -18.35 -17.13
N LEU D 406 -11.65 -18.93 -17.87
CA LEU D 406 -11.80 -20.38 -17.97
C LEU D 406 -12.75 -20.72 -19.12
N ASP D 407 -12.89 -22.01 -19.37
CA ASP D 407 -13.83 -22.54 -20.34
C ASP D 407 -14.69 -23.59 -19.65
N ASN D 408 -15.97 -23.67 -20.06
CA ASN D 408 -16.88 -24.72 -19.61
C ASN D 408 -16.36 -26.09 -19.92
N THR D 409 -15.90 -26.29 -21.17
CA THR D 409 -15.74 -27.62 -21.73
C THR D 409 -14.59 -28.36 -21.12
N GLN D 410 -13.54 -27.63 -20.73
CA GLN D 410 -12.44 -28.27 -20.04
C GLN D 410 -12.84 -28.69 -18.63
N ILE D 411 -13.78 -27.97 -18.01
CA ILE D 411 -14.29 -28.38 -16.71
C ILE D 411 -15.17 -29.61 -16.86
N MET D 412 -15.99 -29.63 -17.92
CA MET D 412 -16.87 -30.76 -18.19
C MET D 412 -16.08 -32.01 -18.54
N ASN D 413 -14.93 -31.85 -19.18
CA ASN D 413 -14.07 -33.00 -19.40
C ASN D 413 -13.32 -33.39 -18.13
N ALA D 414 -13.00 -32.42 -17.29
CA ALA D 414 -12.21 -32.70 -16.11
C ALA D 414 -13.01 -33.41 -15.03
N LEU D 415 -14.31 -33.12 -14.95
CA LEU D 415 -15.13 -33.72 -13.90
C LEU D 415 -15.41 -35.19 -14.14
N GLN D 416 -15.46 -35.62 -15.40
CA GLN D 416 -15.55 -37.04 -15.65
C GLN D 416 -14.21 -37.73 -15.53
N LYS D 417 -13.10 -36.99 -15.62
CA LYS D 417 -11.77 -37.54 -15.41
C LYS D 417 -11.31 -37.41 -13.97
N TYR D 418 -12.15 -36.95 -13.08
CA TYR D 418 -11.77 -36.96 -11.68
C TYR D 418 -11.92 -38.37 -11.13
N PRO D 419 -10.87 -38.97 -10.55
CA PRO D 419 -10.92 -40.42 -10.25
C PRO D 419 -11.77 -40.77 -9.05
N ASN D 420 -11.74 -39.97 -7.99
CA ASN D 420 -12.57 -40.20 -6.82
C ASN D 420 -13.73 -39.23 -6.78
N CYS D 421 -14.29 -38.95 -7.96
CA CYS D 421 -15.37 -37.99 -8.10
C CYS D 421 -16.64 -38.51 -7.46
N PRO D 422 -17.17 -37.84 -6.44
CA PRO D 422 -18.37 -38.34 -5.78
C PRO D 422 -19.62 -38.09 -6.62
N THR D 423 -20.70 -38.77 -6.21
CA THR D 423 -21.92 -38.77 -6.98
C THR D 423 -22.67 -37.46 -6.84
N ASP D 424 -22.50 -36.76 -5.72
CA ASP D 424 -23.26 -35.53 -5.53
C ASP D 424 -22.71 -34.38 -6.35
N VAL D 425 -21.39 -34.32 -6.53
CA VAL D 425 -20.85 -33.32 -7.45
C VAL D 425 -21.05 -33.75 -8.90
N ARG D 426 -21.29 -35.04 -9.14
CA ARG D 426 -21.70 -35.49 -10.46
C ARG D 426 -23.13 -35.04 -10.76
N GLN D 427 -24.00 -35.08 -9.76
CA GLN D 427 -25.36 -34.58 -9.93
C GLN D 427 -25.39 -33.07 -10.03
N TRP D 428 -24.44 -32.39 -9.38
CA TRP D 428 -24.25 -30.96 -9.57
C TRP D 428 -23.80 -30.64 -10.99
N ALA D 429 -22.93 -31.49 -11.53
CA ALA D 429 -22.45 -31.31 -12.91
C ALA D 429 -23.57 -31.54 -13.92
N THR D 430 -24.42 -32.53 -13.68
CA THR D 430 -25.50 -32.80 -14.62
C THR D 430 -26.63 -31.80 -14.47
N SER D 431 -26.81 -31.25 -13.26
CA SER D 431 -27.82 -30.20 -13.09
C SER D 431 -27.35 -28.90 -13.72
N SER D 432 -26.27 -28.34 -13.17
CA SER D 432 -25.51 -27.19 -13.71
C SER D 432 -26.31 -25.94 -14.06
N LEU E 4 15.74 -35.01 3.24
CA LEU E 4 16.97 -35.33 2.53
C LEU E 4 17.02 -36.82 2.19
N GLU E 5 16.23 -37.61 2.91
CA GLU E 5 16.44 -39.05 2.94
C GLU E 5 15.86 -39.73 1.71
N ASN E 6 14.54 -39.71 1.56
CA ASN E 6 13.92 -40.39 0.43
C ASN E 6 13.91 -39.43 -0.75
N VAL E 7 14.55 -39.85 -1.83
CA VAL E 7 14.56 -39.06 -3.04
C VAL E 7 13.20 -39.08 -3.71
N VAL E 8 12.55 -40.23 -3.72
CA VAL E 8 11.45 -40.40 -4.67
C VAL E 8 10.11 -40.36 -3.96
N LEU E 9 9.86 -41.35 -3.10
CA LEU E 9 8.54 -41.70 -2.57
C LEU E 9 7.48 -41.76 -3.66
N CYS E 10 7.81 -42.60 -4.64
CA CYS E 10 6.93 -43.07 -5.72
C CYS E 10 6.42 -41.92 -6.59
N ARG E 11 7.37 -41.21 -7.19
CA ARG E 11 7.09 -40.35 -8.34
C ARG E 11 8.15 -40.55 -9.39
N GLU E 12 8.39 -41.82 -9.70
CA GLU E 12 9.63 -42.27 -10.30
C GLU E 12 9.79 -41.90 -11.77
N SER E 13 8.69 -41.78 -12.52
CA SER E 13 8.81 -41.63 -13.96
C SER E 13 9.23 -40.22 -14.35
N GLN E 14 8.70 -39.21 -13.66
CA GLN E 14 9.07 -37.83 -13.91
C GLN E 14 10.49 -37.57 -13.46
N VAL E 15 10.88 -38.20 -12.35
CA VAL E 15 12.24 -38.18 -11.84
C VAL E 15 13.20 -38.78 -12.85
N SER E 16 12.81 -39.91 -13.43
CA SER E 16 13.68 -40.62 -14.36
C SER E 16 13.82 -39.89 -15.68
N ILE E 17 12.73 -39.28 -16.17
CA ILE E 17 12.83 -38.57 -17.43
C ILE E 17 13.61 -37.27 -17.25
N LEU E 18 13.55 -36.68 -16.05
CA LEU E 18 14.36 -35.49 -15.78
C LEU E 18 15.83 -35.83 -15.63
N GLN E 19 16.11 -36.94 -14.93
CA GLN E 19 17.46 -37.43 -14.73
C GLN E 19 18.09 -37.85 -16.04
N SER E 20 17.29 -38.44 -16.91
CA SER E 20 17.76 -38.77 -18.25
C SER E 20 17.98 -37.52 -19.07
N LEU E 21 17.17 -36.49 -18.84
CA LEU E 21 17.25 -35.30 -19.65
C LEU E 21 18.48 -34.47 -19.34
N PHE E 22 19.02 -34.62 -18.14
CA PHE E 22 20.26 -33.93 -17.82
C PHE E 22 21.45 -34.47 -18.60
N GLY E 23 21.57 -35.79 -18.71
CA GLY E 23 22.67 -36.39 -19.44
C GLY E 23 23.96 -36.30 -18.66
N GLU E 24 25.03 -36.78 -19.28
CA GLU E 24 26.31 -36.62 -18.60
C GLU E 24 26.86 -35.23 -18.89
N ARG E 25 28.02 -34.98 -18.29
CA ARG E 25 28.44 -33.61 -18.08
C ARG E 25 29.01 -33.01 -19.34
N HIS E 26 29.78 -33.78 -20.09
CA HIS E 26 30.57 -33.24 -21.17
C HIS E 26 29.77 -32.92 -22.42
N HIS E 27 28.47 -33.24 -22.50
CA HIS E 27 27.72 -32.79 -23.65
C HIS E 27 26.61 -31.83 -23.23
N PHE E 28 26.07 -31.16 -24.24
CA PHE E 28 25.07 -30.14 -24.03
C PHE E 28 23.72 -30.74 -23.67
N SER E 29 22.90 -29.91 -23.03
CA SER E 29 21.53 -30.27 -22.71
C SER E 29 20.62 -29.15 -23.17
N PHE E 30 19.38 -29.17 -22.68
CA PHE E 30 18.38 -28.15 -22.99
C PHE E 30 18.81 -26.75 -22.55
N PRO E 31 18.33 -25.74 -23.22
CA PRO E 31 18.52 -24.38 -22.72
C PRO E 31 17.71 -24.10 -21.48
N SER E 32 16.43 -24.44 -21.50
CA SER E 32 15.58 -24.01 -20.39
C SER E 32 14.45 -25.00 -20.21
N ILE E 33 14.23 -25.40 -18.96
CA ILE E 33 13.19 -26.35 -18.58
C ILE E 33 12.28 -25.71 -17.56
N PHE E 34 10.98 -25.78 -17.82
CA PHE E 34 9.96 -25.16 -16.99
C PHE E 34 9.11 -26.24 -16.38
N ILE E 35 8.97 -26.25 -15.06
CA ILE E 35 8.19 -27.29 -14.41
C ILE E 35 7.05 -26.62 -13.68
N TYR E 36 5.83 -26.96 -14.04
CA TYR E 36 4.74 -26.42 -13.25
C TYR E 36 4.12 -27.51 -12.41
N GLY E 37 3.08 -27.14 -11.69
CA GLY E 37 2.41 -28.03 -10.78
C GLY E 37 1.79 -27.25 -9.65
N HIS E 38 1.10 -27.98 -8.78
CA HIS E 38 0.54 -27.40 -7.57
C HIS E 38 1.65 -27.16 -6.57
N THR E 39 1.34 -26.39 -5.54
CA THR E 39 2.37 -26.03 -4.56
C THR E 39 2.71 -27.19 -3.64
N ALA E 40 1.82 -28.16 -3.52
CA ALA E 40 2.07 -29.31 -2.68
C ALA E 40 3.04 -30.28 -3.34
N SER E 41 3.18 -30.23 -4.66
CA SER E 41 3.56 -31.40 -5.43
C SER E 41 5.06 -31.67 -5.45
N GLY E 42 5.83 -31.24 -4.45
CA GLY E 42 7.18 -31.72 -4.32
C GLY E 42 8.16 -31.09 -5.26
N LYS E 43 7.81 -29.92 -5.81
CA LYS E 43 8.52 -29.37 -6.93
C LYS E 43 9.89 -28.83 -6.55
N THR E 44 10.15 -28.58 -5.28
CA THR E 44 11.54 -28.38 -4.89
C THR E 44 12.08 -29.53 -4.08
N TYR E 45 11.24 -30.43 -3.58
CA TYR E 45 11.75 -31.61 -2.92
C TYR E 45 12.41 -32.55 -3.92
N VAL E 46 11.73 -32.74 -5.05
CA VAL E 46 12.18 -33.68 -6.07
C VAL E 46 13.44 -33.20 -6.75
N THR E 47 13.50 -31.92 -7.08
CA THR E 47 14.66 -31.45 -7.80
C THR E 47 15.87 -31.26 -6.89
N GLN E 48 15.67 -31.03 -5.60
CA GLN E 48 16.81 -30.91 -4.72
C GLN E 48 17.38 -32.27 -4.40
N THR E 49 16.51 -33.25 -4.15
CA THR E 49 17.02 -34.60 -3.92
C THR E 49 17.50 -35.25 -5.20
N LEU E 50 17.08 -34.76 -6.37
CA LEU E 50 17.65 -35.24 -7.60
C LEU E 50 19.03 -34.65 -7.84
N LEU E 51 19.16 -33.34 -7.66
CA LEU E 51 20.44 -32.67 -7.86
C LEU E 51 21.47 -33.01 -6.82
N LYS E 52 21.02 -33.40 -5.62
CA LYS E 52 21.95 -33.74 -4.57
C LYS E 52 22.61 -35.07 -4.82
N THR E 53 21.98 -35.95 -5.59
CA THR E 53 22.54 -37.27 -5.83
C THR E 53 23.71 -37.21 -6.78
N LEU E 54 23.52 -36.57 -7.93
CA LEU E 54 24.55 -36.60 -8.93
C LEU E 54 25.62 -35.55 -8.70
N GLU E 55 25.30 -34.55 -7.88
CA GLU E 55 26.09 -33.35 -7.61
C GLU E 55 26.47 -32.66 -8.91
N LEU E 56 25.45 -32.37 -9.67
CA LEU E 56 25.59 -31.44 -10.75
C LEU E 56 25.81 -30.07 -10.12
N PRO E 57 26.89 -29.39 -10.44
CA PRO E 57 27.27 -28.17 -9.71
C PRO E 57 26.35 -27.01 -10.06
N HIS E 58 25.51 -26.69 -9.10
CA HIS E 58 24.37 -25.86 -9.38
C HIS E 58 24.28 -24.75 -8.37
N VAL E 59 23.51 -23.74 -8.72
CA VAL E 59 23.19 -22.64 -7.83
C VAL E 59 21.68 -22.64 -7.66
N PHE E 60 21.24 -22.53 -6.43
CA PHE E 60 19.83 -22.47 -6.11
C PHE E 60 19.48 -21.08 -5.63
N VAL E 61 18.43 -20.49 -6.18
CA VAL E 61 17.92 -19.22 -5.67
C VAL E 61 16.44 -19.34 -5.41
N ASN E 62 15.93 -18.40 -4.64
CA ASN E 62 14.52 -18.07 -4.60
C ASN E 62 14.35 -16.68 -5.17
N CYS E 63 13.30 -16.49 -5.96
CA CYS E 63 12.98 -15.16 -6.43
C CYS E 63 12.11 -14.40 -5.47
N VAL E 64 11.67 -15.05 -4.40
CA VAL E 64 11.02 -14.35 -3.31
C VAL E 64 12.04 -13.49 -2.57
N GLU E 65 13.25 -14.00 -2.41
CA GLU E 65 14.28 -13.29 -1.65
C GLU E 65 14.79 -12.08 -2.41
N CYS E 66 15.12 -12.24 -3.67
CA CYS E 66 15.71 -11.17 -4.45
C CYS E 66 14.59 -10.29 -4.97
N PHE E 67 14.30 -9.23 -4.24
CA PHE E 67 13.26 -8.28 -4.62
C PHE E 67 13.74 -7.31 -5.70
N THR E 68 15.05 -7.15 -5.85
CA THR E 68 15.61 -6.31 -6.90
C THR E 68 16.46 -7.17 -7.81
N LEU E 69 16.78 -6.60 -8.97
CA LEU E 69 17.50 -7.32 -10.01
C LEU E 69 18.96 -7.51 -9.64
N ARG E 70 19.53 -6.53 -8.95
CA ARG E 70 20.95 -6.54 -8.66
C ARG E 70 21.30 -7.63 -7.67
N LEU E 71 20.46 -7.83 -6.66
CA LEU E 71 20.67 -8.90 -5.68
C LEU E 71 20.54 -10.28 -6.32
N LEU E 72 19.62 -10.39 -7.28
CA LEU E 72 19.42 -11.62 -8.03
C LEU E 72 20.63 -11.98 -8.86
N LEU E 73 21.30 -11.00 -9.46
CA LEU E 73 22.51 -11.35 -10.18
C LEU E 73 23.69 -11.56 -9.25
N GLU E 74 23.73 -10.82 -8.14
CA GLU E 74 24.85 -10.84 -7.22
C GLU E 74 24.97 -12.18 -6.54
N GLN E 75 23.84 -12.73 -6.09
CA GLN E 75 23.94 -13.99 -5.36
C GLN E 75 24.16 -15.17 -6.28
N ILE E 76 23.74 -15.06 -7.55
CA ILE E 76 23.99 -16.11 -8.52
C ILE E 76 25.47 -16.18 -8.84
N LEU E 77 26.07 -15.01 -9.10
CA LEU E 77 27.49 -14.99 -9.41
C LEU E 77 28.33 -15.31 -8.18
N ASN E 78 27.87 -14.88 -7.00
CA ASN E 78 28.66 -15.09 -5.81
C ASN E 78 28.60 -16.52 -5.34
N LYS E 79 27.45 -17.16 -5.48
CA LYS E 79 27.38 -18.57 -5.14
C LYS E 79 28.03 -19.43 -6.20
N LEU E 80 28.12 -18.94 -7.43
CA LEU E 80 28.65 -19.78 -8.48
C LEU E 80 30.16 -19.90 -8.41
N ASN E 81 30.86 -18.83 -8.07
CA ASN E 81 32.32 -18.86 -8.15
C ASN E 81 32.98 -19.64 -7.03
N HIS E 82 32.23 -19.99 -5.98
CA HIS E 82 32.79 -20.82 -4.93
C HIS E 82 32.94 -22.26 -5.40
N LEU E 83 32.03 -22.71 -6.25
CA LEU E 83 32.12 -24.04 -6.80
C LEU E 83 33.21 -24.12 -7.86
N SER E 91 36.25 -14.79 -2.55
CA SER E 91 36.58 -13.50 -3.14
C SER E 91 35.63 -12.42 -2.67
N THR E 92 35.71 -11.27 -3.31
CA THR E 92 34.83 -10.16 -3.00
C THR E 92 33.46 -10.37 -3.66
N GLU E 93 32.56 -9.44 -3.35
CA GLU E 93 31.28 -9.38 -4.05
C GLU E 93 31.53 -8.91 -5.48
N ILE E 94 31.35 -9.82 -6.43
CA ILE E 94 31.66 -9.52 -7.81
C ILE E 94 30.47 -8.77 -8.37
N THR E 95 30.56 -7.43 -8.38
CA THR E 95 29.39 -6.57 -8.53
C THR E 95 28.88 -6.55 -9.97
N CYS E 96 27.55 -6.53 -10.12
CA CYS E 96 26.92 -6.38 -11.43
C CYS E 96 25.69 -5.50 -11.28
N GLU E 97 25.77 -4.30 -11.82
CA GLU E 97 24.61 -3.43 -11.78
C GLU E 97 23.58 -3.84 -12.81
N THR E 98 24.02 -4.18 -14.01
CA THR E 98 23.14 -4.46 -15.13
C THR E 98 23.24 -5.91 -15.56
N PHE E 99 22.38 -6.25 -16.53
CA PHE E 99 22.32 -7.61 -17.04
C PHE E 99 23.53 -7.92 -17.90
N ASN E 100 24.01 -6.94 -18.66
CA ASN E 100 25.13 -7.19 -19.55
C ASN E 100 26.43 -7.38 -18.79
N ASP E 101 26.51 -6.78 -17.61
CA ASP E 101 27.59 -7.11 -16.69
C ASP E 101 27.54 -8.54 -16.22
N PHE E 102 26.33 -9.09 -16.04
CA PHE E 102 26.22 -10.48 -15.62
C PHE E 102 26.63 -11.42 -16.73
N VAL E 103 26.22 -11.13 -17.96
CA VAL E 103 26.62 -11.94 -19.09
C VAL E 103 28.12 -11.81 -19.35
N ARG E 104 28.69 -10.64 -19.05
CA ARG E 104 30.12 -10.43 -19.17
C ARG E 104 30.90 -11.25 -18.14
N LEU E 105 30.52 -11.14 -16.87
CA LEU E 105 31.29 -11.80 -15.82
C LEU E 105 31.01 -13.29 -15.74
N PHE E 106 29.90 -13.72 -16.34
CA PHE E 106 29.56 -15.13 -16.40
C PHE E 106 30.57 -15.92 -17.21
N LYS E 107 31.15 -15.31 -18.24
CA LYS E 107 32.12 -16.00 -19.06
C LYS E 107 33.40 -16.25 -18.32
N GLN E 108 33.82 -15.30 -17.49
CA GLN E 108 35.00 -15.52 -16.68
C GLN E 108 34.74 -16.48 -15.54
N VAL E 109 33.52 -16.46 -15.02
CA VAL E 109 33.20 -17.32 -13.89
C VAL E 109 33.14 -18.78 -14.33
N THR E 110 32.51 -19.04 -15.47
CA THR E 110 32.38 -20.42 -15.93
C THR E 110 33.53 -20.82 -16.85
N THR E 111 34.74 -20.70 -16.31
CA THR E 111 35.96 -21.14 -16.97
C THR E 111 36.87 -21.81 -15.95
N ALA E 112 36.28 -22.60 -15.07
CA ALA E 112 37.04 -23.33 -14.07
C ALA E 112 36.86 -24.83 -14.30
N GLU E 113 37.89 -25.59 -13.93
CA GLU E 113 37.98 -27.00 -14.26
C GLU E 113 37.00 -27.87 -13.50
N ASN E 114 36.41 -27.35 -12.42
CA ASN E 114 35.27 -28.03 -11.81
C ASN E 114 34.06 -28.03 -12.74
N LEU E 115 33.95 -26.99 -13.59
CA LEU E 115 32.71 -26.69 -14.29
C LEU E 115 32.98 -26.20 -15.70
N LYS E 116 34.12 -26.55 -16.29
CA LYS E 116 34.44 -26.08 -17.63
C LYS E 116 33.59 -26.78 -18.66
N ASP E 117 33.42 -28.08 -18.52
CA ASP E 117 32.58 -28.83 -19.42
C ASP E 117 31.25 -29.19 -18.80
N GLN E 118 31.11 -29.07 -17.49
CA GLN E 118 29.93 -29.53 -16.78
C GLN E 118 28.76 -28.58 -17.02
N THR E 119 27.59 -29.16 -17.27
CA THR E 119 26.38 -28.38 -17.51
C THR E 119 25.95 -27.73 -16.20
N VAL E 120 26.13 -26.42 -16.10
CA VAL E 120 25.80 -25.71 -14.88
C VAL E 120 24.30 -25.45 -14.83
N TYR E 121 23.70 -25.65 -13.67
CA TYR E 121 22.28 -25.46 -13.51
C TYR E 121 22.01 -24.24 -12.65
N ILE E 122 21.26 -23.31 -13.20
CA ILE E 122 20.83 -22.13 -12.45
C ILE E 122 19.38 -22.37 -12.13
N VAL E 123 19.14 -22.89 -10.93
CA VAL E 123 17.78 -23.25 -10.53
C VAL E 123 17.06 -22.01 -10.05
N LEU E 124 15.90 -21.76 -10.62
CA LEU E 124 15.11 -20.59 -10.26
C LEU E 124 13.78 -21.03 -9.70
N ASP E 125 13.58 -20.74 -8.42
CA ASP E 125 12.41 -21.18 -7.67
C ASP E 125 11.45 -20.01 -7.50
N LYS E 126 10.16 -20.33 -7.68
CA LYS E 126 9.03 -19.41 -7.58
C LYS E 126 9.20 -18.23 -8.54
N ALA E 127 9.16 -18.57 -9.82
CA ALA E 127 9.46 -17.60 -10.86
C ALA E 127 8.34 -16.59 -11.10
N GLU E 128 7.17 -16.79 -10.50
CA GLU E 128 6.07 -15.84 -10.62
C GLU E 128 6.37 -14.51 -9.96
N TYR E 129 7.29 -14.48 -9.00
CA TYR E 129 7.78 -13.20 -8.51
C TYR E 129 8.82 -12.60 -9.43
N LEU E 130 9.46 -13.41 -10.28
CA LEU E 130 10.34 -12.83 -11.29
C LEU E 130 9.53 -12.24 -12.44
N ARG E 131 8.26 -12.65 -12.57
CA ARG E 131 7.39 -12.21 -13.65
C ARG E 131 7.19 -10.71 -13.65
N ASP E 132 7.03 -10.12 -12.47
CA ASP E 132 6.95 -8.67 -12.38
C ASP E 132 8.23 -8.04 -11.88
N MET E 133 9.38 -8.66 -12.14
CA MET E 133 10.62 -7.96 -11.84
C MET E 133 10.94 -6.98 -12.95
N GLU E 134 11.15 -7.49 -14.16
CA GLU E 134 11.33 -6.67 -15.35
C GLU E 134 10.74 -7.41 -16.52
N ALA E 135 10.61 -6.70 -17.64
CA ALA E 135 10.34 -7.37 -18.90
C ALA E 135 11.62 -7.88 -19.55
N ASN E 136 12.76 -7.42 -19.07
CA ASN E 136 14.03 -7.80 -19.68
C ASN E 136 14.43 -9.20 -19.25
N LEU E 137 14.26 -9.52 -17.97
CA LEU E 137 15.06 -10.55 -17.35
C LEU E 137 14.61 -11.96 -17.68
N LEU E 138 13.32 -12.16 -17.87
CA LEU E 138 12.83 -13.49 -18.20
C LEU E 138 13.18 -13.95 -19.63
N PRO E 139 12.95 -13.19 -20.72
CA PRO E 139 13.46 -13.66 -22.01
C PRO E 139 14.95 -13.57 -22.14
N GLY E 140 15.59 -12.73 -21.34
CA GLY E 140 17.03 -12.76 -21.27
C GLY E 140 17.55 -13.99 -20.57
N PHE E 141 16.77 -14.55 -19.66
CA PHE E 141 17.20 -15.76 -18.99
C PHE E 141 16.86 -17.01 -19.75
N LEU E 142 15.87 -16.95 -20.64
CA LEU E 142 15.54 -18.18 -21.34
C LEU E 142 16.52 -18.54 -22.43
N ARG E 143 17.27 -17.57 -22.96
CA ARG E 143 18.17 -17.85 -24.07
C ARG E 143 19.62 -17.91 -23.63
N LEU E 144 19.87 -18.28 -22.39
CA LEU E 144 21.22 -18.17 -21.84
C LEU E 144 22.19 -19.21 -22.40
N GLN E 145 21.66 -20.28 -23.02
CA GLN E 145 22.49 -21.34 -23.56
C GLN E 145 23.30 -20.87 -24.77
N GLU E 146 22.79 -19.88 -25.50
CA GLU E 146 23.54 -19.34 -26.62
C GLU E 146 23.85 -17.87 -26.43
N LEU E 147 23.34 -17.24 -25.37
CA LEU E 147 23.74 -15.87 -25.11
C LEU E 147 25.17 -15.81 -24.62
N ALA E 148 25.51 -16.66 -23.66
CA ALA E 148 26.87 -16.71 -23.16
C ALA E 148 27.64 -17.94 -23.60
N ASP E 149 26.92 -19.00 -24.00
CA ASP E 149 27.46 -20.18 -24.69
C ASP E 149 28.45 -20.96 -23.83
N ARG E 150 28.08 -21.21 -22.59
CA ARG E 150 29.02 -21.82 -21.65
C ARG E 150 28.41 -23.03 -20.96
N ASN E 151 27.57 -23.78 -21.70
CA ASN E 151 26.93 -25.04 -21.27
C ASN E 151 26.08 -24.85 -20.00
N VAL E 152 25.04 -24.05 -20.13
CA VAL E 152 24.19 -23.76 -18.99
C VAL E 152 22.79 -24.26 -19.28
N THR E 153 22.03 -24.45 -18.22
CA THR E 153 20.64 -24.86 -18.34
C THR E 153 19.89 -24.20 -17.20
N VAL E 154 19.04 -23.25 -17.53
CA VAL E 154 18.31 -22.50 -16.51
C VAL E 154 17.06 -23.29 -16.17
N LEU E 155 17.00 -23.76 -14.95
CA LEU E 155 15.96 -24.69 -14.54
C LEU E 155 14.86 -23.89 -13.84
N PHE E 156 13.74 -23.76 -14.54
CA PHE E 156 12.59 -23.08 -13.97
C PHE E 156 11.70 -24.05 -13.23
N LEU E 157 11.09 -23.54 -12.18
CA LEU E 157 9.93 -24.20 -11.60
C LEU E 157 9.00 -23.12 -11.10
N SER E 158 7.71 -23.40 -11.15
CA SER E 158 6.75 -22.33 -10.88
C SER E 158 5.45 -22.89 -10.37
N GLU E 159 4.75 -22.02 -9.66
CA GLU E 159 3.36 -22.24 -9.28
C GLU E 159 2.44 -22.07 -10.47
N ILE E 160 2.78 -21.20 -11.39
CA ILE E 160 1.84 -20.68 -12.36
C ILE E 160 2.03 -21.36 -13.71
N VAL E 161 1.01 -21.25 -14.57
CA VAL E 161 1.05 -21.83 -15.90
C VAL E 161 1.98 -21.01 -16.78
N TRP E 162 2.60 -21.68 -17.77
CA TRP E 162 3.48 -21.02 -18.72
C TRP E 162 2.72 -20.04 -19.62
N GLU E 163 1.43 -20.28 -19.81
CA GLU E 163 0.68 -19.50 -20.78
C GLU E 163 0.48 -18.07 -20.36
N LYS E 164 0.40 -17.80 -19.07
CA LYS E 164 0.45 -16.42 -18.66
C LYS E 164 1.87 -15.92 -18.57
N PHE E 165 2.82 -16.83 -18.55
CA PHE E 165 4.18 -16.46 -18.24
C PHE E 165 4.95 -15.99 -19.46
N ARG E 166 4.41 -16.14 -20.64
CA ARG E 166 5.12 -15.76 -21.85
C ARG E 166 5.11 -14.23 -22.02
N PRO E 167 6.15 -13.65 -22.64
CA PRO E 167 6.28 -12.19 -22.64
C PRO E 167 5.39 -11.43 -23.61
N ASN E 168 4.54 -12.12 -24.38
CA ASN E 168 3.69 -11.57 -25.45
C ASN E 168 4.51 -10.80 -26.49
N THR E 169 5.63 -11.36 -26.82
CA THR E 169 6.44 -11.13 -28.00
C THR E 169 6.89 -12.47 -28.55
N GLY E 170 6.76 -13.51 -27.76
CA GLY E 170 7.34 -14.79 -28.05
C GLY E 170 8.66 -14.89 -27.32
N CYS E 171 9.06 -16.10 -26.97
CA CYS E 171 10.41 -16.33 -26.53
C CYS E 171 10.82 -17.72 -26.97
N PHE E 172 12.04 -18.09 -26.60
CA PHE E 172 12.49 -19.46 -26.66
C PHE E 172 11.58 -20.26 -25.75
N GLU E 173 10.72 -21.09 -26.33
CA GLU E 173 9.76 -21.79 -25.51
C GLU E 173 10.49 -22.93 -24.79
N PRO E 174 10.43 -22.97 -23.48
CA PRO E 174 11.18 -23.97 -22.74
C PRO E 174 10.48 -25.30 -22.82
N PHE E 175 11.20 -26.35 -22.44
CA PHE E 175 10.54 -27.63 -22.32
C PHE E 175 9.76 -27.64 -21.03
N VAL E 176 8.51 -28.05 -21.15
CA VAL E 176 7.54 -27.91 -20.09
C VAL E 176 7.18 -29.29 -19.55
N LEU E 177 7.39 -29.50 -18.26
CA LEU E 177 6.91 -30.68 -17.57
C LEU E 177 5.73 -30.32 -16.70
N TYR E 178 4.86 -31.29 -16.50
CA TYR E 178 3.84 -31.21 -15.47
C TYR E 178 4.20 -32.21 -14.39
N PHE E 179 4.55 -31.70 -13.24
CA PHE E 179 4.73 -32.56 -12.10
C PHE E 179 3.38 -32.97 -11.59
N PRO E 180 3.11 -34.27 -11.50
CA PRO E 180 1.76 -34.73 -11.18
C PRO E 180 1.43 -34.56 -9.71
N ASP E 181 0.14 -34.54 -9.45
CA ASP E 181 -0.37 -34.53 -8.09
C ASP E 181 -0.17 -35.90 -7.43
N TYR E 182 -0.35 -35.93 -6.12
CA TYR E 182 -0.12 -37.16 -5.40
C TYR E 182 -1.38 -38.01 -5.32
N SER E 183 -1.20 -39.31 -5.49
CA SER E 183 -2.34 -40.22 -5.50
C SER E 183 -2.84 -40.45 -4.09
N ILE E 184 -3.98 -41.13 -4.00
CA ILE E 184 -4.59 -41.39 -2.71
C ILE E 184 -3.81 -42.46 -1.96
N GLY E 185 -3.56 -43.60 -2.62
CA GLY E 185 -2.76 -44.66 -2.01
C GLY E 185 -1.32 -44.27 -1.85
N ASN E 186 -0.83 -43.43 -2.77
CA ASN E 186 0.45 -42.79 -2.54
C ASN E 186 0.40 -41.84 -1.36
N LEU E 187 -0.74 -41.18 -1.11
CA LEU E 187 -0.77 -40.37 0.10
C LEU E 187 -0.91 -41.20 1.36
N GLN E 188 -1.37 -42.45 1.26
CA GLN E 188 -1.23 -43.35 2.40
C GLN E 188 0.23 -43.69 2.62
N LYS E 189 0.94 -43.95 1.53
CA LYS E 189 2.31 -44.42 1.63
C LYS E 189 3.26 -43.32 2.06
N ILE E 190 3.21 -42.17 1.41
CA ILE E 190 4.27 -41.20 1.55
C ILE E 190 3.99 -40.19 2.65
N LEU E 191 2.79 -40.18 3.22
CA LEU E 191 2.58 -39.38 4.41
C LEU E 191 2.94 -40.26 5.61
N SER E 192 4.26 -40.41 5.77
CA SER E 192 4.94 -40.95 6.95
C SER E 192 4.50 -42.38 7.28
N HIS E 193 4.56 -43.25 6.28
CA HIS E 193 4.54 -44.66 6.67
C HIS E 193 5.90 -45.06 7.21
N ASP E 194 6.96 -44.37 6.78
CA ASP E 194 8.19 -44.42 7.54
C ASP E 194 8.11 -43.44 8.71
N HIS E 195 9.04 -43.60 9.65
CA HIS E 195 9.01 -43.10 11.02
C HIS E 195 7.67 -43.09 11.79
N PRO E 196 7.07 -44.25 12.08
CA PRO E 196 6.26 -44.31 13.31
C PRO E 196 7.12 -44.80 14.46
N PRO E 197 7.22 -44.02 15.55
CA PRO E 197 8.18 -44.36 16.61
C PRO E 197 7.82 -45.58 17.46
N GLU E 198 6.61 -45.60 18.04
CA GLU E 198 6.30 -46.55 19.09
C GLU E 198 5.25 -47.55 18.73
N TYR E 199 4.51 -47.34 17.67
CA TYR E 199 3.49 -48.29 17.29
C TYR E 199 4.01 -49.19 16.18
N SER E 200 3.18 -50.12 15.76
CA SER E 200 3.40 -50.75 14.47
C SER E 200 3.15 -49.73 13.38
N ALA E 201 3.85 -49.92 12.26
CA ALA E 201 3.60 -49.09 11.09
C ALA E 201 2.24 -49.38 10.50
N ASP E 202 1.74 -50.62 10.70
CA ASP E 202 0.36 -50.96 10.40
C ASP E 202 -0.61 -50.13 11.21
N PHE E 203 -0.31 -49.87 12.48
CA PHE E 203 -1.29 -49.17 13.30
C PHE E 203 -1.28 -47.67 13.05
N TYR E 204 -0.10 -47.08 12.87
CA TYR E 204 -0.03 -45.67 12.50
C TYR E 204 -0.59 -45.45 11.10
N ALA E 205 -0.35 -46.42 10.21
CA ALA E 205 -0.98 -46.44 8.91
C ALA E 205 -2.48 -46.64 9.00
N ALA E 206 -2.96 -47.37 10.00
CA ALA E 206 -4.39 -47.57 10.16
C ALA E 206 -5.06 -46.29 10.64
N TYR E 207 -4.40 -45.58 11.57
CA TYR E 207 -4.81 -44.26 12.00
C TYR E 207 -4.91 -43.31 10.82
N ILE E 208 -3.83 -43.21 10.07
CA ILE E 208 -3.75 -42.18 9.06
C ILE E 208 -4.53 -42.60 7.83
N ASN E 209 -4.78 -43.90 7.69
CA ASN E 209 -5.66 -44.41 6.67
C ASN E 209 -7.09 -44.06 6.98
N ILE E 210 -7.43 -44.06 8.25
CA ILE E 210 -8.76 -43.65 8.64
C ILE E 210 -8.91 -42.15 8.51
N LEU E 211 -7.90 -41.40 8.94
CA LEU E 211 -7.98 -39.94 8.99
C LEU E 211 -7.95 -39.36 7.59
N LEU E 212 -7.19 -40.00 6.70
CA LEU E 212 -6.89 -39.42 5.40
C LEU E 212 -8.09 -39.47 4.48
N GLY E 213 -8.78 -40.62 4.43
CA GLY E 213 -9.94 -40.76 3.57
C GLY E 213 -11.11 -39.91 4.01
N VAL E 214 -11.18 -39.60 5.30
CA VAL E 214 -12.02 -38.51 5.77
C VAL E 214 -11.50 -37.19 5.22
N PHE E 215 -10.21 -36.99 5.30
CA PHE E 215 -9.65 -35.66 5.14
C PHE E 215 -9.15 -35.37 3.74
N TYR E 216 -9.38 -36.27 2.79
CA TYR E 216 -8.89 -36.10 1.41
C TYR E 216 -9.86 -35.30 0.56
N THR E 217 -10.39 -34.23 1.10
CA THR E 217 -11.29 -33.38 0.34
C THR E 217 -11.10 -31.93 0.65
N VAL E 218 -10.27 -31.59 1.62
CA VAL E 218 -10.01 -30.21 1.97
C VAL E 218 -8.61 -29.80 1.54
N CYS E 219 -7.62 -30.64 1.80
CA CYS E 219 -6.26 -30.26 1.50
C CYS E 219 -5.45 -31.52 1.24
N ARG E 220 -4.75 -31.56 0.12
CA ARG E 220 -3.79 -32.63 -0.17
C ARG E 220 -2.37 -32.18 0.05
N ASP E 221 -2.16 -31.03 0.70
CA ASP E 221 -0.83 -30.53 1.01
C ASP E 221 -0.19 -31.43 2.06
N LEU E 222 0.99 -31.94 1.74
CA LEU E 222 1.64 -32.91 2.60
C LEU E 222 2.22 -32.28 3.86
N LYS E 223 2.57 -30.99 3.80
CA LYS E 223 3.21 -30.33 4.94
C LYS E 223 2.24 -30.13 6.08
N GLU E 224 1.09 -29.52 5.80
CA GLU E 224 0.11 -29.29 6.85
C GLU E 224 -0.58 -30.59 7.25
N LEU E 225 -0.67 -31.55 6.35
CA LEU E 225 -1.24 -32.82 6.74
C LEU E 225 -0.29 -33.61 7.60
N ARG E 226 1.02 -33.44 7.38
CA ARG E 226 2.02 -33.99 8.28
C ARG E 226 1.91 -33.33 9.64
N HIS E 227 1.65 -32.02 9.65
CA HIS E 227 1.45 -31.28 10.89
C HIS E 227 0.19 -31.73 11.63
N LEU E 228 -0.91 -31.91 10.91
CA LEU E 228 -2.15 -32.30 11.55
C LEU E 228 -2.14 -33.76 11.98
N ALA E 229 -1.45 -34.61 11.24
CA ALA E 229 -1.32 -36.00 11.62
C ALA E 229 -0.43 -36.17 12.83
N VAL E 230 0.67 -35.40 12.92
CA VAL E 230 1.50 -35.46 14.10
C VAL E 230 0.88 -34.73 15.28
N LEU E 231 -0.16 -33.92 15.05
CA LEU E 231 -0.93 -33.45 16.19
C LEU E 231 -1.93 -34.49 16.67
N ASN E 232 -2.79 -34.95 15.77
CA ASN E 232 -3.91 -35.75 16.20
C ASN E 232 -3.59 -37.23 16.31
N PHE E 233 -2.36 -37.62 16.02
CA PHE E 233 -2.01 -39.01 16.30
C PHE E 233 -1.63 -39.29 17.76
N PRO E 234 -0.87 -38.46 18.50
CA PRO E 234 -0.70 -38.76 19.94
C PRO E 234 -1.96 -38.61 20.76
N LYS E 235 -2.87 -37.71 20.35
CA LYS E 235 -4.20 -37.65 20.95
C LYS E 235 -5.01 -38.89 20.65
N TYR E 236 -4.82 -39.48 19.48
CA TYR E 236 -5.40 -40.78 19.21
C TYR E 236 -4.68 -41.87 19.97
N CYS E 237 -3.40 -41.67 20.25
CA CYS E 237 -2.56 -42.77 20.69
C CYS E 237 -2.67 -42.98 22.18
N GLU E 238 -3.02 -41.92 22.91
CA GLU E 238 -3.19 -41.99 24.35
C GLU E 238 -4.33 -42.90 24.84
N PRO E 239 -5.55 -42.95 24.25
CA PRO E 239 -6.53 -43.91 24.76
C PRO E 239 -6.25 -45.36 24.43
N VAL E 240 -5.39 -45.66 23.44
CA VAL E 240 -4.97 -47.05 23.27
C VAL E 240 -4.03 -47.45 24.39
N VAL E 241 -3.01 -46.63 24.66
CA VAL E 241 -2.01 -46.99 25.66
C VAL E 241 -2.51 -46.78 27.08
N LYS E 242 -3.63 -46.07 27.25
CA LYS E 242 -4.22 -45.87 28.55
C LYS E 242 -5.45 -46.73 28.78
N GLY E 243 -6.35 -46.80 27.81
CA GLY E 243 -7.53 -47.65 27.93
C GLY E 243 -7.20 -49.12 27.79
N GLU E 244 -6.24 -49.44 26.93
CA GLU E 244 -5.83 -50.83 26.74
C GLU E 244 -4.33 -51.00 26.95
N ASP E 249 -8.98 -53.52 17.84
CA ASP E 249 -9.74 -52.50 18.56
C ASP E 249 -9.57 -51.13 17.92
N THR E 250 -9.32 -51.15 16.61
CA THR E 250 -9.14 -49.93 15.86
C THR E 250 -10.46 -49.24 15.55
N ARG E 251 -11.56 -50.01 15.50
CA ARG E 251 -12.84 -49.46 15.06
C ARG E 251 -13.45 -48.55 16.11
N LYS E 252 -13.31 -48.92 17.39
CA LYS E 252 -13.88 -48.14 18.48
C LYS E 252 -13.19 -46.80 18.64
N LEU E 253 -11.87 -46.79 18.56
CA LEU E 253 -11.17 -45.53 18.67
C LEU E 253 -11.13 -44.77 17.35
N TRP E 254 -11.41 -45.43 16.23
CA TRP E 254 -11.78 -44.74 15.00
C TRP E 254 -13.04 -43.92 15.22
N ARG E 255 -14.06 -44.55 15.80
CA ARG E 255 -15.30 -43.87 16.11
C ARG E 255 -15.18 -42.89 17.26
N ASN E 256 -14.10 -42.96 18.03
CA ASN E 256 -13.81 -41.90 18.98
C ASN E 256 -12.98 -40.78 18.38
N ILE E 257 -12.12 -41.08 17.42
CA ILE E 257 -11.22 -40.05 16.94
C ILE E 257 -11.91 -39.15 15.93
N GLU E 258 -12.96 -39.63 15.25
CA GLU E 258 -13.61 -38.74 14.30
C GLU E 258 -14.47 -37.63 14.93
N PRO E 259 -15.13 -37.82 16.10
CA PRO E 259 -15.63 -36.65 16.84
C PRO E 259 -14.60 -35.60 17.23
N HIS E 260 -13.36 -35.96 17.50
CA HIS E 260 -12.34 -34.94 17.68
C HIS E 260 -11.88 -34.36 16.37
N LEU E 261 -11.94 -35.17 15.32
CA LEU E 261 -11.41 -34.77 14.03
C LEU E 261 -12.30 -33.75 13.34
N LYS E 262 -13.61 -33.82 13.56
CA LYS E 262 -14.51 -32.83 12.96
C LYS E 262 -14.29 -31.44 13.54
N LYS E 263 -14.12 -31.36 14.86
CA LYS E 263 -13.87 -30.08 15.48
C LYS E 263 -12.46 -29.57 15.21
N ALA E 264 -11.48 -30.49 15.08
CA ALA E 264 -10.13 -30.08 14.74
C ALA E 264 -10.04 -29.62 13.29
N MET E 265 -10.88 -30.19 12.42
CA MET E 265 -11.05 -29.70 11.06
C MET E 265 -11.61 -28.30 11.07
N GLN E 266 -12.67 -28.09 11.85
CA GLN E 266 -13.41 -26.83 11.84
C GLN E 266 -12.61 -25.69 12.45
N THR E 267 -11.79 -25.99 13.46
CA THR E 267 -11.14 -24.94 14.21
C THR E 267 -9.77 -24.54 13.67
N VAL E 268 -9.19 -25.31 12.76
CA VAL E 268 -7.98 -24.88 12.06
C VAL E 268 -8.18 -25.03 10.56
N SER E 295 -8.97 -15.48 16.69
CA SER E 295 -10.06 -14.58 16.41
C SER E 295 -10.91 -14.40 17.66
N ALA E 296 -10.29 -13.83 18.71
CA ALA E 296 -10.70 -13.91 20.11
C ALA E 296 -12.11 -13.43 20.40
N HIS E 297 -12.36 -12.13 20.24
CA HIS E 297 -13.72 -11.65 20.22
C HIS E 297 -13.78 -10.41 19.35
N THR E 298 -14.91 -10.25 18.65
CA THR E 298 -15.08 -9.18 17.70
C THR E 298 -15.32 -7.83 18.36
N HIS E 299 -15.67 -7.78 19.64
CA HIS E 299 -16.07 -6.53 20.25
C HIS E 299 -14.86 -5.67 20.56
N VAL E 300 -14.96 -4.40 20.20
CA VAL E 300 -13.93 -3.40 20.43
C VAL E 300 -14.62 -2.21 21.06
N GLU E 301 -14.10 -1.76 22.20
CA GLU E 301 -14.60 -0.53 22.79
C GLU E 301 -14.18 0.65 21.93
N LEU E 302 -15.07 1.61 21.82
CA LEU E 302 -14.84 2.77 20.99
C LEU E 302 -15.33 4.00 21.73
N PRO E 303 -14.83 5.18 21.37
CA PRO E 303 -15.50 6.39 21.83
C PRO E 303 -16.86 6.52 21.17
N TYR E 304 -17.76 7.16 21.91
CA TYR E 304 -19.20 7.00 21.73
C TYR E 304 -19.68 7.62 20.43
N TYR E 305 -19.08 8.74 20.05
CA TYR E 305 -19.45 9.35 18.78
C TYR E 305 -18.91 8.56 17.61
N SER E 306 -17.78 7.88 17.77
CA SER E 306 -17.27 7.04 16.70
C SER E 306 -18.15 5.83 16.47
N LYS E 307 -18.70 5.29 17.57
CA LYS E 307 -19.73 4.25 17.49
C LYS E 307 -20.91 4.72 16.68
N PHE E 308 -21.38 5.94 16.98
CA PHE E 308 -22.53 6.47 16.24
C PHE E 308 -22.18 6.81 14.81
N ILE E 309 -20.90 7.13 14.55
CA ILE E 309 -20.44 7.44 13.20
C ILE E 309 -20.50 6.21 12.32
N LEU E 310 -19.93 5.11 12.79
CA LEU E 310 -19.94 3.97 11.89
C LEU E 310 -21.27 3.24 11.91
N ILE E 311 -22.11 3.48 12.91
CA ILE E 311 -23.51 3.09 12.84
C ILE E 311 -24.20 3.82 11.69
N ALA E 312 -23.97 5.13 11.59
CA ALA E 312 -24.57 5.92 10.53
C ALA E 312 -23.98 5.57 9.17
N ALA E 313 -22.72 5.18 9.15
CA ALA E 313 -22.08 4.82 7.90
C ALA E 313 -22.57 3.50 7.38
N TYR E 314 -22.82 2.54 8.27
CA TYR E 314 -23.46 1.29 7.88
C TYR E 314 -24.86 1.55 7.37
N LEU E 315 -25.62 2.36 8.11
CA LEU E 315 -27.01 2.58 7.78
C LEU E 315 -27.20 3.41 6.52
N ALA E 316 -26.20 4.18 6.13
CA ALA E 316 -26.25 4.82 4.84
C ALA E 316 -25.44 4.07 3.79
N SER E 317 -24.83 2.94 4.15
CA SER E 317 -24.25 2.12 3.11
C SER E 317 -25.16 1.02 2.61
N TYR E 318 -26.04 0.49 3.46
CA TYR E 318 -26.58 -0.80 3.09
C TYR E 318 -28.02 -0.78 2.58
N ASN E 319 -28.78 0.29 2.81
CA ASN E 319 -30.01 0.36 2.02
C ASN E 319 -30.20 1.66 1.24
N PRO E 320 -29.16 2.24 0.64
CA PRO E 320 -29.29 3.66 0.36
C PRO E 320 -29.80 3.96 -1.04
N ALA E 321 -31.03 3.53 -1.35
CA ALA E 321 -31.65 3.93 -2.60
C ALA E 321 -32.66 5.02 -2.26
N ARG E 322 -32.13 6.24 -2.01
CA ARG E 322 -32.77 7.46 -1.52
C ARG E 322 -33.86 7.23 -0.48
N THR E 323 -33.60 6.33 0.48
CA THR E 323 -34.53 6.02 1.55
C THR E 323 -34.25 6.84 2.80
N ASP E 324 -33.63 8.01 2.61
CA ASP E 324 -33.54 9.05 3.62
C ASP E 324 -34.92 9.54 4.04
N LYS E 325 -35.87 9.57 3.10
CA LYS E 325 -37.16 10.20 3.30
C LYS E 325 -38.10 9.40 4.21
N ARG E 326 -37.91 8.08 4.31
CA ARG E 326 -38.94 7.25 4.91
C ARG E 326 -38.83 7.20 6.43
N PHE E 327 -37.66 6.84 6.95
CA PHE E 327 -37.53 6.72 8.39
C PHE E 327 -37.41 8.08 9.09
N PHE E 328 -36.97 9.09 8.36
CA PHE E 328 -36.68 10.40 8.95
C PHE E 328 -36.71 11.48 7.87
N ASN E 349 -29.88 -6.92 -4.36
CA ASN E 349 -29.95 -7.50 -3.03
C ASN E 349 -28.92 -6.91 -2.07
N HIS E 350 -28.89 -7.46 -0.86
CA HIS E 350 -27.89 -7.08 0.12
C HIS E 350 -26.52 -7.62 -0.27
N LEU E 351 -26.50 -8.76 -0.97
CA LEU E 351 -25.33 -9.61 -1.12
C LEU E 351 -24.23 -8.98 -1.97
N LEU E 352 -24.55 -7.93 -2.72
CA LEU E 352 -23.60 -7.38 -3.67
C LEU E 352 -22.52 -6.56 -3.00
N GLY E 353 -22.77 -6.09 -1.78
CA GLY E 353 -21.73 -5.42 -1.03
C GLY E 353 -22.11 -3.99 -0.71
N PRO E 354 -21.12 -3.19 -0.28
CA PRO E 354 -21.45 -1.83 0.16
C PRO E 354 -21.47 -0.81 -0.96
N LYS E 355 -22.48 0.03 -0.94
CA LYS E 355 -22.51 1.05 -1.97
C LYS E 355 -21.88 2.33 -1.42
N PRO E 356 -21.04 3.00 -2.22
CA PRO E 356 -20.41 4.23 -1.76
C PRO E 356 -21.38 5.40 -1.70
N PHE E 357 -21.08 6.34 -0.82
CA PHE E 357 -22.00 7.43 -0.53
C PHE E 357 -21.25 8.60 0.08
N PRO E 358 -21.63 9.85 -0.24
CA PRO E 358 -20.82 11.00 0.20
C PRO E 358 -21.03 11.33 1.66
N LEU E 359 -20.28 12.35 2.08
CA LEU E 359 -20.08 12.59 3.51
C LEU E 359 -21.25 13.33 4.13
N ASP E 360 -21.89 14.21 3.36
CA ASP E 360 -22.93 15.06 3.92
C ASP E 360 -24.20 14.28 4.17
N ARG E 361 -24.43 13.24 3.36
CA ARG E 361 -25.48 12.27 3.63
C ARG E 361 -25.23 11.54 4.94
N LEU E 362 -23.96 11.20 5.20
CA LEU E 362 -23.59 10.55 6.45
C LEU E 362 -23.78 11.48 7.63
N LEU E 363 -23.50 12.77 7.45
CA LEU E 363 -23.70 13.72 8.53
C LEU E 363 -25.16 13.94 8.82
N ALA E 364 -26.00 13.88 7.79
CA ALA E 364 -27.44 14.04 7.96
C ALA E 364 -28.04 12.86 8.71
N ILE E 365 -27.65 11.65 8.32
CA ILE E 365 -28.18 10.49 9.02
C ILE E 365 -27.55 10.34 10.41
N LEU E 366 -26.35 10.93 10.59
CA LEU E 366 -25.77 11.02 11.92
C LEU E 366 -26.61 11.90 12.83
N TYR E 367 -27.04 13.07 12.32
CA TYR E 367 -27.91 13.96 13.06
C TYR E 367 -29.26 13.34 13.35
N SER E 368 -29.75 12.50 12.45
CA SER E 368 -30.99 11.80 12.72
C SER E 368 -30.83 10.71 13.76
N ILE E 369 -29.65 10.10 13.85
CA ILE E 369 -29.48 9.03 14.83
C ILE E 369 -29.26 9.60 16.23
N VAL E 370 -28.33 10.55 16.33
CA VAL E 370 -27.85 11.02 17.63
C VAL E 370 -28.90 11.92 18.27
N ASP E 371 -28.84 12.01 19.60
CA ASP E 371 -29.46 13.13 20.30
C ASP E 371 -28.82 14.43 19.83
N SER E 372 -29.64 15.45 19.66
CA SER E 372 -29.32 16.59 18.80
C SER E 372 -28.38 17.62 19.42
N ARG E 373 -27.60 17.29 20.45
CA ARG E 373 -26.63 18.19 21.05
C ARG E 373 -25.27 18.15 20.35
N VAL E 374 -25.19 17.54 19.19
CA VAL E 374 -23.95 17.44 18.45
C VAL E 374 -23.62 18.79 17.82
N ALA E 375 -22.35 19.15 17.81
CA ALA E 375 -21.90 20.23 16.96
C ALA E 375 -20.80 19.74 16.04
N PRO E 376 -20.70 20.26 14.83
CA PRO E 376 -19.55 19.95 13.98
C PRO E 376 -18.28 20.60 14.48
N THR E 377 -17.69 20.02 15.51
CA THR E 377 -16.44 20.47 16.05
C THR E 377 -15.30 19.97 15.18
N ALA E 378 -14.08 20.31 15.59
CA ALA E 378 -12.92 19.78 14.91
C ALA E 378 -12.73 18.31 15.22
N ASN E 379 -13.13 17.89 16.41
CA ASN E 379 -12.86 16.53 16.84
C ASN E 379 -13.76 15.52 16.17
N ILE E 380 -14.97 15.92 15.78
CA ILE E 380 -15.84 14.97 15.13
C ILE E 380 -15.38 14.72 13.69
N PHE E 381 -14.82 15.74 13.03
CA PHE E 381 -14.24 15.55 11.72
C PHE E 381 -12.89 14.82 11.79
N SER E 382 -12.11 15.09 12.84
CA SER E 382 -10.83 14.43 12.98
C SER E 382 -11.01 12.97 13.35
N GLN E 383 -12.05 12.68 14.12
CA GLN E 383 -12.47 11.32 14.40
C GLN E 383 -12.95 10.62 13.16
N ILE E 384 -13.68 11.32 12.29
CA ILE E 384 -14.15 10.66 11.09
C ILE E 384 -13.05 10.49 10.07
N THR E 385 -11.97 11.25 10.18
CA THR E 385 -10.78 10.93 9.40
C THR E 385 -10.06 9.73 9.99
N SER E 386 -9.93 9.70 11.31
CA SER E 386 -9.16 8.69 12.01
C SER E 386 -9.83 7.32 12.03
N LEU E 387 -11.11 7.25 11.70
CA LEU E 387 -11.73 5.94 11.54
C LEU E 387 -11.25 5.21 10.29
N VAL E 388 -10.81 5.94 9.28
CA VAL E 388 -10.45 5.31 8.02
C VAL E 388 -9.06 4.69 8.10
N THR E 389 -8.17 5.28 8.90
CA THR E 389 -6.84 4.72 9.14
C THR E 389 -6.93 3.39 9.88
N LEU E 390 -7.95 3.21 10.71
CA LEU E 390 -8.18 1.91 11.31
C LEU E 390 -8.96 0.97 10.43
N GLN E 391 -9.29 1.39 9.20
CA GLN E 391 -9.86 0.57 8.13
C GLN E 391 -11.19 -0.02 8.53
N LEU E 392 -11.98 0.78 9.22
CA LEU E 392 -13.37 0.46 9.41
C LEU E 392 -14.24 1.17 8.40
N LEU E 393 -13.74 2.27 7.84
CA LEU E 393 -14.33 2.97 6.72
C LEU E 393 -13.26 3.18 5.66
N THR E 394 -13.69 3.31 4.41
CA THR E 394 -12.79 3.44 3.27
C THR E 394 -13.25 4.55 2.34
N LEU E 395 -12.31 5.37 1.91
CA LEU E 395 -12.55 6.33 0.85
C LEU E 395 -12.33 5.63 -0.47
N VAL E 396 -13.30 5.75 -1.36
CA VAL E 396 -13.25 5.02 -2.62
C VAL E 396 -13.00 5.92 -3.81
N GLY E 397 -13.40 7.19 -3.75
CA GLY E 397 -12.77 8.17 -4.59
C GLY E 397 -11.39 8.29 -4.03
N HIS E 398 -10.39 7.81 -4.78
CA HIS E 398 -9.05 7.71 -4.23
C HIS E 398 -8.38 9.06 -4.16
N ASP E 399 -8.53 9.86 -5.20
CA ASP E 399 -8.18 11.27 -5.13
C ASP E 399 -9.29 12.00 -5.87
N ASP E 400 -10.34 12.33 -5.13
CA ASP E 400 -11.44 13.07 -5.72
C ASP E 400 -11.64 14.43 -5.10
N GLN E 401 -11.32 14.62 -3.81
CA GLN E 401 -10.54 15.72 -3.23
C GLN E 401 -10.49 15.64 -1.71
N LEU E 402 -9.92 16.69 -1.12
CA LEU E 402 -10.07 16.94 0.30
C LEU E 402 -11.53 17.16 0.71
N ASP E 403 -12.40 17.65 -0.18
CA ASP E 403 -13.79 17.77 0.17
C ASP E 403 -14.42 16.40 0.05
N GLY E 404 -15.55 16.23 0.74
CA GLY E 404 -16.07 14.97 1.20
C GLY E 404 -16.41 13.97 0.12
N PRO E 405 -15.58 12.94 0.00
CA PRO E 405 -15.79 11.96 -1.05
C PRO E 405 -16.80 10.91 -0.63
N LYS E 406 -16.97 9.91 -1.46
CA LYS E 406 -17.74 8.77 -1.08
C LYS E 406 -16.94 7.93 -0.08
N TYR E 407 -17.54 7.62 1.04
CA TYR E 407 -16.93 6.80 2.07
C TYR E 407 -17.77 5.56 2.22
N LYS E 408 -17.30 4.43 1.72
CA LYS E 408 -18.12 3.24 1.82
C LYS E 408 -17.71 2.42 3.04
N CYS E 409 -18.68 1.69 3.59
CA CYS E 409 -18.50 0.99 4.85
C CYS E 409 -17.86 -0.36 4.62
N THR E 410 -16.97 -0.76 5.51
CA THR E 410 -16.23 -2.00 5.30
C THR E 410 -16.09 -2.78 6.59
N VAL E 411 -17.17 -2.94 7.34
CA VAL E 411 -17.17 -3.84 8.48
C VAL E 411 -18.38 -4.75 8.38
N SER E 412 -18.29 -5.90 9.05
CA SER E 412 -19.33 -6.90 8.95
C SER E 412 -20.51 -6.56 9.84
N LEU E 413 -21.64 -7.21 9.54
CA LEU E 413 -22.92 -6.82 10.11
C LEU E 413 -23.06 -7.23 11.57
N ASP E 414 -22.44 -8.34 11.96
CA ASP E 414 -22.54 -8.80 13.34
C ASP E 414 -21.77 -7.90 14.27
N PHE E 415 -20.61 -7.44 13.81
CA PHE E 415 -19.80 -6.47 14.53
C PHE E 415 -20.56 -5.17 14.69
N ILE E 416 -21.28 -4.79 13.64
CA ILE E 416 -22.13 -3.61 13.64
C ILE E 416 -23.30 -3.80 14.60
N ARG E 417 -23.81 -5.02 14.69
CA ARG E 417 -24.92 -5.34 15.57
C ARG E 417 -24.51 -5.26 17.03
N ALA E 418 -23.29 -5.68 17.33
CA ALA E 418 -22.77 -5.60 18.69
C ALA E 418 -22.47 -4.15 19.09
N ILE E 419 -21.95 -3.35 18.15
CA ILE E 419 -21.70 -1.94 18.43
C ILE E 419 -23.01 -1.18 18.58
N ALA E 420 -24.04 -1.58 17.84
CA ALA E 420 -25.34 -0.95 18.00
C ALA E 420 -26.01 -1.37 19.29
N ARG E 421 -25.81 -2.61 19.70
CA ARG E 421 -26.49 -3.06 20.90
C ARG E 421 -25.80 -2.59 22.15
N THR E 422 -24.51 -2.28 22.09
CA THR E 422 -23.86 -1.80 23.31
C THR E 422 -24.16 -0.34 23.61
N VAL E 423 -24.77 0.40 22.69
CA VAL E 423 -25.50 1.62 23.05
C VAL E 423 -26.91 1.45 22.49
N ASN E 424 -27.79 0.79 23.27
CA ASN E 424 -29.28 0.82 23.28
C ASN E 424 -29.99 0.92 21.91
N PHE E 425 -29.55 0.11 20.94
CA PHE E 425 -30.08 0.31 19.60
C PHE E 425 -30.25 -1.02 18.88
N ASP E 426 -31.50 -1.31 18.50
CA ASP E 426 -31.87 -2.47 17.69
C ASP E 426 -32.21 -1.96 16.29
N ILE E 427 -31.48 -2.44 15.28
CA ILE E 427 -31.53 -1.77 13.99
C ILE E 427 -31.75 -2.68 12.80
N ILE E 428 -32.11 -3.95 12.99
CA ILE E 428 -32.02 -4.86 11.84
C ILE E 428 -33.23 -4.71 10.93
N LYS E 429 -34.39 -4.36 11.48
CA LYS E 429 -35.49 -3.96 10.64
C LYS E 429 -35.29 -2.54 10.15
N TYR E 430 -34.51 -1.77 10.89
CA TYR E 430 -34.11 -0.44 10.50
C TYR E 430 -33.01 -0.47 9.44
N LEU E 431 -32.33 -1.61 9.23
CA LEU E 431 -31.19 -1.56 8.32
C LEU E 431 -31.52 -1.94 6.89
N TYR E 432 -32.32 -2.99 6.62
CA TYR E 432 -32.58 -3.30 5.22
C TYR E 432 -33.98 -3.80 4.92
N ASP E 433 -34.88 -3.84 5.89
CA ASP E 433 -36.14 -4.52 5.68
C ASP E 433 -37.32 -3.60 5.44
PG ATP F . 15.50 -15.34 -32.82
O1G ATP F . 15.77 -13.88 -32.98
O2G ATP F . 14.05 -15.70 -32.63
O3G ATP F . 16.47 -16.08 -31.93
PB ATP F . 15.19 -17.31 -34.64
O1B ATP F . 13.88 -16.99 -35.30
O2B ATP F . 15.19 -18.22 -33.44
O3B ATP F . 15.86 -15.91 -34.25
PA ATP F . 17.58 -18.50 -35.15
O1A ATP F . 18.00 -17.85 -33.84
O2A ATP F . 18.53 -18.59 -36.31
O3A ATP F . 16.25 -17.83 -35.71
O5' ATP F . 17.06 -19.97 -34.82
C5' ATP F . 16.28 -20.63 -35.81
C4' ATP F . 16.10 -22.07 -35.40
O4' ATP F . 15.43 -22.77 -36.44
C3' ATP F . 17.45 -22.72 -35.28
O3' ATP F . 17.26 -23.91 -34.53
C2' ATP F . 17.72 -23.14 -36.69
O2' ATP F . 18.58 -24.27 -36.71
C1' ATP F . 16.36 -23.59 -37.16
N9 ATP F . 16.16 -23.31 -38.59
C8 ATP F . 15.13 -22.59 -39.02
N7 ATP F . 15.15 -22.48 -40.37
C5 ATP F . 16.22 -23.16 -40.80
C6 ATP F . 16.81 -23.45 -42.12
N6 ATP F . 16.24 -22.96 -43.25
N1 ATP F . 17.92 -24.19 -42.17
C2 ATP F . 18.48 -24.67 -41.06
N3 ATP F . 18.00 -24.45 -39.82
C4 ATP F . 16.88 -23.71 -39.62
PG ATP G . 6.00 -24.08 -4.05
O1G ATP G . 4.95 -23.46 -3.17
O2G ATP G . 5.45 -24.77 -5.27
O3G ATP G . 7.20 -23.22 -4.30
PB ATP G . 7.44 -26.40 -3.75
O1B ATP G . 8.68 -25.75 -4.29
O2B ATP G . 6.63 -27.31 -4.62
O3B ATP G . 6.55 -25.25 -3.13
PA ATP G . 7.64 -28.70 -2.21
O1A ATP G . 6.23 -29.14 -2.47
O2A ATP G . 8.85 -29.34 -2.83
O3A ATP G . 7.78 -27.11 -2.36
O5' ATP G . 7.81 -28.84 -0.65
C5' ATP G . 8.97 -29.50 -0.18
C4' ATP G . 8.47 -30.17 1.07
O4' ATP G . 7.35 -30.98 0.74
C3' ATP G . 9.52 -31.07 1.64
O3' ATP G . 10.16 -30.44 2.74
C2' ATP G . 8.75 -32.25 2.15
O2' ATP G . 8.45 -32.03 3.52
C1' ATP G . 7.44 -32.24 1.39
N9 ATP G . 7.40 -33.27 0.33
C8 ATP G . 6.95 -32.99 -0.91
N7 ATP G . 6.98 -34.10 -1.70
C5 ATP G . 7.43 -35.11 -0.95
C6 ATP G . 7.73 -36.54 -1.18
N6 ATP G . 7.51 -37.11 -2.40
N1 ATP G . 8.22 -37.27 -0.16
C2 ATP G . 8.44 -36.72 1.05
N3 ATP G . 8.20 -35.44 1.30
C4 ATP G . 7.73 -34.57 0.38
#